data_5HPW
#
_entry.id   5HPW
#
_cell.length_a   80.221
_cell.length_b   82.588
_cell.length_c   95.083
_cell.angle_alpha   80.91
_cell.angle_beta   73.71
_cell.angle_gamma   89.96
#
_symmetry.space_group_name_H-M   'P 1'
#
loop_
_entity.id
_entity.type
_entity.pdbx_description
1 polymer Lactoperoxidase
2 branched 2-acetamido-2-deoxy-beta-D-glucopyranose-(1-4)-2-acetamido-2-deoxy-beta-D-glucopyranose
3 branched 2-acetamido-2-deoxy-beta-D-glucopyranose-(1-3)-2-acetamido-2-deoxy-beta-D-glucopyranose
4 non-polymer 2-acetamido-2-deoxy-beta-D-glucopyranose
5 non-polymer 'CALCIUM ION'
6 non-polymer 'NITRATE ION'
7 non-polymer 6-propyl-2-thioxo-2,3-dihydropyrimidin-4(1H)-one
8 non-polymer 'PROTOPORPHYRIN IX CONTAINING FE'
9 water water
#
_entity_poly.entity_id   1
_entity_poly.type   'polypeptide(L)'
_entity_poly.pdbx_seq_one_letter_code
;SWEVGCGAPVPLVTCDEQSPYRTITGDCNNRRSPALGAANRALARWLPAEYEDGLAVPFGWTQRKTRNGFRVPLAREVSN
KIVGYLDEEGVLDQNRSLLFMQWGQIVDHDLDFAPETELGSSEHSKVQCEEYCVQGDECFPIMFPKNDPKLKTQGKCMPF
FRAGFVCPTPPYQSLARDQINAVTSFLDASLVYGSEPSLASRLRNLSSPLGLMAVNQEAWDHGLAYPPFNNVKPSPCEFI
NTTAHVPCFQAGDSRASEQILLATVHTLLLREHNRLARELKRLNPHWDGEMLYQEARKILGAFIQIITFRDYLPIVLGSE
MQKWIPPYQGYNNSVDPRISNVFTFAFRFGHMEVPSTVSRLDENYQPWGPEAELPLHTLFFNTWRIIKDGGIDPLVRGLL
AKNSKLMNQNKMVTSELRNKLFQPTHKVHGFDLAAINLQRCRDHGMPGYNSWRGFCGLSQPKTLKGLQAVLKNKVLAKKL
LDLYKTPDNIDIWIGGNAEPMVERGRVGPLLACLLGRQFQQIRDGDRFWWENPGVFTEKQRDSLQKVSFSRLICDNTHIT
KVPLHAFQANNYPHDFVDCSAVDKLDLSPWASREN
;
_entity_poly.pdbx_strand_id   A,B,C,D
#
loop_
_chem_comp.id
_chem_comp.type
_chem_comp.name
_chem_comp.formula
3CJ non-polymer 6-propyl-2-thioxo-2,3-dihydropyrimidin-4(1H)-one 'C7 H10 N2 O S'
CA non-polymer 'CALCIUM ION' 'Ca 2'
HEM non-polymer 'PROTOPORPHYRIN IX CONTAINING FE' 'C34 H32 Fe N4 O4'
NAG D-saccharide, beta linking 2-acetamido-2-deoxy-beta-D-glucopyranose 'C8 H15 N O6'
NO3 non-polymer 'NITRATE ION' 'N O3 -1'
#
# COMPACT_ATOMS: atom_id res chain seq x y z
N SER A 1 6.09 -42.72 -17.33
CA SER A 1 5.49 -42.30 -18.63
C SER A 1 3.97 -42.45 -18.60
N TRP A 2 3.27 -41.32 -18.65
CA TRP A 2 1.80 -41.32 -18.65
C TRP A 2 1.23 -40.34 -19.68
N GLU A 3 0.33 -40.83 -20.51
CA GLU A 3 -0.32 -40.05 -21.57
C GLU A 3 0.62 -39.72 -22.73
N VAL A 4 0.20 -38.76 -23.54
CA VAL A 4 0.97 -38.34 -24.70
C VAL A 4 1.25 -36.83 -24.59
N GLY A 5 0.75 -36.21 -23.52
CA GLY A 5 0.96 -34.78 -23.34
C GLY A 5 -0.12 -34.03 -22.58
N CYS A 6 0.04 -32.71 -22.49
CA CYS A 6 -0.91 -31.84 -21.79
C CYS A 6 -1.23 -30.60 -22.62
N GLY A 7 -2.41 -30.01 -22.36
CA GLY A 7 -2.87 -28.86 -23.14
C GLY A 7 -2.18 -27.52 -22.92
N ALA A 8 -2.53 -26.56 -23.79
CA ALA A 8 -2.05 -25.17 -23.76
C ALA A 8 -0.87 -24.78 -24.68
N PRO A 9 -0.45 -25.69 -25.55
CA PRO A 9 0.51 -25.36 -26.60
C PRO A 9 -0.13 -25.30 -28.00
N VAL A 10 0.26 -24.36 -28.84
CA VAL A 10 -0.58 -24.15 -30.01
C VAL A 10 -0.74 -25.47 -30.74
N PRO A 11 -2.22 -25.77 -30.96
CA PRO A 11 -2.49 -27.10 -31.53
C PRO A 11 -1.79 -27.43 -32.87
N LEU A 12 -1.90 -26.55 -33.87
CA LEU A 12 -1.44 -26.87 -35.23
C LEU A 12 -0.61 -25.74 -35.85
N VAL A 13 0.53 -26.10 -36.45
CA VAL A 13 1.38 -25.15 -37.19
C VAL A 13 1.78 -25.83 -38.51
N THR A 14 2.57 -25.17 -39.36
CA THR A 14 3.09 -25.83 -40.57
C THR A 14 4.61 -25.80 -40.67
N CYS A 15 5.11 -26.66 -41.56
CA CYS A 15 6.51 -26.83 -41.84
C CYS A 15 6.72 -26.85 -43.37
N ASP A 16 7.30 -25.79 -43.91
CA ASP A 16 7.54 -25.69 -45.34
C ASP A 16 8.65 -26.66 -45.78
N GLU A 17 9.57 -26.95 -44.85
CA GLU A 17 10.63 -27.93 -45.06
C GLU A 17 11.59 -27.60 -46.18
N GLN A 18 11.03 -27.20 -47.31
CA GLN A 18 11.82 -26.69 -48.41
C GLN A 18 12.41 -25.34 -48.00
N SER A 19 11.75 -24.70 -47.03
CA SER A 19 12.28 -23.47 -46.46
C SER A 19 13.62 -23.78 -45.81
N PRO A 20 14.68 -23.08 -46.24
CA PRO A 20 15.96 -23.17 -45.57
C PRO A 20 16.02 -22.05 -44.54
N TYR A 21 15.01 -22.05 -43.71
CA TYR A 21 14.97 -21.10 -42.60
C TYR A 21 14.28 -21.66 -41.35
N ARG A 22 14.70 -21.18 -40.19
CA ARG A 22 14.11 -21.65 -38.97
C ARG A 22 12.82 -20.92 -38.77
N THR A 23 11.83 -21.61 -38.24
CA THR A 23 10.58 -20.96 -37.91
C THR A 23 10.98 -19.98 -36.81
N ILE A 24 10.04 -19.26 -36.24
CA ILE A 24 10.36 -18.35 -35.15
C ILE A 24 10.16 -19.11 -33.85
N THR A 25 9.07 -19.87 -33.85
CA THR A 25 8.66 -20.69 -32.71
C THR A 25 9.55 -21.91 -32.47
N GLY A 26 10.37 -22.27 -33.45
CA GLY A 26 11.22 -23.43 -33.28
C GLY A 26 10.53 -24.72 -33.70
N ASP A 27 9.30 -24.59 -34.20
CA ASP A 27 8.58 -25.75 -34.70
C ASP A 27 9.31 -26.16 -35.98
N CYS A 28 9.07 -27.38 -36.45
CA CYS A 28 9.51 -27.79 -37.77
C CYS A 28 11.01 -27.91 -37.91
N ASN A 29 11.73 -27.86 -36.78
CA ASN A 29 13.17 -28.20 -36.75
C ASN A 29 13.30 -29.69 -36.99
N ASN A 30 12.29 -30.41 -36.54
CA ASN A 30 12.36 -31.85 -36.44
C ASN A 30 11.13 -32.51 -37.01
N ARG A 31 11.37 -33.13 -38.16
CA ARG A 31 10.28 -33.75 -38.88
C ARG A 31 9.63 -34.91 -38.13
N ARG A 32 10.42 -35.67 -37.40
CA ARG A 32 9.88 -36.79 -36.65
C ARG A 32 8.86 -36.35 -35.61
N SER A 33 9.22 -35.36 -34.82
CA SER A 33 8.39 -34.81 -33.74
C SER A 33 8.58 -33.30 -33.83
N PRO A 34 7.69 -32.62 -34.55
CA PRO A 34 7.73 -31.17 -34.77
C PRO A 34 8.04 -30.27 -33.58
N ALA A 35 7.13 -30.23 -32.61
CA ALA A 35 7.27 -29.40 -31.43
C ALA A 35 8.57 -29.52 -30.61
N LEU A 36 9.38 -30.55 -30.85
CA LEU A 36 10.62 -30.68 -30.11
C LEU A 36 11.45 -29.40 -30.24
N GLY A 37 11.97 -28.91 -29.11
CA GLY A 37 12.78 -27.70 -29.11
C GLY A 37 12.02 -26.39 -29.25
N ALA A 38 10.75 -26.48 -29.64
CA ALA A 38 9.90 -25.32 -29.84
C ALA A 38 9.51 -24.53 -28.59
N ALA A 39 9.31 -23.22 -28.77
CA ALA A 39 8.95 -22.31 -27.68
C ALA A 39 7.57 -22.51 -27.06
N ASN A 40 7.42 -21.97 -25.85
CA ASN A 40 6.20 -22.04 -25.05
C ASN A 40 5.69 -23.46 -24.77
N ARG A 41 6.63 -24.39 -24.65
CA ARG A 41 6.27 -25.76 -24.35
C ARG A 41 7.04 -26.14 -23.11
N ALA A 42 6.70 -27.30 -22.55
CA ALA A 42 7.32 -27.79 -21.34
C ALA A 42 8.82 -28.00 -21.46
N LEU A 43 9.51 -27.68 -20.38
CA LEU A 43 10.95 -27.91 -20.30
C LEU A 43 11.03 -29.43 -20.22
N ALA A 44 12.17 -30.01 -20.55
CA ALA A 44 12.31 -31.47 -20.48
C ALA A 44 12.68 -31.93 -19.05
N ARG A 45 12.18 -33.09 -18.63
CA ARG A 45 12.45 -33.67 -17.30
C ARG A 45 13.43 -34.81 -17.46
N TRP A 46 14.71 -34.60 -17.14
CA TRP A 46 15.67 -35.68 -17.26
C TRP A 46 15.46 -36.69 -16.13
N LEU A 47 14.93 -36.21 -15.02
CA LEU A 47 14.61 -37.03 -13.86
C LEU A 47 13.23 -36.63 -13.34
N PRO A 48 12.51 -37.55 -12.69
CA PRO A 48 11.18 -37.19 -12.21
C PRO A 48 11.12 -36.04 -11.21
N ALA A 49 10.11 -35.19 -11.40
CA ALA A 49 9.85 -34.05 -10.53
C ALA A 49 9.75 -34.55 -9.11
N GLU A 50 9.91 -33.65 -8.14
CA GLU A 50 9.81 -34.02 -6.73
C GLU A 50 9.06 -32.91 -5.99
N TYR A 51 7.94 -33.30 -5.38
CA TYR A 51 7.04 -32.38 -4.68
C TYR A 51 6.46 -33.05 -3.40
N GLU A 52 6.05 -32.22 -2.45
CA GLU A 52 5.47 -32.72 -1.19
C GLU A 52 4.23 -33.57 -1.44
N ASP A 53 3.54 -33.31 -2.55
CA ASP A 53 2.34 -34.04 -2.90
C ASP A 53 2.64 -34.80 -4.19
N GLY A 54 3.92 -34.84 -4.52
CA GLY A 54 4.37 -35.53 -5.72
C GLY A 54 3.76 -35.00 -7.01
N LEU A 55 2.98 -33.94 -6.93
CA LEU A 55 2.33 -33.40 -8.12
C LEU A 55 2.64 -31.95 -8.43
N ALA A 56 2.02 -31.04 -7.70
CA ALA A 56 2.22 -29.63 -7.94
C ALA A 56 2.74 -28.86 -6.71
N VAL A 57 3.01 -29.55 -5.60
CA VAL A 57 3.46 -28.82 -4.41
C VAL A 57 4.97 -28.75 -4.12
N PRO A 58 5.53 -27.53 -3.99
CA PRO A 58 6.97 -27.39 -3.74
C PRO A 58 7.34 -27.80 -2.31
N PHE A 59 8.60 -28.20 -2.12
CA PHE A 59 9.03 -28.61 -0.79
C PHE A 59 9.26 -27.41 0.15
N GLY A 60 8.69 -27.48 1.35
CA GLY A 60 8.84 -26.38 2.29
C GLY A 60 7.54 -25.61 2.36
N TRP A 61 6.71 -25.77 1.36
CA TRP A 61 5.51 -25.00 1.30
C TRP A 61 4.64 -25.23 2.52
N THR A 62 4.60 -26.48 2.98
CA THR A 62 3.71 -26.94 4.05
C THR A 62 3.89 -26.43 5.50
N GLN A 63 5.12 -26.39 5.99
CA GLN A 63 5.40 -26.01 7.38
C GLN A 63 5.28 -27.18 8.39
N ARG A 64 5.05 -28.36 7.86
CA ARG A 64 4.98 -29.59 8.62
C ARG A 64 5.61 -30.67 7.81
N LYS A 65 5.20 -30.83 6.56
CA LYS A 65 5.77 -31.88 5.77
C LYS A 65 7.22 -31.62 5.65
N THR A 66 8.02 -32.60 6.00
CA THR A 66 9.47 -32.43 5.93
C THR A 66 9.88 -33.26 4.74
N ARG A 67 11.08 -33.01 4.21
CA ARG A 67 11.55 -33.77 3.07
C ARG A 67 12.62 -34.76 3.53
N ASN A 68 12.35 -36.05 3.34
CA ASN A 68 13.25 -37.11 3.72
C ASN A 68 13.49 -37.17 5.21
N GLY A 69 12.50 -36.69 5.97
CA GLY A 69 12.62 -36.73 7.41
C GLY A 69 13.11 -35.44 8.03
N PHE A 70 13.29 -34.41 7.23
CA PHE A 70 13.75 -33.14 7.80
C PHE A 70 13.04 -32.00 7.12
N ARG A 71 13.02 -30.85 7.77
CA ARG A 71 12.41 -29.71 7.14
C ARG A 71 13.50 -29.09 6.30
N VAL A 72 13.07 -28.45 5.23
CA VAL A 72 14.01 -27.83 4.34
C VAL A 72 14.34 -26.44 4.89
N PRO A 73 15.62 -26.05 4.81
CA PRO A 73 15.99 -24.74 5.33
C PRO A 73 15.47 -23.65 4.39
N LEU A 74 15.10 -22.52 4.97
CA LEU A 74 14.61 -21.38 4.21
C LEU A 74 15.66 -20.99 3.21
N ALA A 75 15.25 -20.52 2.05
CA ALA A 75 16.19 -20.12 1.02
C ALA A 75 17.05 -18.97 1.50
N ARG A 76 16.40 -17.97 2.07
CA ARG A 76 17.12 -16.79 2.57
C ARG A 76 18.21 -17.09 3.60
N GLU A 77 18.09 -18.20 4.34
CA GLU A 77 19.09 -18.52 5.36
C GLU A 77 20.37 -19.18 4.82
N VAL A 78 20.22 -20.07 3.83
CA VAL A 78 21.42 -20.70 3.25
C VAL A 78 22.14 -19.62 2.47
N SER A 79 21.37 -18.71 1.89
CA SER A 79 21.92 -17.58 1.13
C SER A 79 22.81 -16.78 2.09
N ASN A 80 22.22 -16.36 3.22
CA ASN A 80 22.97 -15.59 4.22
C ASN A 80 24.15 -16.33 4.82
N LYS A 81 23.87 -17.53 5.33
CA LYS A 81 24.87 -18.36 6.02
C LYS A 81 25.99 -19.00 5.20
N ILE A 82 25.75 -19.25 3.92
CA ILE A 82 26.76 -19.87 3.06
C ILE A 82 27.12 -19.07 1.81
N VAL A 83 26.14 -18.39 1.25
CA VAL A 83 26.34 -17.62 0.02
C VAL A 83 26.83 -16.18 0.14
N GLY A 84 26.41 -15.47 1.19
CA GLY A 84 26.83 -14.09 1.36
C GLY A 84 28.29 -13.81 1.69
N TYR A 85 28.74 -12.60 1.36
CA TYR A 85 30.10 -12.17 1.65
C TYR A 85 30.23 -10.65 1.49
N LEU A 86 31.03 -10.03 2.35
CA LEU A 86 31.22 -8.57 2.35
C LEU A 86 32.37 -8.02 1.51
N ASP A 87 33.55 -8.52 1.80
CA ASP A 87 34.82 -8.12 1.20
C ASP A 87 34.94 -8.46 -0.27
N GLU A 88 34.88 -7.44 -1.14
CA GLU A 88 35.00 -7.63 -2.60
C GLU A 88 36.51 -7.72 -2.96
N GLU A 89 37.38 -7.56 -1.96
CA GLU A 89 38.82 -7.61 -2.20
C GLU A 89 39.27 -8.99 -2.69
N GLY A 90 39.89 -8.99 -3.86
CA GLY A 90 40.40 -10.21 -4.45
C GLY A 90 39.48 -11.22 -5.11
N VAL A 91 38.27 -10.81 -5.50
CA VAL A 91 37.33 -11.73 -6.14
C VAL A 91 37.32 -11.77 -7.66
N LEU A 92 38.25 -11.04 -8.30
CA LEU A 92 38.27 -11.05 -9.75
C LEU A 92 39.07 -12.18 -10.41
N ASP A 93 38.49 -12.74 -11.46
CA ASP A 93 39.07 -13.81 -12.24
C ASP A 93 40.27 -13.23 -13.02
N GLN A 94 41.49 -13.69 -12.73
CA GLN A 94 42.66 -13.16 -13.42
C GLN A 94 42.62 -13.44 -14.89
N ASN A 95 41.89 -14.46 -15.34
CA ASN A 95 41.83 -14.75 -16.79
C ASN A 95 40.42 -14.91 -17.42
N ARG A 96 39.45 -14.14 -16.99
CA ARG A 96 38.11 -14.20 -17.51
C ARG A 96 37.72 -12.76 -17.47
N SER A 97 37.34 -12.25 -18.63
CA SER A 97 36.93 -10.87 -18.80
C SER A 97 35.48 -10.78 -18.36
N LEU A 98 35.00 -9.55 -18.21
CA LEU A 98 33.60 -9.34 -17.84
C LEU A 98 32.77 -9.90 -19.00
N LEU A 99 33.31 -9.81 -20.21
CA LEU A 99 32.64 -10.31 -21.41
C LEU A 99 32.27 -11.76 -21.15
N PHE A 100 33.22 -12.52 -20.59
CA PHE A 100 33.00 -13.94 -20.26
C PHE A 100 31.67 -14.16 -19.51
N MET A 101 31.43 -13.35 -18.48
CA MET A 101 30.19 -13.45 -17.68
C MET A 101 29.01 -13.01 -18.55
N GLN A 102 29.26 -12.01 -19.38
CA GLN A 102 28.25 -11.41 -20.21
C GLN A 102 27.78 -12.16 -21.45
N TRP A 103 28.37 -13.31 -21.74
CA TRP A 103 27.93 -14.08 -22.91
C TRP A 103 27.09 -15.25 -22.39
N GLY A 104 27.36 -15.64 -21.16
CA GLY A 104 26.59 -16.75 -20.59
C GLY A 104 25.11 -16.41 -20.44
N GLN A 105 24.85 -15.19 -19.99
CA GLN A 105 23.48 -14.75 -19.78
C GLN A 105 22.82 -14.50 -21.15
N ILE A 106 23.66 -14.14 -22.13
CA ILE A 106 23.19 -13.91 -23.50
C ILE A 106 22.83 -15.28 -24.05
N VAL A 107 23.73 -16.20 -23.96
CA VAL A 107 23.42 -17.55 -24.36
C VAL A 107 22.32 -18.12 -23.54
N ASP A 108 22.28 -17.86 -22.24
CA ASP A 108 21.28 -18.45 -21.40
C ASP A 108 19.94 -18.02 -21.93
N HIS A 109 19.81 -16.76 -22.31
CA HIS A 109 18.53 -16.17 -22.72
C HIS A 109 18.12 -16.60 -24.10
N ASP A 110 19.07 -17.06 -24.89
CA ASP A 110 18.72 -17.53 -26.20
C ASP A 110 18.05 -18.85 -25.92
N LEU A 111 18.64 -19.66 -25.04
CA LEU A 111 18.17 -21.01 -24.75
C LEU A 111 16.92 -21.26 -23.92
N ASP A 112 16.65 -20.49 -22.88
CA ASP A 112 15.46 -20.77 -22.10
C ASP A 112 14.94 -19.62 -21.25
N PHE A 113 13.68 -19.71 -20.90
CA PHE A 113 13.06 -18.83 -19.95
C PHE A 113 11.87 -19.51 -19.33
N ALA A 114 11.78 -19.49 -18.02
CA ALA A 114 10.64 -19.93 -17.25
C ALA A 114 9.81 -18.68 -17.04
N PRO A 115 8.67 -18.56 -17.73
CA PRO A 115 7.88 -17.34 -17.53
C PRO A 115 7.42 -17.28 -16.08
N GLU A 116 7.78 -16.22 -15.36
CA GLU A 116 7.36 -16.09 -13.98
C GLU A 116 5.88 -15.63 -13.98
N THR A 117 5.07 -16.23 -13.11
CA THR A 117 3.64 -15.95 -13.01
C THR A 117 3.16 -14.92 -11.99
N GLU A 118 2.46 -13.90 -12.48
CA GLU A 118 1.88 -12.85 -11.63
C GLU A 118 0.39 -12.81 -11.94
N LEU A 119 0.03 -13.48 -13.04
CA LEU A 119 -1.35 -13.59 -13.48
C LEU A 119 -2.01 -12.24 -13.71
N GLY A 120 -3.19 -12.08 -13.15
CA GLY A 120 -3.95 -10.85 -13.26
C GLY A 120 -3.10 -9.64 -12.89
N SER A 121 -3.63 -8.44 -13.17
CA SER A 121 -2.97 -7.16 -12.89
C SER A 121 -3.67 -6.35 -11.78
N SER A 122 -4.99 -6.33 -11.86
CA SER A 122 -5.85 -5.54 -10.99
C SER A 122 -5.81 -6.27 -9.68
N GLU A 123 -4.61 -6.47 -9.20
CA GLU A 123 -4.49 -7.41 -8.10
C GLU A 123 -4.02 -6.92 -6.75
N HIS A 124 -4.77 -7.31 -5.72
CA HIS A 124 -4.45 -7.00 -4.34
C HIS A 124 -3.89 -8.35 -3.88
N SER A 125 -4.17 -9.36 -4.68
CA SER A 125 -3.67 -10.70 -4.43
C SER A 125 -2.16 -10.57 -4.52
N LYS A 126 -1.70 -9.56 -5.23
CA LYS A 126 -0.26 -9.30 -5.34
C LYS A 126 0.14 -8.63 -4.05
N VAL A 127 -0.75 -7.79 -3.53
CA VAL A 127 -0.52 -7.09 -2.28
C VAL A 127 -0.44 -8.12 -1.16
N GLN A 128 -1.31 -9.12 -1.21
CA GLN A 128 -1.31 -10.15 -0.18
C GLN A 128 0.04 -10.86 -0.12
N CYS A 129 0.64 -11.06 -1.28
CA CYS A 129 1.92 -11.75 -1.37
C CYS A 129 3.10 -10.99 -0.78
N GLU A 130 3.29 -9.75 -1.22
CA GLU A 130 4.41 -8.95 -0.72
C GLU A 130 4.20 -8.28 0.64
N GLU A 131 3.11 -7.54 0.77
CA GLU A 131 2.83 -6.86 2.03
C GLU A 131 2.71 -7.80 3.22
N TYR A 132 1.72 -8.70 3.17
CA TYR A 132 1.43 -9.64 4.25
C TYR A 132 2.20 -10.92 4.06
N CYS A 133 2.65 -11.20 2.83
CA CYS A 133 3.32 -12.46 2.47
C CYS A 133 2.52 -13.78 2.65
N VAL A 134 1.30 -13.80 2.13
CA VAL A 134 0.38 -14.86 2.29
C VAL A 134 0.75 -16.01 1.35
N GLN A 135 0.91 -17.22 1.87
CA GLN A 135 1.21 -18.36 1.00
C GLN A 135 -0.09 -18.77 0.30
N GLY A 136 0.01 -19.46 -0.83
CA GLY A 136 -1.19 -19.87 -1.51
C GLY A 136 -1.19 -19.79 -3.02
N ASP A 137 -1.73 -20.83 -3.64
CA ASP A 137 -1.81 -20.87 -5.07
C ASP A 137 -0.40 -20.64 -5.60
N GLU A 138 -0.23 -19.69 -6.52
CA GLU A 138 1.08 -19.44 -7.12
C GLU A 138 2.02 -18.44 -6.44
N CYS A 139 1.55 -17.76 -5.41
CA CYS A 139 2.43 -16.86 -4.67
C CYS A 139 3.10 -17.83 -3.71
N PHE A 140 4.41 -17.73 -3.52
CA PHE A 140 5.11 -18.65 -2.62
C PHE A 140 6.30 -17.97 -1.96
N PRO A 141 5.99 -17.13 -0.98
CA PRO A 141 6.94 -16.20 -0.37
C PRO A 141 8.13 -16.80 0.38
N ILE A 142 9.25 -16.09 0.28
CA ILE A 142 10.53 -16.45 0.87
C ILE A 142 10.49 -15.63 2.14
N MET A 143 10.29 -16.31 3.27
CA MET A 143 10.23 -15.60 4.53
C MET A 143 11.67 -15.39 4.98
N PHE A 144 11.89 -14.36 5.79
CA PHE A 144 13.22 -14.11 6.31
C PHE A 144 13.37 -14.83 7.61
N PRO A 145 14.55 -15.39 7.88
CA PRO A 145 14.74 -16.09 9.16
C PRO A 145 14.91 -14.99 10.21
N LYS A 146 14.96 -15.34 11.48
CA LYS A 146 15.15 -14.35 12.54
C LYS A 146 16.57 -13.81 12.45
N ASN A 147 16.78 -12.57 12.90
CA ASN A 147 18.12 -11.96 12.87
C ASN A 147 18.47 -11.57 11.45
N ASP A 148 17.44 -11.49 10.62
CA ASP A 148 17.60 -11.13 9.24
C ASP A 148 17.43 -9.63 9.20
N PRO A 149 18.52 -8.91 8.95
CA PRO A 149 18.45 -7.46 8.89
C PRO A 149 17.32 -6.93 8.00
N LYS A 150 17.22 -7.44 6.78
CA LYS A 150 16.15 -6.99 5.89
C LYS A 150 14.83 -6.98 6.62
N LEU A 151 14.75 -7.85 7.63
CA LEU A 151 13.56 -8.00 8.44
C LEU A 151 13.08 -6.66 8.95
N LYS A 152 13.99 -5.87 9.52
CA LYS A 152 13.63 -4.58 10.07
C LYS A 152 13.29 -3.56 8.99
N THR A 153 13.63 -3.84 7.73
CA THR A 153 13.39 -2.89 6.66
C THR A 153 12.34 -3.25 5.59
N GLN A 154 12.08 -4.53 5.37
CA GLN A 154 11.12 -4.92 4.33
C GLN A 154 10.14 -5.99 4.82
N GLY A 155 9.41 -5.72 5.89
CA GLY A 155 8.47 -6.72 6.37
C GLY A 155 9.14 -8.06 6.63
N LYS A 156 8.38 -9.15 6.54
CA LYS A 156 8.94 -10.46 6.81
C LYS A 156 9.06 -11.48 5.67
N CYS A 157 9.11 -11.00 4.42
CA CYS A 157 9.24 -11.89 3.29
C CYS A 157 9.48 -11.16 1.97
N MET A 158 10.16 -11.85 1.07
CA MET A 158 10.41 -11.33 -0.26
C MET A 158 9.37 -12.03 -1.11
N PRO A 159 8.47 -11.26 -1.72
CA PRO A 159 7.45 -11.89 -2.55
C PRO A 159 8.16 -12.82 -3.55
N PHE A 160 7.44 -13.82 -4.04
CA PHE A 160 8.02 -14.77 -4.99
C PHE A 160 6.91 -15.57 -5.60
N PHE A 161 6.75 -15.42 -6.90
CA PHE A 161 5.71 -16.14 -7.58
C PHE A 161 6.26 -17.37 -8.27
N ARG A 162 5.44 -18.41 -8.38
CA ARG A 162 5.87 -19.65 -9.02
C ARG A 162 5.99 -19.48 -10.53
N ALA A 163 6.61 -20.46 -11.19
CA ALA A 163 6.81 -20.41 -12.64
C ALA A 163 5.68 -21.02 -13.44
N GLY A 164 5.44 -20.46 -14.62
CA GLY A 164 4.39 -21.00 -15.48
C GLY A 164 4.48 -22.50 -15.70
N PHE A 165 3.38 -23.11 -16.11
CA PHE A 165 3.35 -24.55 -16.33
C PHE A 165 2.31 -25.04 -17.32
N VAL A 166 2.59 -26.21 -17.89
CA VAL A 166 1.79 -26.79 -18.96
C VAL A 166 0.38 -27.15 -18.49
N CYS A 167 -0.55 -27.18 -19.44
CA CYS A 167 -1.97 -27.27 -19.14
C CYS A 167 -2.39 -26.01 -18.39
N PRO A 168 -3.08 -26.17 -17.28
CA PRO A 168 -3.55 -24.99 -16.53
C PRO A 168 -2.48 -23.98 -16.08
N THR A 169 -2.94 -22.85 -15.54
CA THR A 169 -2.08 -21.91 -14.84
C THR A 169 -2.24 -22.18 -13.35
N PRO A 170 -3.38 -22.77 -13.00
CA PRO A 170 -3.63 -23.37 -11.68
C PRO A 170 -3.05 -24.78 -11.57
N PRO A 171 -2.74 -25.23 -10.28
CA PRO A 171 -2.20 -26.61 -10.27
C PRO A 171 -3.23 -27.72 -10.54
N TYR A 172 -2.76 -28.84 -11.10
CA TYR A 172 -3.59 -30.03 -11.32
C TYR A 172 -3.09 -31.36 -10.74
N GLN A 173 -3.85 -32.43 -10.98
CA GLN A 173 -3.55 -33.76 -10.46
C GLN A 173 -3.55 -34.82 -11.56
N SER A 174 -2.91 -35.96 -11.29
CA SER A 174 -2.80 -37.09 -12.22
C SER A 174 -1.59 -37.00 -13.16
N LEU A 175 -0.76 -35.99 -12.94
CA LEU A 175 0.52 -35.82 -13.65
C LEU A 175 1.40 -34.76 -12.98
N ALA A 176 2.71 -34.95 -13.04
CA ALA A 176 3.66 -34.00 -12.45
C ALA A 176 3.63 -32.70 -13.24
N ARG A 177 3.51 -31.59 -12.51
CA ARG A 177 3.48 -30.27 -13.12
C ARG A 177 4.80 -29.89 -13.79
N ASP A 178 4.71 -29.43 -15.04
CA ASP A 178 5.91 -29.06 -15.77
C ASP A 178 5.97 -27.56 -16.06
N GLN A 179 7.15 -26.97 -15.91
CA GLN A 179 7.25 -25.56 -16.21
C GLN A 179 7.39 -25.41 -17.70
N ILE A 180 7.00 -24.23 -18.15
CA ILE A 180 7.03 -23.83 -19.55
C ILE A 180 8.37 -23.20 -19.88
N ASN A 181 8.78 -23.30 -21.15
CA ASN A 181 10.02 -22.67 -21.61
C ASN A 181 9.58 -21.80 -22.80
N ALA A 182 9.39 -20.51 -22.52
CA ALA A 182 8.91 -19.55 -23.51
C ALA A 182 9.75 -19.23 -24.74
N VAL A 183 11.05 -19.57 -24.72
CA VAL A 183 11.88 -19.29 -25.89
C VAL A 183 12.15 -20.58 -26.63
N THR A 184 12.99 -20.53 -27.66
CA THR A 184 13.26 -21.75 -28.39
C THR A 184 14.54 -22.40 -27.89
N SER A 185 14.49 -23.70 -27.64
CA SER A 185 15.63 -24.42 -27.12
C SER A 185 16.89 -24.34 -27.97
N PHE A 186 16.74 -24.22 -29.30
CA PHE A 186 17.89 -24.15 -30.20
C PHE A 186 18.68 -22.87 -30.00
N LEU A 187 19.95 -22.85 -30.43
CA LEU A 187 20.82 -21.68 -30.30
C LEU A 187 20.65 -20.86 -31.56
N ASP A 188 19.43 -20.36 -31.73
CA ASP A 188 19.03 -19.64 -32.94
C ASP A 188 18.82 -18.15 -32.90
N ALA A 189 19.46 -17.41 -31.99
CA ALA A 189 19.26 -15.96 -31.87
C ALA A 189 17.79 -15.55 -31.60
N SER A 190 17.01 -16.43 -30.98
CA SER A 190 15.62 -16.12 -30.66
C SER A 190 15.50 -15.11 -29.51
N LEU A 191 16.65 -14.60 -29.06
CA LEU A 191 16.68 -13.58 -28.00
C LEU A 191 16.81 -12.25 -28.73
N VAL A 192 16.85 -12.32 -30.05
CA VAL A 192 16.97 -11.11 -30.86
C VAL A 192 15.80 -10.96 -31.81
N TYR A 193 15.30 -12.06 -32.38
CA TYR A 193 14.16 -12.00 -33.32
C TYR A 193 12.83 -12.39 -32.71
N GLY A 194 12.88 -12.90 -31.48
CA GLY A 194 11.67 -13.31 -30.79
C GLY A 194 11.42 -14.79 -30.92
N SER A 195 10.40 -15.28 -30.23
CA SER A 195 10.02 -16.69 -30.25
C SER A 195 8.54 -16.82 -30.53
N GLU A 196 7.92 -15.68 -30.81
CA GLU A 196 6.50 -15.63 -31.18
C GLU A 196 6.50 -14.77 -32.45
N PRO A 197 5.83 -15.26 -33.52
CA PRO A 197 5.76 -14.54 -34.79
C PRO A 197 5.22 -13.11 -34.59
N SER A 198 4.20 -13.00 -33.74
CA SER A 198 3.62 -11.70 -33.41
C SER A 198 4.76 -10.74 -33.09
N LEU A 199 5.60 -11.13 -32.13
CA LEU A 199 6.73 -10.31 -31.72
C LEU A 199 7.74 -10.13 -32.86
N ALA A 200 8.17 -11.24 -33.44
CA ALA A 200 9.14 -11.20 -34.52
C ALA A 200 8.74 -10.14 -35.52
N SER A 201 7.47 -10.10 -35.86
CA SER A 201 6.97 -9.13 -36.84
C SER A 201 7.13 -7.69 -36.36
N ARG A 202 6.52 -7.35 -35.23
CA ARG A 202 6.60 -5.99 -34.71
C ARG A 202 8.06 -5.62 -34.43
N LEU A 203 8.93 -6.61 -34.39
CA LEU A 203 10.35 -6.36 -34.13
C LEU A 203 11.05 -5.95 -35.40
N ARG A 204 10.55 -6.40 -36.53
CA ARG A 204 11.12 -6.07 -37.82
C ARG A 204 10.77 -4.71 -38.35
N ASN A 205 11.54 -4.25 -39.32
CA ASN A 205 11.16 -3.06 -40.05
C ASN A 205 10.48 -3.54 -41.33
N LEU A 206 9.15 -3.44 -41.35
CA LEU A 206 8.40 -3.78 -42.54
C LEU A 206 8.10 -2.64 -43.52
N SER A 207 8.47 -1.41 -43.17
CA SER A 207 8.22 -0.25 -44.00
C SER A 207 9.26 -0.02 -45.09
N SER A 208 10.17 -0.97 -45.25
CA SER A 208 11.19 -0.90 -46.29
C SER A 208 11.62 -2.31 -46.61
N PRO A 209 11.60 -2.70 -47.88
CA PRO A 209 12.00 -4.07 -48.22
C PRO A 209 13.50 -4.31 -48.02
N LEU A 210 14.07 -3.79 -46.93
CA LEU A 210 15.50 -3.94 -46.66
C LEU A 210 15.86 -5.08 -45.68
N GLY A 211 14.83 -5.79 -45.20
CA GLY A 211 15.07 -6.91 -44.28
C GLY A 211 15.70 -6.52 -42.95
N LEU A 212 15.57 -5.25 -42.61
CA LEU A 212 16.12 -4.67 -41.38
C LEU A 212 15.27 -4.96 -40.15
N MET A 213 15.90 -4.85 -38.99
CA MET A 213 15.20 -5.01 -37.73
C MET A 213 14.86 -3.59 -37.32
N ALA A 214 13.81 -3.42 -36.53
CA ALA A 214 13.39 -2.09 -36.12
C ALA A 214 14.38 -1.48 -35.16
N VAL A 215 14.57 -0.17 -35.30
CA VAL A 215 15.49 0.58 -34.44
C VAL A 215 14.82 1.83 -33.90
N ASN A 216 15.40 2.38 -32.85
CA ASN A 216 14.88 3.54 -32.16
C ASN A 216 14.87 4.84 -32.97
N GLN A 217 13.87 5.69 -32.68
CA GLN A 217 13.76 6.98 -33.34
C GLN A 217 14.27 8.10 -32.42
N GLU A 218 13.73 8.17 -31.21
CA GLU A 218 14.12 9.22 -30.26
C GLU A 218 15.59 9.33 -29.86
N ALA A 219 16.44 8.38 -30.25
CA ALA A 219 17.85 8.51 -29.87
C ALA A 219 18.82 7.69 -30.70
N TRP A 220 20.10 8.08 -30.65
CA TRP A 220 21.15 7.37 -31.38
C TRP A 220 22.46 7.38 -30.63
N ASP A 221 23.38 6.51 -31.02
CA ASP A 221 24.66 6.48 -30.35
C ASP A 221 25.62 7.13 -31.30
N HIS A 222 25.42 8.44 -31.48
CA HIS A 222 26.23 9.24 -32.37
C HIS A 222 26.50 8.57 -33.71
N GLY A 223 25.45 8.03 -34.32
CA GLY A 223 25.57 7.39 -35.61
C GLY A 223 24.92 6.02 -35.62
N LEU A 224 25.25 5.26 -34.59
CA LEU A 224 24.76 3.91 -34.43
C LEU A 224 23.30 3.90 -33.95
N ALA A 225 22.71 2.70 -33.93
CA ALA A 225 21.32 2.51 -33.53
C ALA A 225 21.13 2.02 -32.10
N TYR A 226 19.86 1.95 -31.70
CA TYR A 226 19.46 1.46 -30.38
C TYR A 226 18.18 0.76 -30.66
N PRO A 227 17.92 -0.36 -29.95
CA PRO A 227 16.69 -1.12 -30.15
C PRO A 227 15.49 -0.24 -29.86
N PRO A 228 14.32 -0.56 -30.42
CA PRO A 228 13.13 0.28 -30.15
C PRO A 228 12.75 0.16 -28.68
N PHE A 229 11.89 1.05 -28.17
CA PHE A 229 11.50 0.98 -26.75
C PHE A 229 10.30 0.12 -26.48
N ASN A 230 10.36 -0.69 -25.42
CA ASN A 230 9.19 -1.52 -25.08
C ASN A 230 8.13 -0.54 -24.61
N ASN A 231 7.16 -0.30 -25.47
CA ASN A 231 6.08 0.66 -25.21
C ASN A 231 5.19 0.49 -23.98
N VAL A 232 4.97 -0.74 -23.49
CA VAL A 232 4.08 -0.97 -22.35
C VAL A 232 4.54 -0.45 -20.98
N LYS A 233 3.57 -0.09 -20.16
CA LYS A 233 3.85 0.42 -18.83
C LYS A 233 3.07 -0.41 -17.84
N PRO A 234 3.56 -0.50 -16.61
CA PRO A 234 4.69 0.27 -16.11
C PRO A 234 6.00 -0.19 -16.71
N SER A 235 7.02 0.64 -16.58
CA SER A 235 8.34 0.29 -17.11
C SER A 235 9.36 0.32 -15.97
N PRO A 236 9.93 -0.83 -15.62
CA PRO A 236 10.91 -0.82 -14.54
C PRO A 236 12.06 0.12 -14.89
N CYS A 237 12.26 0.35 -16.18
CA CYS A 237 13.33 1.24 -16.64
C CYS A 237 12.98 2.70 -16.31
N GLU A 238 11.70 3.04 -16.37
CA GLU A 238 11.31 4.40 -16.03
C GLU A 238 11.38 4.52 -14.54
N PHE A 239 10.89 3.51 -13.85
CA PHE A 239 10.87 3.53 -12.41
C PHE A 239 12.19 3.89 -11.78
N ILE A 240 13.27 3.27 -12.25
CA ILE A 240 14.55 3.55 -11.64
C ILE A 240 14.87 5.00 -11.73
N ASN A 241 14.51 5.65 -12.84
CA ASN A 241 14.71 7.10 -13.02
C ASN A 241 13.55 7.86 -13.68
N THR A 242 12.47 8.05 -12.93
CA THR A 242 11.33 8.82 -13.38
C THR A 242 11.73 10.15 -13.97
N THR A 243 12.77 10.78 -13.42
CA THR A 243 13.18 12.06 -13.98
C THR A 243 13.60 11.75 -15.41
N ALA A 244 14.59 10.88 -15.55
CA ALA A 244 15.09 10.46 -16.85
C ALA A 244 13.92 10.01 -17.71
N HIS A 245 13.04 9.17 -17.15
CA HIS A 245 11.89 8.76 -17.93
C HIS A 245 12.31 7.99 -19.18
N VAL A 246 13.27 7.08 -19.03
CA VAL A 246 13.75 6.30 -20.17
C VAL A 246 13.39 4.81 -20.03
N PRO A 247 12.53 4.31 -20.94
CA PRO A 247 12.06 2.93 -20.94
C PRO A 247 13.01 1.83 -21.40
N CYS A 248 12.59 0.58 -21.18
CA CYS A 248 13.37 -0.58 -21.55
C CYS A 248 13.36 -0.85 -23.06
N PHE A 249 14.28 -1.69 -23.51
CA PHE A 249 14.42 -2.01 -24.91
C PHE A 249 13.49 -3.09 -25.48
N GLN A 250 13.14 -2.94 -26.77
CA GLN A 250 12.32 -3.92 -27.48
C GLN A 250 13.31 -4.85 -28.13
N ALA A 251 13.26 -6.12 -27.73
CA ALA A 251 14.17 -7.13 -28.24
C ALA A 251 13.50 -8.49 -28.13
N GLY A 252 14.09 -9.48 -28.79
CA GLY A 252 13.53 -10.82 -28.78
C GLY A 252 13.12 -11.30 -27.41
N ASP A 253 14.11 -11.49 -26.56
CA ASP A 253 13.90 -11.93 -25.19
C ASP A 253 13.25 -10.76 -24.45
N SER A 254 12.39 -11.04 -23.47
CA SER A 254 11.74 -9.96 -22.72
C SER A 254 12.66 -9.46 -21.58
N ARG A 255 13.71 -10.24 -21.28
CA ARG A 255 14.66 -9.89 -20.23
C ARG A 255 15.79 -8.98 -20.74
N ALA A 256 15.76 -8.64 -22.02
CA ALA A 256 16.84 -7.84 -22.63
C ALA A 256 17.55 -6.77 -21.81
N SER A 257 16.85 -6.00 -21.01
CA SER A 257 17.40 -4.89 -20.27
C SER A 257 17.67 -5.02 -18.73
N GLU A 258 17.75 -6.26 -18.24
CA GLU A 258 17.72 -6.48 -16.81
C GLU A 258 18.88 -5.72 -16.18
N GLN A 259 20.02 -5.74 -16.87
CA GLN A 259 21.15 -4.98 -16.46
C GLN A 259 21.78 -4.35 -17.68
N ILE A 260 22.29 -3.16 -17.51
CA ILE A 260 22.90 -2.38 -18.58
C ILE A 260 23.79 -3.12 -19.61
N LEU A 261 24.74 -3.92 -19.15
CA LEU A 261 25.65 -4.65 -20.06
C LEU A 261 24.92 -5.61 -21.02
N LEU A 262 23.88 -6.26 -20.53
CA LEU A 262 23.06 -7.19 -21.30
C LEU A 262 22.39 -6.47 -22.49
N ALA A 263 21.84 -5.28 -22.24
CA ALA A 263 21.22 -4.50 -23.30
C ALA A 263 22.36 -3.99 -24.19
N THR A 264 23.54 -3.89 -23.60
CA THR A 264 24.72 -3.47 -24.34
C THR A 264 24.98 -4.45 -25.48
N VAL A 265 25.02 -5.74 -25.14
CA VAL A 265 25.31 -6.76 -26.14
C VAL A 265 24.10 -6.97 -27.04
N HIS A 266 22.93 -6.82 -26.46
CA HIS A 266 21.69 -6.94 -27.20
C HIS A 266 21.73 -5.90 -28.33
N THR A 267 22.24 -4.71 -28.01
CA THR A 267 22.38 -3.63 -29.01
C THR A 267 23.37 -4.05 -30.09
N LEU A 268 24.57 -4.50 -29.70
CA LEU A 268 25.58 -4.96 -30.66
C LEU A 268 25.03 -6.05 -31.61
N LEU A 269 24.23 -6.97 -31.08
CA LEU A 269 23.63 -8.05 -31.86
C LEU A 269 22.58 -7.53 -32.86
N LEU A 270 21.82 -6.51 -32.45
CA LEU A 270 20.81 -5.95 -33.32
C LEU A 270 21.48 -5.18 -34.43
N ARG A 271 22.53 -4.43 -34.10
CA ARG A 271 23.27 -3.67 -35.11
C ARG A 271 23.78 -4.68 -36.14
N GLU A 272 24.42 -5.72 -35.63
CA GLU A 272 24.97 -6.77 -36.46
C GLU A 272 23.96 -7.27 -37.50
N HIS A 273 22.68 -7.26 -37.13
CA HIS A 273 21.67 -7.74 -38.06
C HIS A 273 21.50 -6.84 -39.25
N ASN A 274 21.28 -5.57 -38.99
CA ASN A 274 21.10 -4.63 -40.06
C ASN A 274 22.38 -4.57 -40.86
N ARG A 275 23.50 -4.45 -40.16
CA ARG A 275 24.81 -4.39 -40.79
C ARG A 275 24.93 -5.37 -41.94
N LEU A 276 24.38 -6.56 -41.74
CA LEU A 276 24.41 -7.62 -42.74
C LEU A 276 23.35 -7.34 -43.79
N ALA A 277 22.11 -7.15 -43.33
CA ALA A 277 20.98 -6.87 -44.22
C ALA A 277 21.36 -5.78 -45.21
N ARG A 278 22.29 -4.91 -44.80
CA ARG A 278 22.74 -3.85 -45.69
C ARG A 278 23.66 -4.45 -46.73
N GLU A 279 24.71 -5.15 -46.29
CA GLU A 279 25.65 -5.74 -47.23
C GLU A 279 25.09 -6.87 -48.11
N LEU A 280 24.08 -7.57 -47.61
CA LEU A 280 23.46 -8.64 -48.39
C LEU A 280 22.70 -8.04 -49.57
N LYS A 281 22.30 -6.77 -49.46
CA LYS A 281 21.56 -6.07 -50.51
C LYS A 281 22.56 -5.41 -51.46
N ARG A 282 23.78 -5.20 -50.98
CA ARG A 282 24.84 -4.62 -51.81
C ARG A 282 25.19 -5.72 -52.81
N LEU A 283 25.60 -6.88 -52.28
CA LEU A 283 26.00 -8.00 -53.11
C LEU A 283 24.85 -8.72 -53.83
N ASN A 284 23.71 -8.88 -53.16
CA ASN A 284 22.55 -9.55 -53.74
C ASN A 284 21.36 -8.60 -53.83
N PRO A 285 21.50 -7.48 -54.56
CA PRO A 285 20.46 -6.46 -54.74
C PRO A 285 19.18 -6.89 -55.48
N HIS A 286 18.97 -8.20 -55.61
CA HIS A 286 17.81 -8.70 -56.31
C HIS A 286 16.92 -9.55 -55.41
N TRP A 287 17.13 -9.41 -54.10
CA TRP A 287 16.35 -10.17 -53.12
C TRP A 287 15.25 -9.34 -52.49
N ASP A 288 14.24 -10.02 -51.98
CA ASP A 288 13.11 -9.39 -51.30
C ASP A 288 13.48 -9.15 -49.83
N GLY A 289 12.92 -8.11 -49.24
CA GLY A 289 13.21 -7.79 -47.86
C GLY A 289 13.08 -9.01 -46.95
N GLU A 290 12.26 -9.96 -47.36
CA GLU A 290 12.06 -11.17 -46.59
C GLU A 290 13.37 -11.96 -46.57
N MET A 291 13.98 -12.12 -47.74
CA MET A 291 15.23 -12.87 -47.87
C MET A 291 16.35 -12.18 -47.10
N LEU A 292 16.44 -10.86 -47.24
CA LEU A 292 17.46 -10.14 -46.51
C LEU A 292 17.31 -10.49 -45.05
N TYR A 293 16.08 -10.42 -44.56
CA TYR A 293 15.77 -10.72 -43.18
C TYR A 293 16.23 -12.08 -42.75
N GLN A 294 15.79 -13.11 -43.46
CA GLN A 294 16.10 -14.50 -43.12
C GLN A 294 17.57 -14.92 -43.32
N GLU A 295 18.29 -14.26 -44.22
CA GLU A 295 19.69 -14.57 -44.47
C GLU A 295 20.54 -13.96 -43.36
N ALA A 296 20.20 -12.73 -43.00
CA ALA A 296 20.90 -12.05 -41.94
C ALA A 296 20.62 -12.87 -40.68
N ARG A 297 19.34 -13.10 -40.42
CA ARG A 297 18.91 -13.88 -39.28
C ARG A 297 19.65 -15.22 -39.24
N LYS A 298 19.86 -15.80 -40.41
CA LYS A 298 20.56 -17.09 -40.50
C LYS A 298 22.00 -16.89 -40.04
N ILE A 299 22.65 -15.91 -40.66
CA ILE A 299 24.05 -15.60 -40.38
C ILE A 299 24.28 -15.28 -38.91
N LEU A 300 23.49 -14.36 -38.36
CA LEU A 300 23.61 -13.96 -36.95
C LEU A 300 23.52 -15.18 -36.08
N GLY A 301 22.80 -16.17 -36.57
CA GLY A 301 22.69 -17.38 -35.80
C GLY A 301 23.97 -18.18 -35.74
N ALA A 302 24.59 -18.49 -36.86
CA ALA A 302 25.80 -19.31 -36.73
C ALA A 302 26.87 -18.63 -35.89
N PHE A 303 26.87 -17.31 -35.95
CA PHE A 303 27.82 -16.51 -35.18
C PHE A 303 27.66 -16.88 -33.73
N ILE A 304 26.46 -16.63 -33.19
CA ILE A 304 26.18 -16.95 -31.80
C ILE A 304 26.68 -18.36 -31.49
N GLN A 305 26.37 -19.30 -32.37
CA GLN A 305 26.74 -20.71 -32.24
C GLN A 305 28.23 -20.98 -32.26
N ILE A 306 28.97 -20.12 -32.95
CA ILE A 306 30.41 -20.27 -33.07
C ILE A 306 31.09 -19.74 -31.81
N ILE A 307 30.78 -18.49 -31.49
CA ILE A 307 31.35 -17.89 -30.32
C ILE A 307 31.15 -18.82 -29.13
N THR A 308 29.92 -19.30 -28.98
CA THR A 308 29.49 -20.19 -27.89
C THR A 308 30.20 -21.54 -27.83
N PHE A 309 30.27 -22.25 -28.96
CA PHE A 309 30.94 -23.55 -28.95
C PHE A 309 32.45 -23.47 -29.17
N ARG A 310 32.89 -22.51 -29.98
CA ARG A 310 34.31 -22.36 -30.25
C ARG A 310 35.11 -21.70 -29.13
N ASP A 311 34.71 -20.50 -28.73
CA ASP A 311 35.44 -19.76 -27.71
C ASP A 311 34.91 -19.76 -26.28
N TYR A 312 33.61 -19.82 -26.11
CA TYR A 312 33.05 -19.80 -24.78
C TYR A 312 33.13 -21.11 -24.00
N LEU A 313 32.29 -22.07 -24.35
CA LEU A 313 32.22 -23.34 -23.64
C LEU A 313 33.48 -24.15 -23.37
N PRO A 314 34.52 -24.03 -24.20
CA PRO A 314 35.71 -24.83 -23.92
C PRO A 314 36.45 -24.36 -22.67
N ILE A 315 36.09 -23.18 -22.18
CA ILE A 315 36.75 -22.68 -20.98
C ILE A 315 35.78 -22.72 -19.81
N VAL A 316 34.49 -22.77 -20.10
CA VAL A 316 33.51 -22.94 -19.04
C VAL A 316 33.69 -24.43 -18.67
N LEU A 317 33.68 -25.28 -19.68
CA LEU A 317 33.81 -26.73 -19.49
C LEU A 317 35.22 -27.27 -19.21
N GLY A 318 36.22 -26.62 -19.79
CA GLY A 318 37.60 -27.06 -19.59
C GLY A 318 37.95 -28.47 -20.06
N SER A 319 38.42 -29.28 -19.12
CA SER A 319 38.84 -30.63 -19.39
C SER A 319 37.71 -31.64 -19.59
N GLU A 320 36.48 -31.26 -19.27
CA GLU A 320 35.35 -32.16 -19.47
C GLU A 320 34.57 -31.74 -20.70
N MET A 321 35.24 -31.00 -21.58
CA MET A 321 34.64 -30.51 -22.81
C MET A 321 34.48 -31.63 -23.83
N GLN A 322 35.60 -32.10 -24.36
CA GLN A 322 35.61 -33.14 -25.39
C GLN A 322 35.02 -34.45 -24.90
N LYS A 323 34.54 -34.43 -23.66
CA LYS A 323 33.92 -35.60 -23.06
C LYS A 323 32.45 -35.55 -23.46
N TRP A 324 31.86 -34.37 -23.27
CA TRP A 324 30.46 -34.10 -23.57
C TRP A 324 30.23 -33.46 -24.91
N ILE A 325 31.28 -32.84 -25.44
CA ILE A 325 31.17 -32.17 -26.71
C ILE A 325 32.29 -32.49 -27.68
N PRO A 326 32.49 -33.79 -27.97
CA PRO A 326 33.54 -34.17 -28.92
C PRO A 326 33.11 -33.60 -30.27
N PRO A 327 34.08 -33.15 -31.09
CA PRO A 327 33.82 -32.57 -32.41
C PRO A 327 32.59 -33.08 -33.13
N TYR A 328 31.95 -32.18 -33.88
CA TYR A 328 30.72 -32.46 -34.63
C TYR A 328 30.73 -33.68 -35.53
N GLN A 329 29.64 -34.44 -35.46
CA GLN A 329 29.50 -35.66 -36.26
C GLN A 329 28.14 -35.83 -36.92
N GLY A 330 27.42 -34.71 -37.11
CA GLY A 330 26.13 -34.78 -37.78
C GLY A 330 24.90 -34.54 -36.93
N TYR A 331 23.79 -34.23 -37.61
CA TYR A 331 22.48 -33.94 -37.00
C TYR A 331 21.72 -35.23 -36.74
N ASN A 332 21.73 -35.61 -35.47
CA ASN A 332 21.03 -36.81 -35.05
C ASN A 332 19.61 -36.46 -34.64
N ASN A 333 18.70 -36.76 -35.55
CA ASN A 333 17.25 -36.68 -35.31
C ASN A 333 16.72 -37.35 -34.03
N SER A 334 17.26 -38.51 -33.68
CA SER A 334 16.86 -39.21 -32.44
C SER A 334 17.27 -38.45 -31.15
N VAL A 335 17.83 -37.26 -31.31
CA VAL A 335 18.23 -36.46 -30.16
C VAL A 335 17.17 -35.45 -29.71
N ASP A 336 17.00 -35.35 -28.40
CA ASP A 336 16.04 -34.41 -27.81
C ASP A 336 16.81 -33.09 -27.64
N PRO A 337 16.48 -32.08 -28.45
CA PRO A 337 17.18 -30.81 -28.33
C PRO A 337 16.46 -29.92 -27.33
N ARG A 338 15.51 -30.48 -26.63
CA ARG A 338 14.77 -29.69 -25.66
C ARG A 338 15.66 -29.30 -24.49
N ILE A 339 15.44 -28.12 -23.95
CA ILE A 339 16.22 -27.70 -22.81
C ILE A 339 15.61 -28.34 -21.57
N SER A 340 16.49 -28.91 -20.76
CA SER A 340 16.09 -29.57 -19.53
C SER A 340 15.66 -28.53 -18.52
N ASN A 341 14.78 -28.95 -17.61
CA ASN A 341 14.28 -28.07 -16.54
C ASN A 341 15.40 -27.82 -15.55
N VAL A 342 16.22 -28.83 -15.32
CA VAL A 342 17.31 -28.66 -14.37
C VAL A 342 18.52 -27.98 -15.00
N PHE A 343 18.49 -27.77 -16.32
CA PHE A 343 19.60 -27.08 -16.98
C PHE A 343 19.43 -25.61 -16.65
N THR A 344 18.18 -25.14 -16.66
CA THR A 344 17.91 -23.73 -16.40
C THR A 344 18.36 -23.33 -15.01
N PHE A 345 18.61 -24.30 -14.14
CA PHE A 345 19.11 -24.00 -12.81
C PHE A 345 20.62 -24.14 -12.80
N ALA A 346 21.11 -25.05 -13.66
CA ALA A 346 22.52 -25.34 -13.80
C ALA A 346 23.30 -24.24 -14.51
N PHE A 347 22.66 -23.51 -15.43
CA PHE A 347 23.36 -22.47 -16.17
C PHE A 347 23.58 -21.22 -15.31
N ARG A 348 22.80 -21.04 -14.26
CA ARG A 348 23.03 -19.89 -13.42
C ARG A 348 24.14 -20.14 -12.43
N PHE A 349 25.22 -20.65 -12.95
CA PHE A 349 26.46 -20.70 -12.18
C PHE A 349 27.00 -19.30 -12.61
N GLY A 350 26.29 -18.77 -13.62
CA GLY A 350 26.57 -17.50 -14.24
C GLY A 350 26.37 -16.32 -13.32
N HIS A 351 25.57 -16.51 -12.27
CA HIS A 351 25.38 -15.52 -11.22
C HIS A 351 26.62 -15.29 -10.35
N MET A 352 27.31 -16.37 -10.01
CA MET A 352 28.49 -16.32 -9.16
C MET A 352 29.70 -15.82 -9.92
N GLU A 353 29.47 -15.20 -11.07
CA GLU A 353 30.59 -14.70 -11.87
C GLU A 353 30.42 -13.20 -12.01
N VAL A 354 29.24 -12.72 -11.63
CA VAL A 354 28.91 -11.33 -11.69
C VAL A 354 29.61 -10.58 -10.56
N PRO A 355 30.37 -9.52 -10.90
CA PRO A 355 31.13 -8.68 -9.97
C PRO A 355 30.27 -7.49 -9.55
N SER A 356 30.61 -6.92 -8.40
CA SER A 356 29.88 -5.82 -7.81
C SER A 356 29.81 -4.49 -8.58
N THR A 357 30.84 -4.16 -9.36
CA THR A 357 30.82 -2.92 -10.12
C THR A 357 30.82 -3.07 -11.66
N VAL A 358 30.53 -1.96 -12.34
CA VAL A 358 30.56 -1.90 -13.80
C VAL A 358 31.06 -0.50 -14.16
N SER A 359 32.14 -0.46 -14.94
CA SER A 359 32.80 0.78 -15.34
C SER A 359 32.61 1.19 -16.82
N ARG A 360 32.71 2.49 -17.08
CA ARG A 360 32.63 3.01 -18.46
C ARG A 360 34.04 3.54 -18.73
N LEU A 361 34.77 2.90 -19.64
CA LEU A 361 36.14 3.35 -19.94
C LEU A 361 36.26 4.25 -21.18
N ASP A 362 37.03 5.34 -21.08
CA ASP A 362 37.23 6.28 -22.20
C ASP A 362 38.01 5.65 -23.36
N GLU A 363 38.17 6.39 -24.47
CA GLU A 363 38.84 5.86 -25.65
C GLU A 363 40.30 5.52 -25.48
N ASN A 364 40.81 5.70 -24.27
CA ASN A 364 42.17 5.34 -23.93
C ASN A 364 42.06 4.53 -22.64
N TYR A 365 40.88 3.97 -22.47
CA TYR A 365 40.59 2.98 -21.48
C TYR A 365 40.96 3.44 -20.10
N GLN A 366 40.89 4.72 -19.88
CA GLN A 366 41.02 5.28 -18.55
C GLN A 366 39.55 5.55 -18.18
N PRO A 367 39.25 5.83 -16.91
CA PRO A 367 37.85 6.07 -16.54
C PRO A 367 37.13 7.19 -17.29
N TRP A 368 36.08 6.84 -18.04
CA TRP A 368 35.28 7.83 -18.77
C TRP A 368 34.30 8.46 -17.77
N GLY A 369 34.35 9.78 -17.64
CA GLY A 369 33.47 10.47 -16.71
C GLY A 369 33.98 10.43 -15.28
N PRO A 370 33.40 11.23 -14.37
CA PRO A 370 33.83 11.26 -12.96
C PRO A 370 33.18 10.12 -12.16
N GLU A 371 31.97 9.73 -12.57
CA GLU A 371 31.28 8.61 -11.94
C GLU A 371 31.51 7.41 -12.85
N ALA A 372 32.72 7.34 -13.39
CA ALA A 372 33.12 6.28 -14.31
C ALA A 372 32.78 4.87 -13.86
N GLU A 373 33.05 4.57 -12.60
CA GLU A 373 32.79 3.24 -12.05
C GLU A 373 31.53 3.30 -11.21
N LEU A 374 30.58 2.43 -11.53
CA LEU A 374 29.31 2.44 -10.86
C LEU A 374 28.96 1.13 -10.17
N PRO A 375 28.11 1.20 -9.13
CA PRO A 375 27.70 0.00 -8.41
C PRO A 375 26.75 -0.77 -9.30
N LEU A 376 26.93 -2.09 -9.36
CA LEU A 376 26.09 -2.92 -10.20
C LEU A 376 24.62 -2.85 -9.85
N HIS A 377 24.30 -2.66 -8.58
CA HIS A 377 22.90 -2.62 -8.16
C HIS A 377 22.13 -1.42 -8.67
N THR A 378 22.84 -0.45 -9.21
CA THR A 378 22.21 0.76 -9.76
C THR A 378 22.01 0.53 -11.24
N LEU A 379 22.36 -0.67 -11.71
CA LEU A 379 22.26 -0.92 -13.13
C LEU A 379 21.16 -1.88 -13.55
N PHE A 380 20.39 -2.40 -12.60
CA PHE A 380 19.29 -3.26 -13.01
C PHE A 380 18.27 -2.36 -13.71
N PHE A 381 17.83 -2.79 -14.90
CA PHE A 381 16.86 -2.09 -15.73
C PHE A 381 17.20 -0.64 -15.96
N ASN A 382 18.51 -0.39 -16.06
CA ASN A 382 19.00 0.95 -16.26
C ASN A 382 19.38 1.23 -17.73
N THR A 383 18.48 1.91 -18.44
CA THR A 383 18.69 2.25 -19.83
C THR A 383 19.06 3.74 -19.95
N TRP A 384 18.67 4.53 -18.95
CA TRP A 384 18.98 5.94 -19.02
C TRP A 384 20.48 6.20 -18.98
N ARG A 385 21.24 5.33 -18.33
CA ARG A 385 22.68 5.52 -18.31
C ARG A 385 23.31 5.39 -19.66
N ILE A 386 22.90 4.40 -20.42
CA ILE A 386 23.38 4.21 -21.79
C ILE A 386 23.01 5.41 -22.66
N ILE A 387 21.72 5.68 -22.73
CA ILE A 387 21.17 6.74 -23.56
C ILE A 387 21.63 8.14 -23.17
N LYS A 388 21.27 8.56 -21.97
CA LYS A 388 21.62 9.90 -21.52
C LYS A 388 23.03 10.05 -20.96
N ASP A 389 23.88 9.05 -21.15
CA ASP A 389 25.21 9.14 -20.58
C ASP A 389 26.25 8.16 -21.14
N GLY A 390 26.92 8.56 -22.21
CA GLY A 390 27.97 7.73 -22.79
C GLY A 390 27.76 6.89 -24.03
N GLY A 391 26.60 6.25 -24.15
CA GLY A 391 26.36 5.41 -25.30
C GLY A 391 26.85 4.00 -25.00
N ILE A 392 27.04 3.19 -26.03
CA ILE A 392 27.50 1.81 -25.88
C ILE A 392 29.02 1.65 -25.75
N ASP A 393 29.76 2.44 -26.50
CA ASP A 393 31.22 2.37 -26.52
C ASP A 393 31.91 2.31 -25.17
N PRO A 394 31.62 3.26 -24.27
CA PRO A 394 32.28 3.24 -22.96
C PRO A 394 32.13 1.90 -22.26
N LEU A 395 30.89 1.43 -22.16
CA LEU A 395 30.56 0.16 -21.50
C LEU A 395 31.15 -1.07 -22.18
N VAL A 396 31.37 -0.99 -23.50
CA VAL A 396 31.93 -2.11 -24.25
C VAL A 396 33.41 -2.25 -23.96
N ARG A 397 34.04 -1.15 -23.58
CA ARG A 397 35.44 -1.22 -23.27
C ARG A 397 35.59 -1.93 -21.94
N GLY A 398 34.74 -1.58 -20.97
CA GLY A 398 34.82 -2.21 -19.66
C GLY A 398 34.52 -3.69 -19.76
N LEU A 399 33.79 -4.05 -20.81
CA LEU A 399 33.43 -5.43 -21.08
C LEU A 399 34.67 -6.18 -21.53
N LEU A 400 35.54 -5.47 -22.24
CA LEU A 400 36.77 -6.05 -22.77
C LEU A 400 37.92 -6.01 -21.79
N ALA A 401 37.95 -4.97 -20.95
CA ALA A 401 39.04 -4.78 -20.00
C ALA A 401 38.80 -5.23 -18.59
N LYS A 402 37.57 -5.13 -18.11
CA LYS A 402 37.31 -5.53 -16.75
C LYS A 402 37.18 -7.03 -16.63
N ASN A 403 37.52 -7.54 -15.45
CA ASN A 403 37.46 -8.97 -15.18
C ASN A 403 36.02 -9.31 -14.79
N SER A 404 35.78 -10.62 -14.68
CA SER A 404 34.51 -11.16 -14.20
C SER A 404 34.87 -11.45 -12.73
N LYS A 405 33.90 -11.91 -11.96
CA LYS A 405 34.17 -12.26 -10.57
C LYS A 405 34.37 -13.76 -10.54
N LEU A 406 35.54 -14.18 -10.04
CA LEU A 406 35.83 -15.59 -9.94
C LEU A 406 34.90 -16.20 -8.90
N MET A 407 34.48 -17.44 -9.10
CA MET A 407 33.61 -18.10 -8.15
C MET A 407 34.52 -18.54 -7.01
N ASN A 408 34.01 -18.47 -5.79
CA ASN A 408 34.79 -18.83 -4.61
C ASN A 408 33.82 -19.18 -3.48
N GLN A 409 33.92 -20.41 -2.99
CA GLN A 409 33.05 -20.93 -1.94
C GLN A 409 32.75 -20.02 -0.75
N ASN A 410 33.73 -19.24 -0.28
CA ASN A 410 33.48 -18.34 0.85
C ASN A 410 32.95 -17.02 0.37
N LYS A 411 33.02 -16.82 -0.94
CA LYS A 411 32.57 -15.62 -1.58
C LYS A 411 31.84 -16.03 -2.85
N MET A 412 30.57 -16.41 -2.72
CA MET A 412 29.78 -16.89 -3.86
C MET A 412 29.02 -15.84 -4.67
N VAL A 413 28.01 -15.19 -4.11
CA VAL A 413 27.29 -14.16 -4.86
C VAL A 413 27.40 -12.75 -4.26
N THR A 414 27.72 -11.78 -5.09
CA THR A 414 27.88 -10.42 -4.60
C THR A 414 26.58 -9.79 -4.13
N SER A 415 26.70 -8.92 -3.13
CA SER A 415 25.56 -8.25 -2.53
C SER A 415 24.71 -7.45 -3.50
N GLU A 416 25.34 -6.93 -4.55
CA GLU A 416 24.57 -6.20 -5.53
C GLU A 416 23.42 -7.13 -5.93
N LEU A 417 23.70 -8.43 -5.87
CA LEU A 417 22.74 -9.48 -6.18
C LEU A 417 22.14 -10.17 -4.95
N ARG A 418 22.95 -10.48 -3.95
CA ARG A 418 22.41 -11.14 -2.78
C ARG A 418 21.43 -10.32 -1.95
N ASN A 419 21.73 -9.05 -1.74
CA ASN A 419 20.83 -8.19 -0.95
C ASN A 419 20.13 -7.11 -1.73
N LYS A 420 20.81 -6.53 -2.71
CA LYS A 420 20.27 -5.43 -3.49
C LYS A 420 19.81 -5.72 -4.92
N LEU A 421 19.09 -6.82 -5.15
CA LEU A 421 18.62 -7.07 -6.51
C LEU A 421 17.37 -6.26 -6.67
N PHE A 422 16.98 -6.00 -7.91
CA PHE A 422 15.77 -5.25 -8.15
C PHE A 422 14.89 -6.16 -8.97
N GLN A 423 13.59 -5.92 -8.88
CA GLN A 423 12.62 -6.69 -9.61
C GLN A 423 11.47 -5.81 -10.08
N PRO A 424 11.08 -5.96 -11.35
CA PRO A 424 9.99 -5.21 -11.97
C PRO A 424 8.75 -5.19 -11.09
N THR A 425 8.07 -4.06 -11.01
CA THR A 425 6.86 -3.93 -10.22
C THR A 425 7.19 -3.73 -8.74
N HIS A 426 8.37 -4.19 -8.35
CA HIS A 426 8.77 -4.00 -6.97
C HIS A 426 9.59 -2.74 -6.97
N LYS A 427 9.45 -1.95 -5.93
CA LYS A 427 10.11 -0.67 -5.89
C LYS A 427 11.45 -0.65 -5.16
N VAL A 428 11.78 -1.76 -4.53
CA VAL A 428 13.02 -1.82 -3.76
C VAL A 428 14.19 -2.55 -4.40
N HIS A 429 15.38 -2.01 -4.16
CA HIS A 429 16.61 -2.61 -4.63
C HIS A 429 17.04 -3.45 -3.44
N GLY A 430 16.20 -4.43 -3.11
CA GLY A 430 16.46 -5.32 -2.00
C GLY A 430 15.96 -6.71 -2.26
N PHE A 431 16.61 -7.39 -3.19
CA PHE A 431 16.22 -8.74 -3.54
C PHE A 431 17.43 -9.67 -3.40
N ASP A 432 17.14 -10.95 -3.21
CA ASP A 432 18.21 -11.92 -3.08
C ASP A 432 18.10 -12.95 -4.20
N LEU A 433 18.98 -12.85 -5.20
CA LEU A 433 18.94 -13.77 -6.32
C LEU A 433 19.21 -15.19 -5.85
N ALA A 434 20.23 -15.33 -5.01
CA ALA A 434 20.62 -16.61 -4.46
C ALA A 434 19.40 -17.31 -3.85
N ALA A 435 18.65 -16.60 -3.02
CA ALA A 435 17.46 -17.17 -2.41
C ALA A 435 16.42 -17.49 -3.48
N ILE A 436 16.22 -16.57 -4.40
CA ILE A 436 15.28 -16.80 -5.49
C ILE A 436 15.67 -18.04 -6.27
N ASN A 437 16.97 -18.26 -6.47
CA ASN A 437 17.43 -19.44 -7.23
C ASN A 437 16.98 -20.70 -6.51
N LEU A 438 17.09 -20.67 -5.19
CA LEU A 438 16.73 -21.78 -4.32
C LEU A 438 15.23 -21.96 -4.30
N GLN A 439 14.50 -20.90 -3.96
CA GLN A 439 13.04 -21.00 -3.91
C GLN A 439 12.59 -21.52 -5.27
N ARG A 440 13.36 -21.22 -6.29
CA ARG A 440 13.10 -21.72 -7.63
C ARG A 440 13.26 -23.18 -7.89
N CYS A 441 14.33 -23.79 -7.43
CA CYS A 441 14.54 -25.21 -7.59
C CYS A 441 13.33 -25.98 -7.06
N ARG A 442 12.85 -25.57 -5.89
CA ARG A 442 11.70 -26.23 -5.29
C ARG A 442 10.52 -25.93 -6.22
N ASP A 443 10.35 -24.68 -6.60
CA ASP A 443 9.14 -24.30 -7.28
C ASP A 443 8.96 -25.22 -8.47
N HIS A 444 10.06 -25.65 -9.09
CA HIS A 444 9.91 -26.52 -10.25
C HIS A 444 9.79 -27.99 -9.89
N GLY A 445 10.23 -28.34 -8.69
CA GLY A 445 10.18 -29.71 -8.26
C GLY A 445 11.48 -30.42 -8.50
N MET A 446 12.58 -29.71 -8.40
CA MET A 446 13.88 -30.32 -8.63
C MET A 446 14.28 -31.46 -7.71
N PRO A 447 14.90 -32.50 -8.30
CA PRO A 447 15.33 -33.59 -7.44
C PRO A 447 16.52 -32.96 -6.70
N GLY A 448 16.89 -33.56 -5.56
CA GLY A 448 17.98 -33.03 -4.78
C GLY A 448 19.39 -33.34 -5.25
N TYR A 449 20.35 -32.65 -4.65
CA TYR A 449 21.76 -32.79 -4.97
C TYR A 449 22.24 -34.17 -5.36
N ASN A 450 21.92 -35.20 -4.57
CA ASN A 450 22.44 -36.54 -4.90
C ASN A 450 21.79 -37.29 -6.03
N SER A 451 20.56 -36.91 -6.35
CA SER A 451 19.87 -37.54 -7.43
C SER A 451 20.64 -37.09 -8.64
N TRP A 452 21.16 -35.86 -8.59
CA TRP A 452 21.91 -35.28 -9.70
C TRP A 452 23.36 -35.69 -9.72
N ARG A 453 23.86 -36.13 -8.58
CA ARG A 453 25.22 -36.60 -8.54
C ARG A 453 25.17 -37.94 -9.23
N GLY A 454 24.25 -38.78 -8.74
CA GLY A 454 24.08 -40.12 -9.25
C GLY A 454 23.75 -40.22 -10.71
N PHE A 455 22.77 -39.42 -11.11
CA PHE A 455 22.33 -39.36 -12.50
C PHE A 455 23.54 -39.02 -13.38
N CYS A 456 24.46 -38.22 -12.86
CA CYS A 456 25.65 -37.89 -13.63
C CYS A 456 26.74 -38.88 -13.37
N GLY A 457 26.37 -40.03 -12.82
CA GLY A 457 27.33 -41.07 -12.53
C GLY A 457 28.51 -40.55 -11.73
N LEU A 458 28.20 -39.90 -10.61
CA LEU A 458 29.21 -39.35 -9.72
C LEU A 458 28.93 -39.81 -8.30
N SER A 459 29.98 -39.89 -7.48
CA SER A 459 29.82 -40.32 -6.10
C SER A 459 28.83 -39.43 -5.37
N GLN A 460 27.79 -40.05 -4.79
CA GLN A 460 26.76 -39.32 -4.07
C GLN A 460 27.01 -39.50 -2.57
N PRO A 461 27.80 -38.59 -1.98
CA PRO A 461 28.14 -38.63 -0.57
C PRO A 461 26.97 -38.68 0.39
N LYS A 462 27.05 -39.56 1.38
CA LYS A 462 25.99 -39.68 2.36
C LYS A 462 26.33 -38.87 3.61
N THR A 463 27.60 -38.94 4.00
CA THR A 463 28.08 -38.31 5.23
C THR A 463 28.85 -36.98 5.17
N LEU A 464 29.09 -36.46 6.37
CA LEU A 464 29.82 -35.20 6.57
C LEU A 464 31.28 -35.41 6.22
N LYS A 465 31.84 -36.56 6.57
CA LYS A 465 33.22 -36.81 6.21
C LYS A 465 33.15 -37.14 4.74
N GLY A 466 31.99 -37.62 4.31
CA GLY A 466 31.77 -37.97 2.92
C GLY A 466 31.72 -36.75 2.02
N LEU A 467 31.04 -35.70 2.50
CA LEU A 467 30.88 -34.45 1.74
C LEU A 467 32.17 -33.65 1.63
N GLN A 468 32.80 -33.37 2.77
CA GLN A 468 34.05 -32.63 2.82
C GLN A 468 34.94 -33.08 1.68
N ALA A 469 35.14 -34.38 1.59
CA ALA A 469 35.98 -34.96 0.57
C ALA A 469 35.66 -34.48 -0.85
N VAL A 470 34.37 -34.42 -1.18
CA VAL A 470 33.93 -34.02 -2.51
C VAL A 470 34.02 -32.54 -2.88
N LEU A 471 33.88 -31.64 -1.91
CA LEU A 471 33.96 -30.21 -2.21
C LEU A 471 35.37 -29.73 -1.90
N LYS A 472 36.11 -30.57 -1.18
CA LYS A 472 37.47 -30.26 -0.76
C LYS A 472 37.41 -29.10 0.24
N ASN A 473 36.21 -28.79 0.71
CA ASN A 473 36.04 -27.69 1.65
C ASN A 473 35.35 -28.13 2.93
N LYS A 474 36.14 -28.19 4.00
CA LYS A 474 35.68 -28.62 5.32
C LYS A 474 34.47 -27.88 5.85
N VAL A 475 34.62 -26.59 6.13
CA VAL A 475 33.53 -25.84 6.72
C VAL A 475 32.34 -25.46 5.84
N LEU A 476 32.51 -25.57 4.51
CA LEU A 476 31.40 -25.29 3.61
C LEU A 476 30.45 -26.46 3.81
N ALA A 477 31.06 -27.65 3.92
CA ALA A 477 30.34 -28.89 4.15
C ALA A 477 29.56 -28.78 5.46
N LYS A 478 30.30 -28.64 6.55
CA LYS A 478 29.69 -28.51 7.87
C LYS A 478 28.48 -27.58 7.74
N LYS A 479 28.74 -26.36 7.28
CA LYS A 479 27.68 -25.37 7.10
C LYS A 479 26.50 -25.91 6.32
N LEU A 480 26.79 -26.62 5.23
CA LEU A 480 25.73 -27.17 4.41
C LEU A 480 24.90 -28.19 5.16
N LEU A 481 25.56 -29.14 5.81
CA LEU A 481 24.85 -30.17 6.55
C LEU A 481 24.02 -29.56 7.66
N ASP A 482 24.53 -28.51 8.29
CA ASP A 482 23.83 -27.84 9.39
C ASP A 482 22.56 -27.22 8.86
N LEU A 483 22.68 -26.58 7.71
CA LEU A 483 21.55 -25.94 7.05
C LEU A 483 20.69 -27.00 6.35
N TYR A 484 21.33 -27.87 5.59
CA TYR A 484 20.62 -28.93 4.89
C TYR A 484 21.02 -30.20 5.62
N LYS A 485 20.09 -30.81 6.36
CA LYS A 485 20.43 -32.01 7.15
C LYS A 485 21.27 -33.09 6.47
N THR A 486 20.93 -33.40 5.22
CA THR A 486 21.65 -34.42 4.47
C THR A 486 21.91 -33.97 3.04
N PRO A 487 23.03 -34.40 2.43
CA PRO A 487 23.35 -34.00 1.06
C PRO A 487 22.22 -34.17 0.07
N ASP A 488 21.28 -35.06 0.36
CA ASP A 488 20.17 -35.32 -0.55
C ASP A 488 19.15 -34.19 -0.59
N ASN A 489 19.09 -33.38 0.46
CA ASN A 489 18.13 -32.29 0.51
C ASN A 489 18.71 -30.96 0.01
N ILE A 490 20.04 -30.87 -0.02
CA ILE A 490 20.68 -29.66 -0.50
C ILE A 490 20.08 -29.35 -1.86
N ASP A 491 19.47 -28.18 -2.00
CA ASP A 491 18.91 -27.81 -3.28
C ASP A 491 20.09 -27.78 -4.30
N ILE A 492 19.86 -28.34 -5.48
CA ILE A 492 20.89 -28.47 -6.52
C ILE A 492 21.75 -27.26 -6.94
N TRP A 493 21.14 -26.10 -7.15
CA TRP A 493 21.89 -24.93 -7.59
C TRP A 493 23.16 -24.73 -6.74
N ILE A 494 22.95 -24.49 -5.45
CA ILE A 494 24.06 -24.28 -4.52
C ILE A 494 24.85 -25.57 -4.40
N GLY A 495 24.14 -26.69 -4.51
CA GLY A 495 24.80 -27.98 -4.44
C GLY A 495 25.80 -28.07 -5.59
N GLY A 496 25.32 -27.82 -6.80
CA GLY A 496 26.20 -27.84 -7.95
C GLY A 496 27.32 -26.81 -7.91
N ASN A 497 26.99 -25.58 -7.55
CA ASN A 497 28.00 -24.53 -7.49
C ASN A 497 28.94 -24.64 -6.30
N ALA A 498 28.55 -25.42 -5.28
CA ALA A 498 29.37 -25.58 -4.08
C ALA A 498 30.60 -26.44 -4.30
N GLU A 499 30.67 -27.11 -5.45
CA GLU A 499 31.83 -27.94 -5.76
C GLU A 499 32.89 -27.07 -6.34
N PRO A 500 34.15 -27.45 -6.19
CA PRO A 500 35.22 -26.62 -6.76
C PRO A 500 35.19 -26.76 -8.28
N MET A 501 35.85 -25.84 -8.98
CA MET A 501 35.85 -25.85 -10.43
C MET A 501 36.81 -26.87 -11.02
N VAL A 502 36.37 -27.54 -12.07
CA VAL A 502 37.17 -28.55 -12.73
C VAL A 502 38.34 -27.95 -13.49
N GLU A 503 39.29 -28.82 -13.84
CA GLU A 503 40.51 -28.45 -14.54
C GLU A 503 40.34 -27.58 -15.77
N ARG A 504 40.78 -26.33 -15.64
CA ARG A 504 40.71 -25.34 -16.71
C ARG A 504 39.33 -24.68 -16.90
N GLY A 505 38.29 -25.20 -16.25
CA GLY A 505 36.96 -24.61 -16.41
C GLY A 505 36.55 -23.71 -15.25
N ARG A 506 35.25 -23.44 -15.12
CA ARG A 506 34.76 -22.61 -14.02
C ARG A 506 33.48 -23.19 -13.39
N VAL A 507 33.34 -24.51 -13.44
CA VAL A 507 32.17 -25.16 -12.86
C VAL A 507 32.57 -26.53 -12.34
N GLY A 508 31.94 -26.95 -11.24
CA GLY A 508 32.26 -28.24 -10.66
C GLY A 508 31.91 -29.42 -11.54
N PRO A 509 32.34 -30.63 -11.15
CA PRO A 509 32.06 -31.85 -11.92
C PRO A 509 30.57 -32.09 -12.22
N LEU A 510 29.71 -31.78 -11.26
CA LEU A 510 28.30 -31.99 -11.52
C LEU A 510 27.79 -31.10 -12.66
N LEU A 511 28.00 -29.80 -12.54
CA LEU A 511 27.51 -28.88 -13.58
C LEU A 511 28.18 -29.19 -14.90
N ALA A 512 29.42 -29.66 -14.85
CA ALA A 512 30.14 -30.00 -16.06
C ALA A 512 29.30 -31.02 -16.82
N CYS A 513 28.82 -32.03 -16.11
CA CYS A 513 28.02 -33.07 -16.73
C CYS A 513 26.61 -32.58 -17.12
N LEU A 514 25.99 -31.78 -16.26
CA LEU A 514 24.66 -31.28 -16.57
C LEU A 514 24.67 -30.36 -17.81
N LEU A 515 25.71 -29.54 -17.92
CA LEU A 515 25.84 -28.63 -19.07
C LEU A 515 26.26 -29.40 -20.30
N GLY A 516 27.28 -30.24 -20.14
CA GLY A 516 27.80 -31.03 -21.24
C GLY A 516 26.72 -31.59 -22.14
N ARG A 517 25.85 -32.45 -21.61
CA ARG A 517 24.81 -33.04 -22.44
C ARG A 517 23.78 -32.05 -22.97
N GLN A 518 23.50 -30.99 -22.24
CA GLN A 518 22.52 -30.04 -22.74
C GLN A 518 23.05 -29.30 -23.96
N PHE A 519 24.35 -29.01 -24.01
CA PHE A 519 24.89 -28.31 -25.16
C PHE A 519 25.12 -29.29 -26.30
N GLN A 520 25.40 -30.54 -25.93
CA GLN A 520 25.60 -31.61 -26.90
C GLN A 520 24.25 -31.91 -27.56
N GLN A 521 23.17 -31.63 -26.84
CA GLN A 521 21.82 -31.86 -27.36
C GLN A 521 21.27 -30.67 -28.16
N ILE A 522 21.82 -29.48 -27.97
CA ILE A 522 21.30 -28.34 -28.72
C ILE A 522 21.89 -28.34 -30.11
N ARG A 523 23.11 -28.87 -30.24
CA ARG A 523 23.82 -28.95 -31.52
C ARG A 523 23.38 -30.17 -32.32
N ASP A 524 23.75 -31.32 -31.80
CA ASP A 524 23.44 -32.58 -32.42
C ASP A 524 21.99 -32.57 -32.93
N GLY A 525 21.06 -32.08 -32.08
CA GLY A 525 19.65 -32.05 -32.45
C GLY A 525 19.14 -30.82 -33.20
N ASP A 526 20.05 -30.01 -33.71
CA ASP A 526 19.62 -28.83 -34.45
C ASP A 526 19.74 -29.12 -35.95
N ARG A 527 18.58 -29.21 -36.61
CA ARG A 527 18.54 -29.46 -38.06
C ARG A 527 19.20 -28.32 -38.82
N PHE A 528 19.25 -27.15 -38.19
CA PHE A 528 19.82 -25.96 -38.81
C PHE A 528 21.20 -25.56 -38.29
N TRP A 529 21.86 -26.46 -37.57
CA TRP A 529 23.19 -26.17 -37.05
C TRP A 529 24.07 -25.77 -38.21
N TRP A 530 24.81 -24.69 -38.04
CA TRP A 530 25.65 -24.14 -39.11
C TRP A 530 26.71 -25.05 -39.73
N GLU A 531 27.03 -26.17 -39.08
CA GLU A 531 28.08 -27.04 -39.59
C GLU A 531 27.56 -28.24 -40.40
N ASN A 532 26.30 -28.58 -40.20
CA ASN A 532 25.67 -29.68 -40.92
C ASN A 532 25.53 -29.29 -42.40
N PRO A 533 25.98 -30.16 -43.31
CA PRO A 533 25.86 -29.85 -44.74
C PRO A 533 24.42 -29.60 -45.13
N GLY A 534 24.22 -28.65 -46.05
CA GLY A 534 22.88 -28.30 -46.48
C GLY A 534 22.59 -26.90 -45.98
N VAL A 535 22.73 -26.71 -44.67
CA VAL A 535 22.47 -25.41 -44.04
C VAL A 535 23.47 -24.33 -44.47
N PHE A 536 24.65 -24.73 -44.90
CA PHE A 536 25.65 -23.76 -45.33
C PHE A 536 26.54 -24.36 -46.41
N THR A 537 27.25 -23.50 -47.14
CA THR A 537 28.16 -23.95 -48.21
C THR A 537 29.57 -23.98 -47.64
N GLU A 538 30.43 -24.82 -48.21
CA GLU A 538 31.80 -24.89 -47.69
C GLU A 538 32.45 -23.51 -47.79
N LYS A 539 32.06 -22.78 -48.83
CA LYS A 539 32.57 -21.43 -49.08
C LYS A 539 32.05 -20.51 -47.99
N GLN A 540 30.83 -20.77 -47.54
CA GLN A 540 30.18 -19.97 -46.50
C GLN A 540 30.69 -20.35 -45.10
N ARG A 541 30.74 -21.65 -44.82
CA ARG A 541 31.24 -22.11 -43.55
C ARG A 541 32.61 -21.50 -43.38
N ASP A 542 33.43 -21.65 -44.42
CA ASP A 542 34.78 -21.11 -44.40
C ASP A 542 34.81 -19.70 -43.84
N SER A 543 33.88 -18.89 -44.33
CA SER A 543 33.76 -17.48 -43.93
C SER A 543 33.38 -17.36 -42.46
N LEU A 544 32.42 -18.17 -42.04
CA LEU A 544 31.93 -18.14 -40.66
C LEU A 544 32.99 -18.54 -39.64
N GLN A 545 33.94 -19.36 -40.06
CA GLN A 545 34.97 -19.83 -39.16
C GLN A 545 35.87 -18.69 -38.68
N LYS A 546 35.74 -17.52 -39.32
CA LYS A 546 36.58 -16.36 -39.01
C LYS A 546 36.05 -15.34 -37.99
N VAL A 547 34.76 -15.37 -37.69
CA VAL A 547 34.17 -14.41 -36.76
C VAL A 547 34.89 -14.28 -35.43
N SER A 548 34.56 -13.21 -34.71
CA SER A 548 35.12 -12.93 -33.39
C SER A 548 34.31 -11.81 -32.72
N PHE A 549 34.19 -11.90 -31.40
CA PHE A 549 33.46 -10.88 -30.65
C PHE A 549 34.17 -9.60 -30.95
N SER A 550 35.48 -9.65 -30.92
CA SER A 550 36.28 -8.48 -31.21
C SER A 550 35.69 -7.87 -32.46
N ARG A 551 35.56 -8.64 -33.53
CA ARG A 551 35.06 -8.10 -34.78
C ARG A 551 33.68 -7.57 -34.60
N LEU A 552 32.82 -8.32 -33.97
CA LEU A 552 31.48 -7.85 -33.69
C LEU A 552 31.49 -6.40 -33.19
N ILE A 553 32.38 -6.12 -32.24
CA ILE A 553 32.50 -4.78 -31.65
C ILE A 553 33.02 -3.81 -32.70
N CYS A 554 34.08 -4.21 -33.41
CA CYS A 554 34.63 -3.36 -34.44
C CYS A 554 33.61 -2.95 -35.50
N ASP A 555 32.74 -3.88 -35.92
CA ASP A 555 31.74 -3.58 -36.94
C ASP A 555 30.58 -2.73 -36.41
N ASN A 556 30.26 -2.88 -35.14
CA ASN A 556 29.09 -2.20 -34.60
C ASN A 556 29.25 -1.21 -33.44
N THR A 557 30.39 -0.53 -33.37
CA THR A 557 30.64 0.46 -32.34
C THR A 557 31.69 1.41 -32.93
N HIS A 558 32.30 2.25 -32.11
CA HIS A 558 33.34 3.13 -32.62
C HIS A 558 34.66 2.82 -31.93
N ILE A 559 34.69 1.69 -31.25
CA ILE A 559 35.90 1.25 -30.57
C ILE A 559 36.90 1.04 -31.69
N THR A 560 38.18 1.02 -31.35
CA THR A 560 39.22 0.81 -32.34
C THR A 560 40.19 -0.27 -31.87
N LYS A 561 40.50 -0.24 -30.57
CA LYS A 561 41.44 -1.19 -29.99
C LYS A 561 40.71 -2.32 -29.26
N VAL A 562 41.09 -3.55 -29.59
CA VAL A 562 40.43 -4.73 -29.05
C VAL A 562 41.40 -5.89 -28.81
N PRO A 563 40.95 -6.94 -28.16
CA PRO A 563 41.82 -8.09 -27.89
C PRO A 563 41.44 -9.23 -28.82
N LEU A 564 42.41 -10.03 -29.25
CA LEU A 564 42.11 -11.15 -30.15
C LEU A 564 41.27 -12.24 -29.46
N HIS A 565 41.44 -12.35 -28.15
CA HIS A 565 40.71 -13.36 -27.37
C HIS A 565 39.81 -12.62 -26.37
N ALA A 566 38.66 -12.16 -26.86
CA ALA A 566 37.72 -11.38 -26.07
C ALA A 566 37.39 -11.89 -24.68
N PHE A 567 37.60 -13.19 -24.43
CA PHE A 567 37.28 -13.80 -23.14
C PHE A 567 38.43 -13.96 -22.15
N GLN A 568 39.56 -14.52 -22.61
CA GLN A 568 40.78 -14.57 -21.83
C GLN A 568 40.98 -13.11 -21.42
N ALA A 569 40.96 -12.86 -20.11
CA ALA A 569 41.12 -11.50 -19.57
C ALA A 569 42.27 -10.77 -20.27
N ASN A 570 41.98 -9.64 -20.89
CA ASN A 570 43.01 -8.90 -21.62
C ASN A 570 43.28 -7.56 -21.00
N ASN A 571 44.56 -7.19 -20.98
CA ASN A 571 44.97 -5.92 -20.41
C ASN A 571 45.38 -4.97 -21.50
N TYR A 572 45.15 -3.68 -21.27
CA TYR A 572 45.47 -2.62 -22.22
C TYR A 572 46.68 -1.80 -21.74
N PRO A 573 47.50 -1.28 -22.66
CA PRO A 573 47.38 -1.41 -24.11
C PRO A 573 48.16 -2.60 -24.67
N HIS A 574 48.71 -3.42 -23.78
CA HIS A 574 49.48 -4.59 -24.21
C HIS A 574 48.68 -5.58 -25.04
N ASP A 575 47.64 -6.16 -24.44
CA ASP A 575 46.82 -7.14 -25.14
C ASP A 575 45.99 -6.58 -26.29
N PHE A 576 45.68 -5.29 -26.24
CA PHE A 576 44.87 -4.70 -27.30
C PHE A 576 45.62 -4.40 -28.59
N VAL A 577 44.87 -4.50 -29.69
CA VAL A 577 45.38 -4.25 -31.04
C VAL A 577 44.26 -3.62 -31.85
N ASP A 578 44.61 -2.98 -32.95
CA ASP A 578 43.64 -2.31 -33.81
C ASP A 578 42.71 -3.26 -34.56
N CYS A 579 41.52 -2.77 -34.89
CA CYS A 579 40.52 -3.55 -35.62
C CYS A 579 41.03 -4.16 -36.92
N SER A 580 41.88 -3.44 -37.61
CA SER A 580 42.42 -3.94 -38.87
C SER A 580 43.12 -5.30 -38.74
N ALA A 581 43.79 -5.53 -37.62
CA ALA A 581 44.50 -6.79 -37.41
C ALA A 581 43.55 -7.93 -37.03
N VAL A 582 42.25 -7.63 -36.97
CA VAL A 582 41.24 -8.64 -36.61
C VAL A 582 40.43 -9.09 -37.81
N ASP A 583 40.45 -10.40 -38.06
CA ASP A 583 39.74 -10.99 -39.18
C ASP A 583 38.27 -10.59 -39.30
N LYS A 584 37.80 -10.52 -40.53
CA LYS A 584 36.43 -10.12 -40.81
C LYS A 584 35.63 -11.24 -41.44
N LEU A 585 34.31 -11.06 -41.46
CA LEU A 585 33.42 -12.03 -42.07
C LEU A 585 33.28 -11.66 -43.54
N ASP A 586 33.90 -12.44 -44.42
CA ASP A 586 33.84 -12.18 -45.85
C ASP A 586 32.42 -12.49 -46.30
N LEU A 587 31.73 -11.49 -46.83
CA LEU A 587 30.35 -11.67 -47.28
C LEU A 587 30.24 -12.06 -48.75
N SER A 588 31.38 -12.28 -49.39
CA SER A 588 31.41 -12.66 -50.80
C SER A 588 30.68 -13.97 -51.09
N PRO A 589 30.93 -15.01 -50.29
CA PRO A 589 30.33 -16.34 -50.43
C PRO A 589 28.81 -16.46 -50.44
N TRP A 590 28.12 -15.38 -50.13
CA TRP A 590 26.66 -15.41 -50.12
C TRP A 590 26.10 -14.88 -51.45
N ALA A 591 26.83 -13.96 -52.06
CA ALA A 591 26.44 -13.35 -53.34
C ALA A 591 25.93 -14.34 -54.38
N SER A 592 24.89 -13.92 -55.10
CA SER A 592 24.27 -14.72 -56.15
C SER A 592 24.36 -14.05 -57.51
N ARG A 593 24.91 -14.78 -58.48
CA ARG A 593 25.00 -14.30 -59.86
C ARG A 593 23.64 -14.66 -60.46
N GLU A 594 22.82 -13.65 -60.72
CA GLU A 594 21.49 -13.85 -61.26
C GLU A 594 21.36 -14.62 -62.58
N ASN A 595 22.47 -14.83 -63.28
CA ASN A 595 22.44 -15.54 -64.56
C ASN A 595 23.09 -16.91 -64.51
N SER B 1 -29.61 -4.67 -14.34
CA SER B 1 -29.93 -3.30 -14.83
C SER B 1 -31.37 -3.23 -15.34
N TRP B 2 -31.85 -2.00 -15.54
CA TRP B 2 -33.21 -1.77 -16.02
C TRP B 2 -33.40 -0.34 -16.55
N GLU B 3 -34.51 -0.11 -17.24
CA GLU B 3 -34.84 1.19 -17.81
C GLU B 3 -33.74 1.86 -18.63
N VAL B 4 -33.32 1.21 -19.72
CA VAL B 4 -32.26 1.74 -20.58
C VAL B 4 -32.62 3.06 -21.32
N GLY B 5 -33.87 3.20 -21.76
CA GLY B 5 -34.31 4.42 -22.44
C GLY B 5 -35.32 5.27 -21.67
N CYS B 6 -35.06 6.57 -21.60
CA CYS B 6 -35.92 7.51 -20.87
C CYS B 6 -36.19 8.83 -21.61
N GLY B 7 -37.20 9.58 -21.20
CA GLY B 7 -37.52 10.85 -21.84
C GLY B 7 -36.67 12.09 -21.64
N ALA B 8 -36.44 12.83 -22.72
CA ALA B 8 -35.77 14.13 -22.74
C ALA B 8 -35.95 14.82 -24.08
N PRO B 9 -35.60 16.09 -24.17
CA PRO B 9 -35.83 16.84 -25.41
C PRO B 9 -34.75 16.62 -26.46
N VAL B 10 -34.71 15.40 -26.96
CA VAL B 10 -33.92 15.07 -28.13
C VAL B 10 -34.96 14.58 -29.12
N PRO B 11 -35.22 15.43 -30.05
CA PRO B 11 -35.88 14.98 -31.23
C PRO B 11 -34.81 14.11 -31.93
N LEU B 12 -35.21 13.32 -32.90
CA LEU B 12 -34.32 12.34 -33.46
C LEU B 12 -33.07 13.06 -33.97
N VAL B 13 -33.21 14.29 -34.44
CA VAL B 13 -31.98 15.03 -34.79
C VAL B 13 -31.08 14.34 -35.84
N THR B 14 -31.72 13.98 -36.94
CA THR B 14 -31.22 13.13 -37.99
C THR B 14 -29.79 13.28 -38.28
N CYS B 15 -29.18 12.19 -38.66
CA CYS B 15 -27.74 12.20 -38.82
C CYS B 15 -27.41 12.14 -40.31
N ASP B 16 -26.99 13.26 -40.89
CA ASP B 16 -26.62 13.32 -42.29
C ASP B 16 -25.54 12.29 -42.62
N GLU B 17 -24.50 12.24 -41.79
CA GLU B 17 -23.38 11.31 -41.95
C GLU B 17 -22.52 11.61 -43.18
N GLN B 18 -22.97 12.55 -44.00
CA GLN B 18 -22.24 12.89 -45.22
C GLN B 18 -21.28 14.05 -45.03
N SER B 19 -21.52 14.93 -44.06
CA SER B 19 -20.59 16.04 -43.79
C SER B 19 -19.59 15.59 -42.81
N PRO B 20 -18.34 15.86 -43.07
CA PRO B 20 -17.23 15.43 -42.21
C PRO B 20 -16.97 16.36 -41.04
N TYR B 21 -17.96 17.12 -40.62
CA TYR B 21 -17.78 18.01 -39.49
C TYR B 21 -18.77 17.57 -38.40
N ARG B 22 -18.31 17.46 -37.15
CA ARG B 22 -19.22 17.01 -36.11
C ARG B 22 -20.30 18.03 -35.81
N THR B 23 -21.37 17.55 -35.19
CA THR B 23 -22.48 18.40 -34.80
C THR B 23 -21.99 19.33 -33.70
N ILE B 24 -22.89 20.18 -33.24
CA ILE B 24 -22.61 21.12 -32.17
C ILE B 24 -22.99 20.39 -30.88
N THR B 25 -24.03 19.58 -31.01
CA THR B 25 -24.58 18.81 -29.90
C THR B 25 -23.69 17.64 -29.49
N GLY B 26 -22.92 17.11 -30.44
CA GLY B 26 -22.03 15.99 -30.16
C GLY B 26 -22.53 14.73 -30.85
N ASP B 27 -23.84 14.70 -31.11
CA ASP B 27 -24.51 13.56 -31.75
C ASP B 27 -23.89 13.18 -33.09
N CYS B 28 -24.45 12.17 -33.72
CA CYS B 28 -23.98 11.66 -35.01
C CYS B 28 -22.48 11.45 -35.07
N ASN B 29 -21.81 11.44 -33.91
CA ASN B 29 -20.38 11.20 -33.89
C ASN B 29 -20.16 9.69 -34.08
N ASN B 30 -20.86 8.94 -33.24
CA ASN B 30 -20.80 7.49 -33.25
C ASN B 30 -22.10 7.04 -33.87
N ARG B 31 -22.10 5.87 -34.49
CA ARG B 31 -23.29 5.38 -35.16
C ARG B 31 -24.03 4.23 -34.49
N ARG B 32 -23.30 3.27 -33.94
CA ARG B 32 -23.92 2.14 -33.24
C ARG B 32 -25.03 2.78 -32.35
N SER B 33 -24.62 3.72 -31.52
CA SER B 33 -25.50 4.47 -30.60
C SER B 33 -25.08 5.92 -30.78
N PRO B 34 -25.68 6.61 -31.75
CA PRO B 34 -25.38 8.02 -32.08
C PRO B 34 -25.52 9.09 -31.00
N ALA B 35 -26.17 8.75 -29.89
CA ALA B 35 -26.34 9.73 -28.82
C ALA B 35 -25.24 9.58 -27.77
N LEU B 36 -24.24 8.74 -28.05
CA LEU B 36 -23.12 8.54 -27.12
C LEU B 36 -22.41 9.86 -26.86
N GLY B 37 -22.35 10.24 -25.59
CA GLY B 37 -21.70 11.49 -25.21
C GLY B 37 -22.27 12.70 -25.92
N ALA B 38 -23.58 12.88 -25.83
CA ALA B 38 -24.20 14.00 -26.48
C ALA B 38 -24.68 14.99 -25.45
N ALA B 39 -24.44 16.28 -25.69
CA ALA B 39 -24.82 17.34 -24.76
C ALA B 39 -26.26 17.20 -24.21
N ASN B 40 -26.39 17.36 -22.90
CA ASN B 40 -27.67 17.27 -22.22
C ASN B 40 -28.33 15.90 -22.20
N ARG B 41 -27.52 14.91 -21.81
CA ARG B 41 -27.91 13.52 -21.63
C ARG B 41 -27.12 13.11 -20.37
N ALA B 42 -27.57 12.07 -19.67
CA ALA B 42 -26.90 11.65 -18.44
C ALA B 42 -25.41 11.34 -18.54
N LEU B 43 -24.69 11.61 -17.45
CA LEU B 43 -23.26 11.32 -17.33
C LEU B 43 -23.21 9.83 -17.05
N ALA B 44 -22.23 9.12 -17.59
CA ALA B 44 -22.17 7.69 -17.37
C ALA B 44 -22.02 7.31 -15.90
N ARG B 45 -22.31 6.04 -15.59
CA ARG B 45 -22.20 5.50 -14.24
C ARG B 45 -21.19 4.35 -14.26
N TRP B 46 -19.91 4.66 -14.09
CA TRP B 46 -18.88 3.63 -14.10
C TRP B 46 -19.06 2.66 -12.94
N LEU B 47 -19.77 3.13 -11.91
CA LEU B 47 -20.11 2.36 -10.70
C LEU B 47 -21.53 2.78 -10.30
N PRO B 48 -22.25 1.91 -9.59
CA PRO B 48 -23.60 2.24 -9.15
C PRO B 48 -23.65 3.56 -8.40
N ALA B 49 -24.80 4.21 -8.43
CA ALA B 49 -24.99 5.47 -7.72
C ALA B 49 -25.11 5.08 -6.25
N GLU B 50 -25.00 6.02 -5.32
CA GLU B 50 -25.09 5.69 -3.89
C GLU B 50 -25.68 6.78 -3.02
N TYR B 51 -26.97 6.64 -2.78
CA TYR B 51 -27.77 7.57 -2.01
C TYR B 51 -28.35 6.92 -0.76
N GLU B 52 -28.93 7.71 0.13
CA GLU B 52 -29.52 7.15 1.36
C GLU B 52 -30.67 6.21 1.03
N ASP B 53 -31.58 6.66 0.19
CA ASP B 53 -32.73 5.85 -0.17
C ASP B 53 -32.41 5.01 -1.40
N GLY B 54 -31.22 5.22 -1.94
CA GLY B 54 -30.83 4.44 -3.10
C GLY B 54 -31.30 4.92 -4.44
N LEU B 55 -32.05 6.03 -4.49
CA LEU B 55 -32.51 6.55 -5.79
C LEU B 55 -32.14 8.00 -6.08
N ALA B 56 -32.47 8.89 -5.17
CA ALA B 56 -32.22 10.31 -5.37
C ALA B 56 -31.92 11.09 -4.10
N VAL B 57 -31.82 10.41 -2.97
CA VAL B 57 -31.56 11.09 -1.70
C VAL B 57 -30.08 11.15 -1.34
N PRO B 58 -29.53 12.37 -1.16
CA PRO B 58 -28.12 12.55 -0.83
C PRO B 58 -27.70 12.15 0.59
N PHE B 59 -26.66 11.33 0.71
CA PHE B 59 -26.15 10.91 2.00
C PHE B 59 -25.76 12.18 2.71
N GLY B 60 -26.32 12.42 3.89
CA GLY B 60 -25.98 13.63 4.62
C GLY B 60 -27.22 14.50 4.75
N TRP B 61 -28.30 14.02 4.14
CA TRP B 61 -29.58 14.72 4.11
C TRP B 61 -30.46 14.39 5.33
N THR B 62 -30.61 13.10 5.66
CA THR B 62 -31.45 12.70 6.79
C THR B 62 -30.65 12.59 8.09
N GLN B 63 -30.84 13.58 8.97
CA GLN B 63 -30.13 13.64 10.24
C GLN B 63 -29.95 12.30 10.98
N ARG B 64 -31.05 11.68 11.40
CA ARG B 64 -30.94 10.41 12.11
C ARG B 64 -30.28 9.29 11.28
N LYS B 65 -30.54 9.27 9.97
CA LYS B 65 -29.98 8.26 9.07
C LYS B 65 -28.46 8.38 8.98
N THR B 66 -27.82 7.32 8.49
CA THR B 66 -26.38 7.33 8.38
C THR B 66 -25.91 6.45 7.24
N ARG B 67 -24.64 6.57 6.90
CA ARG B 67 -24.03 5.76 5.86
C ARG B 67 -23.08 4.77 6.52
N ASN B 68 -23.25 3.49 6.22
CA ASN B 68 -22.41 2.44 6.79
C ASN B 68 -22.28 2.56 8.31
N GLY B 69 -23.41 2.81 8.97
CA GLY B 69 -23.39 2.89 10.42
C GLY B 69 -22.73 4.12 11.04
N PHE B 70 -22.50 5.14 10.22
CA PHE B 70 -21.90 6.38 10.71
C PHE B 70 -22.59 7.48 9.96
N ARG B 71 -22.56 8.69 10.50
CA ARG B 71 -23.16 9.82 9.82
C ARG B 71 -22.03 10.53 9.07
N VAL B 72 -22.28 10.97 7.84
CA VAL B 72 -21.23 11.66 7.11
C VAL B 72 -21.09 13.05 7.72
N PRO B 73 -19.84 13.55 7.81
CA PRO B 73 -19.60 14.87 8.38
C PRO B 73 -20.10 15.93 7.44
N LEU B 74 -20.29 17.13 7.98
CA LEU B 74 -20.75 18.28 7.24
C LEU B 74 -19.67 18.70 6.26
N ALA B 75 -20.04 19.00 5.03
CA ALA B 75 -19.05 19.47 4.07
C ALA B 75 -18.21 20.60 4.68
N ARG B 76 -18.86 21.62 5.22
CA ARG B 76 -18.12 22.76 5.80
C ARG B 76 -17.17 22.40 6.96
N GLU B 77 -17.48 21.40 7.78
CA GLU B 77 -16.51 21.09 8.83
C GLU B 77 -15.29 20.38 8.28
N VAL B 78 -15.47 19.48 7.31
CA VAL B 78 -14.34 18.78 6.73
C VAL B 78 -13.51 19.77 5.93
N SER B 79 -14.19 20.76 5.39
CA SER B 79 -13.55 21.83 4.63
C SER B 79 -12.65 22.54 5.60
N ASN B 80 -13.25 23.08 6.66
CA ASN B 80 -12.49 23.80 7.68
C ASN B 80 -11.32 23.03 8.26
N LYS B 81 -11.58 21.81 8.73
CA LYS B 81 -10.53 21.01 9.37
C LYS B 81 -9.44 20.41 8.48
N ILE B 82 -9.74 20.23 7.20
CA ILE B 82 -8.79 19.60 6.31
C ILE B 82 -8.24 20.46 5.19
N VAL B 83 -9.14 21.14 4.50
CA VAL B 83 -8.77 21.96 3.35
C VAL B 83 -8.24 23.36 3.66
N GLY B 84 -8.76 23.98 4.71
CA GLY B 84 -8.35 25.32 5.07
C GLY B 84 -6.93 25.52 5.57
N TYR B 85 -6.36 26.67 5.20
CA TYR B 85 -5.02 27.08 5.62
C TYR B 85 -4.86 28.60 5.45
N LEU B 86 -4.02 29.23 6.29
CA LEU B 86 -3.81 30.68 6.28
C LEU B 86 -2.58 31.21 5.56
N ASP B 87 -1.44 30.59 5.78
CA ASP B 87 -0.16 31.05 5.26
C ASP B 87 0.14 30.75 3.79
N GLU B 88 -0.08 31.75 2.92
CA GLU B 88 0.14 31.58 1.49
C GLU B 88 1.61 31.60 1.08
N GLU B 89 2.49 31.69 2.07
CA GLU B 89 3.92 31.73 1.77
C GLU B 89 4.46 30.35 1.42
N GLY B 90 5.11 30.26 0.28
CA GLY B 90 5.70 29.00 -0.13
C GLY B 90 4.75 27.90 -0.54
N VAL B 91 3.66 28.26 -1.21
CA VAL B 91 2.73 27.25 -1.69
C VAL B 91 2.73 27.23 -3.20
N LEU B 92 3.66 27.93 -3.81
CA LEU B 92 3.71 27.97 -5.27
C LEU B 92 4.45 26.78 -5.89
N ASP B 93 4.06 26.44 -7.10
CA ASP B 93 4.66 25.33 -7.85
C ASP B 93 5.90 25.85 -8.59
N GLN B 94 7.06 25.35 -8.22
CA GLN B 94 8.28 25.73 -8.87
C GLN B 94 8.31 25.33 -10.31
N ASN B 95 7.74 24.20 -10.67
CA ASN B 95 7.73 23.88 -12.08
C ASN B 95 6.38 23.97 -12.83
N ARG B 96 5.36 24.59 -12.27
CA ARG B 96 4.10 24.67 -12.98
C ARG B 96 3.69 26.11 -13.04
N SER B 97 3.53 26.61 -14.26
CA SER B 97 3.12 27.98 -14.50
C SER B 97 1.67 28.14 -14.03
N LEU B 98 1.19 29.37 -14.07
CA LEU B 98 -0.19 29.68 -13.69
C LEU B 98 -1.09 29.12 -14.80
N LEU B 99 -0.60 29.19 -16.05
CA LEU B 99 -1.34 28.69 -17.20
C LEU B 99 -1.71 27.25 -17.01
N PHE B 100 -0.82 26.49 -16.38
CA PHE B 100 -1.05 25.08 -16.15
C PHE B 100 -2.41 24.90 -15.50
N MET B 101 -2.66 25.67 -14.44
CA MET B 101 -3.94 25.62 -13.71
C MET B 101 -5.13 26.01 -14.62
N GLN B 102 -4.91 26.96 -15.52
CA GLN B 102 -5.96 27.43 -16.41
C GLN B 102 -6.34 26.57 -17.63
N TRP B 103 -5.41 25.80 -18.18
CA TRP B 103 -5.78 24.97 -19.33
C TRP B 103 -6.72 23.86 -18.85
N GLY B 104 -6.48 23.39 -17.64
CA GLY B 104 -7.31 22.33 -17.11
C GLY B 104 -8.76 22.74 -16.91
N GLN B 105 -8.98 23.99 -16.54
CA GLN B 105 -10.33 24.48 -16.32
C GLN B 105 -11.01 24.65 -17.67
N ILE B 106 -10.21 25.06 -18.65
CA ILE B 106 -10.65 25.25 -20.03
C ILE B 106 -11.17 23.92 -20.51
N VAL B 107 -10.35 22.91 -20.48
CA VAL B 107 -10.78 21.59 -20.88
C VAL B 107 -11.94 21.06 -20.09
N ASP B 108 -11.95 21.21 -18.80
CA ASP B 108 -13.02 20.66 -17.93
C ASP B 108 -14.30 21.28 -18.45
N HIS B 109 -14.23 22.48 -19.05
CA HIS B 109 -15.48 23.11 -19.49
C HIS B 109 -15.86 22.62 -20.88
N ASP B 110 -14.87 22.10 -21.57
CA ASP B 110 -15.08 21.55 -22.88
C ASP B 110 -15.86 20.28 -22.61
N LEU B 111 -15.25 19.42 -21.80
CA LEU B 111 -15.77 18.10 -21.47
C LEU B 111 -17.08 17.91 -20.68
N ASP B 112 -17.24 18.63 -19.57
CA ASP B 112 -18.44 18.41 -18.78
C ASP B 112 -18.97 19.60 -17.98
N PHE B 113 -20.22 19.43 -17.53
CA PHE B 113 -20.95 20.45 -16.77
C PHE B 113 -22.29 19.88 -16.34
N ALA B 114 -22.67 20.18 -15.11
CA ALA B 114 -23.94 19.73 -14.55
C ALA B 114 -24.71 20.99 -14.21
N PRO B 115 -25.69 21.36 -15.06
CA PRO B 115 -26.47 22.57 -14.78
C PRO B 115 -27.03 22.56 -13.38
N GLU B 116 -26.92 23.70 -12.70
CA GLU B 116 -27.46 23.81 -11.35
C GLU B 116 -28.91 24.18 -11.57
N THR B 117 -29.73 23.98 -10.54
CA THR B 117 -31.16 24.24 -10.64
C THR B 117 -31.65 25.63 -10.20
N GLU B 118 -32.15 26.42 -11.15
CA GLU B 118 -32.66 27.75 -10.84
C GLU B 118 -34.19 27.71 -10.92
N LEU B 119 -34.68 27.19 -12.03
CA LEU B 119 -36.09 26.91 -12.21
C LEU B 119 -37.06 28.08 -12.13
N GLY B 120 -36.70 29.21 -12.71
CA GLY B 120 -37.54 30.40 -12.65
C GLY B 120 -37.07 31.48 -11.69
N SER B 121 -37.70 32.65 -11.77
CA SER B 121 -37.34 33.79 -10.92
C SER B 121 -38.09 33.87 -9.60
N SER B 122 -39.42 33.76 -9.66
CA SER B 122 -40.24 33.82 -8.44
C SER B 122 -40.28 32.50 -7.67
N GLU B 123 -39.34 32.35 -6.75
CA GLU B 123 -39.27 31.13 -5.95
C GLU B 123 -39.38 31.48 -4.47
N HIS B 124 -40.43 31.01 -3.81
CA HIS B 124 -40.58 31.24 -2.39
C HIS B 124 -39.46 30.36 -1.82
N SER B 125 -39.19 29.28 -2.54
CA SER B 125 -38.14 28.33 -2.19
C SER B 125 -36.81 29.04 -2.05
N LYS B 126 -36.45 29.85 -3.03
CA LYS B 126 -35.18 30.58 -2.94
C LYS B 126 -35.16 31.33 -1.62
N VAL B 127 -36.27 31.97 -1.29
CA VAL B 127 -36.38 32.72 -0.03
C VAL B 127 -36.02 31.75 1.10
N GLN B 128 -36.71 30.62 1.10
CA GLN B 128 -36.55 29.58 2.11
C GLN B 128 -35.21 28.84 2.12
N CYS B 129 -34.40 29.03 1.09
CA CYS B 129 -33.14 28.32 0.99
C CYS B 129 -31.93 29.07 1.54
N GLU B 130 -31.66 30.25 0.99
CA GLU B 130 -30.53 31.02 1.48
C GLU B 130 -30.91 31.61 2.84
N GLU B 131 -31.99 32.38 2.82
CA GLU B 131 -32.47 33.07 4.00
C GLU B 131 -32.86 32.23 5.21
N TYR B 132 -33.72 31.24 5.02
CA TYR B 132 -34.15 30.43 6.15
C TYR B 132 -33.50 29.05 6.29
N CYS B 133 -32.67 28.69 5.32
CA CYS B 133 -31.97 27.41 5.33
C CYS B 133 -32.93 26.24 5.52
N VAL B 134 -34.04 26.32 4.80
CA VAL B 134 -35.04 25.27 4.83
C VAL B 134 -34.61 24.20 3.85
N GLN B 135 -34.18 23.05 4.37
CA GLN B 135 -33.76 21.96 3.49
C GLN B 135 -35.01 21.40 2.86
N GLY B 136 -34.96 21.02 1.58
CA GLY B 136 -36.14 20.48 0.94
C GLY B 136 -36.09 20.50 -0.58
N ASP B 137 -36.63 19.47 -1.20
CA ASP B 137 -36.73 19.47 -2.66
C ASP B 137 -35.34 19.73 -3.28
N GLU B 138 -35.27 20.68 -4.20
CA GLU B 138 -34.01 21.06 -4.85
C GLU B 138 -33.00 21.64 -3.86
N CYS B 139 -33.46 22.48 -2.94
CA CYS B 139 -32.54 23.13 -2.01
C CYS B 139 -31.89 22.08 -1.11
N PHE B 140 -30.59 22.21 -0.94
CA PHE B 140 -29.85 21.26 -0.10
C PHE B 140 -28.71 22.03 0.53
N PRO B 141 -29.04 22.98 1.42
CA PRO B 141 -28.09 23.83 2.13
C PRO B 141 -26.94 23.16 2.86
N ILE B 142 -25.80 23.85 2.81
CA ILE B 142 -24.56 23.44 3.47
C ILE B 142 -24.58 24.14 4.82
N MET B 143 -24.71 23.38 5.89
CA MET B 143 -24.78 23.93 7.23
C MET B 143 -23.41 24.22 7.84
N PHE B 144 -23.33 25.23 8.68
CA PHE B 144 -22.07 25.56 9.33
C PHE B 144 -22.02 24.80 10.64
N PRO B 145 -20.85 24.30 11.02
CA PRO B 145 -20.63 23.55 12.27
C PRO B 145 -20.39 24.63 13.31
N LYS B 146 -20.66 24.37 14.58
CA LYS B 146 -20.47 25.41 15.57
C LYS B 146 -19.09 26.03 15.51
N ASN B 147 -18.96 27.21 16.12
CA ASN B 147 -17.68 27.93 16.16
C ASN B 147 -17.21 28.26 14.74
N ASP B 148 -18.12 28.19 13.79
CA ASP B 148 -17.77 28.50 12.42
C ASP B 148 -17.88 30.00 12.31
N PRO B 149 -16.75 30.68 12.08
CA PRO B 149 -16.78 32.14 11.98
C PRO B 149 -17.81 32.71 10.99
N LYS B 150 -18.40 31.87 10.16
CA LYS B 150 -19.40 32.37 9.22
C LYS B 150 -20.79 32.36 9.83
N LEU B 151 -20.91 31.74 11.00
CA LEU B 151 -22.18 31.67 11.70
C LEU B 151 -22.78 33.06 11.89
N LYS B 152 -21.92 34.02 12.22
CA LYS B 152 -22.36 35.36 12.54
C LYS B 152 -22.51 36.35 11.38
N THR B 153 -21.80 36.10 10.29
CA THR B 153 -21.88 37.00 9.15
C THR B 153 -22.76 36.50 8.02
N GLN B 154 -23.01 35.20 7.99
CA GLN B 154 -23.83 34.65 6.92
C GLN B 154 -24.94 33.77 7.48
N GLY B 155 -25.17 33.88 8.79
CA GLY B 155 -26.22 33.08 9.37
C GLY B 155 -25.93 31.61 9.55
N LYS B 156 -26.97 30.81 9.40
CA LYS B 156 -26.91 29.38 9.61
C LYS B 156 -26.33 28.47 8.54
N CYS B 157 -26.63 28.73 7.27
CA CYS B 157 -26.12 27.87 6.22
C CYS B 157 -25.53 28.62 5.05
N MET B 158 -25.30 27.85 4.00
CA MET B 158 -24.82 28.35 2.72
C MET B 158 -25.81 27.77 1.75
N PRO B 159 -26.46 28.62 0.95
CA PRO B 159 -27.41 28.04 0.01
C PRO B 159 -26.70 27.15 -0.98
N PHE B 160 -27.40 26.14 -1.46
CA PHE B 160 -26.86 25.17 -2.42
C PHE B 160 -28.05 24.50 -3.10
N PHE B 161 -28.01 24.35 -4.41
CA PHE B 161 -29.11 23.72 -5.15
C PHE B 161 -28.69 22.45 -5.85
N ARG B 162 -29.42 21.36 -5.66
CA ARG B 162 -29.07 20.09 -6.30
C ARG B 162 -28.90 20.20 -7.82
N ALA B 163 -28.21 19.23 -8.40
CA ALA B 163 -27.94 19.18 -9.83
C ALA B 163 -29.10 18.59 -10.61
N GLY B 164 -29.31 19.08 -11.82
CA GLY B 164 -30.40 18.57 -12.65
C GLY B 164 -30.17 17.13 -13.06
N PHE B 165 -31.23 16.44 -13.44
CA PHE B 165 -31.09 15.05 -13.80
C PHE B 165 -31.95 14.57 -14.95
N VAL B 166 -31.59 13.41 -15.47
CA VAL B 166 -32.26 12.77 -16.60
C VAL B 166 -33.69 12.32 -16.34
N CYS B 167 -34.33 11.87 -17.42
CA CYS B 167 -35.69 11.35 -17.34
C CYS B 167 -36.61 12.46 -16.89
N PRO B 168 -37.65 12.14 -16.11
CA PRO B 168 -38.45 13.25 -15.59
C PRO B 168 -37.56 14.25 -14.82
N THR B 169 -37.86 15.55 -14.91
CA THR B 169 -37.08 16.56 -14.18
C THR B 169 -37.30 16.43 -12.66
N PRO B 170 -38.51 16.00 -12.22
CA PRO B 170 -38.70 15.84 -10.76
C PRO B 170 -38.16 14.43 -10.43
N PRO B 171 -37.65 14.20 -9.20
CA PRO B 171 -37.10 12.89 -8.84
C PRO B 171 -37.90 11.65 -9.28
N TYR B 172 -37.24 10.73 -9.98
CA TYR B 172 -37.89 9.51 -10.48
C TYR B 172 -37.70 8.23 -9.64
N GLN B 173 -38.63 7.29 -9.80
CA GLN B 173 -38.62 6.01 -9.09
C GLN B 173 -37.91 4.87 -9.83
N SER B 174 -37.59 3.78 -9.12
CA SER B 174 -37.02 2.57 -9.72
C SER B 174 -35.55 2.63 -10.16
N LEU B 175 -35.24 3.59 -11.02
CA LEU B 175 -33.88 3.72 -11.57
C LEU B 175 -33.11 4.89 -10.93
N ALA B 176 -31.90 4.59 -10.48
CA ALA B 176 -31.07 5.57 -9.79
C ALA B 176 -30.92 6.86 -10.58
N ARG B 177 -30.83 7.96 -9.85
CA ARG B 177 -30.71 9.30 -10.39
C ARG B 177 -29.39 9.58 -11.08
N ASP B 178 -29.47 9.97 -12.35
CA ASP B 178 -28.28 10.32 -13.12
C ASP B 178 -28.34 11.82 -13.43
N GLN B 179 -27.28 12.56 -13.08
CA GLN B 179 -27.24 13.99 -13.36
C GLN B 179 -26.99 14.15 -14.86
N ILE B 180 -26.80 15.39 -15.32
CA ILE B 180 -26.65 15.65 -16.75
C ILE B 180 -25.34 16.33 -17.17
N ASN B 181 -24.95 16.14 -18.43
CA ASN B 181 -23.76 16.80 -18.96
C ASN B 181 -24.24 17.64 -20.14
N ALA B 182 -24.27 18.95 -19.96
CA ALA B 182 -24.75 19.88 -20.98
C ALA B 182 -23.86 20.12 -22.19
N VAL B 183 -22.55 20.01 -22.02
CA VAL B 183 -21.64 20.20 -23.15
C VAL B 183 -21.38 18.84 -23.76
N THR B 184 -20.67 18.80 -24.88
CA THR B 184 -20.41 17.51 -25.48
C THR B 184 -19.29 16.89 -24.68
N SER B 185 -19.31 15.57 -24.53
CA SER B 185 -18.27 14.83 -23.80
C SER B 185 -17.02 14.66 -24.69
N PHE B 186 -17.14 15.07 -25.94
CA PHE B 186 -16.09 15.02 -26.96
C PHE B 186 -15.22 16.28 -26.89
N LEU B 187 -13.90 16.14 -26.97
CA LEU B 187 -13.02 17.32 -26.91
C LEU B 187 -13.02 18.11 -28.23
N ASP B 188 -14.18 18.60 -28.62
CA ASP B 188 -14.35 19.36 -29.85
C ASP B 188 -14.13 20.85 -29.64
N ALA B 189 -13.73 21.21 -28.42
CA ALA B 189 -13.56 22.61 -28.05
C ALA B 189 -14.89 23.33 -28.24
N SER B 190 -15.96 22.65 -27.84
CA SER B 190 -17.32 23.16 -27.92
C SER B 190 -17.49 24.38 -27.02
N LEU B 191 -16.71 24.49 -25.96
CA LEU B 191 -16.88 25.66 -25.10
C LEU B 191 -16.66 26.97 -25.87
N VAL B 192 -16.25 26.86 -27.13
CA VAL B 192 -16.01 28.04 -27.98
C VAL B 192 -17.13 28.22 -29.01
N TYR B 193 -17.79 27.12 -29.36
CA TYR B 193 -18.85 27.15 -30.37
C TYR B 193 -20.24 26.84 -29.84
N GLY B 194 -20.33 26.32 -28.61
CA GLY B 194 -21.62 26.02 -28.03
C GLY B 194 -21.92 24.53 -27.95
N SER B 195 -23.06 24.17 -27.36
CA SER B 195 -23.45 22.77 -27.25
C SER B 195 -24.90 22.49 -27.64
N GLU B 196 -25.53 23.51 -28.21
CA GLU B 196 -26.89 23.41 -28.73
C GLU B 196 -26.88 24.46 -29.85
N PRO B 197 -27.51 24.15 -31.00
CA PRO B 197 -27.57 25.04 -32.16
C PRO B 197 -28.09 26.44 -31.85
N SER B 198 -29.15 26.48 -31.06
CA SER B 198 -29.78 27.74 -30.65
C SER B 198 -28.72 28.78 -30.27
N LEU B 199 -27.79 28.39 -29.40
CA LEU B 199 -26.72 29.28 -28.98
C LEU B 199 -25.63 29.32 -30.05
N ALA B 200 -25.22 28.14 -30.50
CA ALA B 200 -24.18 28.02 -31.49
C ALA B 200 -24.29 29.02 -32.63
N SER B 201 -25.52 29.36 -33.02
CA SER B 201 -25.77 30.30 -34.12
C SER B 201 -25.65 31.76 -33.68
N ARG B 202 -26.23 32.06 -32.52
CA ARG B 202 -26.17 33.39 -31.94
C ARG B 202 -24.70 33.82 -31.92
N LEU B 203 -23.82 32.91 -31.50
CA LEU B 203 -22.38 33.19 -31.40
C LEU B 203 -21.71 33.36 -32.75
N ARG B 204 -22.35 32.85 -33.79
CA ARG B 204 -21.78 32.97 -35.10
C ARG B 204 -22.27 34.22 -35.76
N ASN B 205 -21.36 34.94 -36.41
CA ASN B 205 -21.80 36.14 -37.10
C ASN B 205 -22.32 35.71 -38.46
N LEU B 206 -23.61 35.70 -38.63
CA LEU B 206 -24.20 35.32 -39.86
C LEU B 206 -23.98 36.23 -41.04
N SER B 207 -23.98 37.53 -40.81
CA SER B 207 -24.02 38.47 -41.89
C SER B 207 -22.83 38.23 -42.75
N SER B 208 -21.71 38.00 -42.09
CA SER B 208 -20.50 37.59 -42.76
C SER B 208 -20.57 36.25 -43.46
N PRO B 209 -20.26 36.23 -44.74
CA PRO B 209 -20.26 35.00 -45.51
C PRO B 209 -18.80 34.56 -45.47
N LEU B 210 -18.13 34.91 -44.36
CA LEU B 210 -16.73 34.58 -44.16
C LEU B 210 -16.41 33.71 -42.94
N GLY B 211 -17.40 33.01 -42.41
CA GLY B 211 -17.23 32.08 -41.29
C GLY B 211 -16.61 32.54 -39.98
N LEU B 212 -17.09 33.64 -39.42
CA LEU B 212 -16.43 34.28 -38.28
C LEU B 212 -17.28 34.16 -37.04
N MET B 213 -16.60 34.04 -35.90
CA MET B 213 -17.29 33.97 -34.63
C MET B 213 -17.58 35.42 -34.39
N ALA B 214 -18.76 35.72 -33.86
CA ALA B 214 -19.11 37.12 -33.58
C ALA B 214 -18.15 37.73 -32.56
N VAL B 215 -17.77 38.97 -32.82
CA VAL B 215 -16.91 39.71 -31.92
C VAL B 215 -17.70 40.84 -31.27
N ASN B 216 -17.20 41.27 -30.11
CA ASN B 216 -17.82 42.34 -29.36
C ASN B 216 -17.66 43.65 -30.14
N GLN B 217 -18.73 44.43 -30.21
CA GLN B 217 -18.69 45.70 -30.93
C GLN B 217 -18.45 46.88 -30.01
N GLU B 218 -19.09 46.83 -28.84
CA GLU B 218 -19.03 47.89 -27.84
C GLU B 218 -17.66 48.26 -27.29
N ALA B 219 -16.68 47.37 -27.43
CA ALA B 219 -15.34 47.66 -26.91
C ALA B 219 -14.27 46.76 -27.55
N TRP B 220 -13.00 47.18 -27.48
CA TRP B 220 -11.91 46.39 -28.07
C TRP B 220 -10.62 46.35 -27.26
N ASP B 221 -9.65 45.56 -27.74
CA ASP B 221 -8.35 45.39 -27.09
C ASP B 221 -7.24 45.62 -28.10
N HIS B 222 -6.69 46.83 -28.15
CA HIS B 222 -5.64 47.19 -29.10
C HIS B 222 -5.99 46.60 -30.47
N GLY B 223 -7.05 47.09 -31.08
CA GLY B 223 -7.42 46.56 -32.38
C GLY B 223 -7.41 45.05 -32.46
N LEU B 224 -7.92 44.40 -31.42
CA LEU B 224 -8.06 42.93 -31.37
C LEU B 224 -9.42 42.75 -30.67
N ALA B 225 -10.07 41.61 -30.88
CA ALA B 225 -11.41 41.35 -30.35
C ALA B 225 -11.61 40.86 -28.93
N TYR B 226 -12.85 41.04 -28.48
CA TYR B 226 -13.34 40.59 -27.18
C TYR B 226 -14.61 39.84 -27.48
N PRO B 227 -14.92 38.80 -26.70
CA PRO B 227 -16.15 38.07 -26.98
C PRO B 227 -17.35 38.98 -26.75
N PRO B 228 -18.46 38.77 -27.48
CA PRO B 228 -19.63 39.63 -27.27
C PRO B 228 -20.00 39.58 -25.78
N PHE B 229 -21.00 40.36 -25.36
CA PHE B 229 -21.45 40.35 -23.97
C PHE B 229 -22.72 39.51 -23.84
N ASN B 230 -23.02 39.05 -22.62
CA ASN B 230 -24.26 38.32 -22.41
C ASN B 230 -25.25 39.40 -22.00
N ASN B 231 -26.02 39.86 -23.00
CA ASN B 231 -26.97 40.95 -22.84
C ASN B 231 -28.32 40.65 -22.21
N VAL B 232 -28.34 39.84 -21.16
CA VAL B 232 -29.60 39.54 -20.50
C VAL B 232 -29.38 39.58 -18.98
N LYS B 233 -30.16 40.41 -18.30
CA LYS B 233 -30.05 40.61 -16.85
C LYS B 233 -30.85 39.62 -16.02
N PRO B 234 -30.50 39.47 -14.72
CA PRO B 234 -29.37 40.10 -14.02
C PRO B 234 -27.99 39.54 -14.36
N SER B 235 -27.04 40.42 -14.64
CA SER B 235 -25.68 40.04 -14.97
C SER B 235 -24.78 40.08 -13.71
N PRO B 236 -24.28 38.90 -13.27
CA PRO B 236 -23.42 38.90 -12.09
C PRO B 236 -22.14 39.73 -12.29
N CYS B 237 -21.74 39.92 -13.54
CA CYS B 237 -20.55 40.72 -13.85
C CYS B 237 -20.88 42.20 -13.74
N GLU B 238 -22.15 42.52 -13.86
CA GLU B 238 -22.56 43.91 -13.72
C GLU B 238 -22.60 44.19 -12.23
N PHE B 239 -23.10 43.20 -11.49
CA PHE B 239 -23.23 43.28 -10.06
C PHE B 239 -21.97 43.71 -9.33
N ILE B 240 -20.96 42.86 -9.32
CA ILE B 240 -19.74 43.15 -8.58
C ILE B 240 -19.22 44.56 -8.83
N ASN B 241 -19.63 45.21 -9.90
CA ASN B 241 -19.26 46.63 -10.12
C ASN B 241 -20.30 47.47 -10.87
N THR B 242 -21.39 47.82 -10.20
CA THR B 242 -22.45 48.64 -10.75
C THR B 242 -22.01 49.90 -11.50
N THR B 243 -21.03 50.64 -10.99
CA THR B 243 -20.59 51.83 -11.71
C THR B 243 -19.93 51.42 -13.02
N ALA B 244 -19.28 50.25 -13.01
CA ALA B 244 -18.62 49.76 -14.23
C ALA B 244 -19.58 49.37 -15.30
N HIS B 245 -20.69 48.74 -14.91
CA HIS B 245 -21.69 48.37 -15.91
C HIS B 245 -21.22 47.31 -16.92
N VAL B 246 -20.03 46.75 -16.72
CA VAL B 246 -19.47 45.77 -17.67
C VAL B 246 -19.98 44.32 -17.54
N PRO B 247 -20.78 43.87 -18.53
CA PRO B 247 -21.36 42.53 -18.59
C PRO B 247 -20.36 41.39 -18.70
N CYS B 248 -20.90 40.17 -18.57
CA CYS B 248 -20.13 38.94 -18.69
C CYS B 248 -20.09 38.64 -20.20
N PHE B 249 -19.02 37.98 -20.65
CA PHE B 249 -18.95 37.62 -22.05
C PHE B 249 -19.90 36.48 -22.32
N GLN B 250 -20.40 36.38 -23.54
CA GLN B 250 -21.27 35.27 -23.91
C GLN B 250 -20.37 34.38 -24.75
N ALA B 251 -20.10 33.17 -24.26
CA ALA B 251 -19.21 32.24 -24.98
C ALA B 251 -19.90 30.96 -25.41
N GLY B 252 -19.12 29.93 -25.71
CA GLY B 252 -19.70 28.66 -26.14
C GLY B 252 -20.03 27.82 -24.93
N ASP B 253 -19.92 28.45 -23.77
CA ASP B 253 -20.20 27.83 -22.48
C ASP B 253 -20.58 29.06 -21.65
N SER B 254 -21.54 28.92 -20.74
CA SER B 254 -21.98 30.07 -19.95
C SER B 254 -21.02 30.47 -18.83
N ARG B 255 -20.08 29.58 -18.52
CA ARG B 255 -19.13 29.82 -17.45
C ARG B 255 -17.89 30.63 -17.83
N ALA B 256 -17.76 30.97 -19.09
CA ALA B 256 -16.59 31.74 -19.55
C ALA B 256 -16.22 32.95 -18.70
N SER B 257 -17.14 33.41 -17.89
CA SER B 257 -16.96 34.59 -17.11
C SER B 257 -16.59 34.36 -15.68
N GLU B 258 -16.48 33.10 -15.26
CA GLU B 258 -16.38 32.80 -13.84
C GLU B 258 -15.16 33.45 -13.21
N GLN B 259 -14.07 33.46 -13.91
CA GLN B 259 -12.96 34.23 -13.43
C GLN B 259 -12.21 34.92 -14.53
N ILE B 260 -11.74 36.13 -14.26
CA ILE B 260 -10.99 36.88 -15.24
C ILE B 260 -10.02 36.08 -16.12
N LEU B 261 -9.18 35.23 -15.52
CA LEU B 261 -8.24 34.44 -16.31
C LEU B 261 -8.88 33.36 -17.21
N LEU B 262 -10.06 32.89 -16.83
CA LEU B 262 -10.77 31.89 -17.61
C LEU B 262 -11.34 32.59 -18.84
N ALA B 263 -11.84 33.81 -18.65
CA ALA B 263 -12.40 34.59 -19.73
C ALA B 263 -11.25 35.02 -20.63
N THR B 264 -10.06 35.14 -20.04
CA THR B 264 -8.87 35.53 -20.80
C THR B 264 -8.43 34.50 -21.83
N VAL B 265 -8.55 33.22 -21.48
CA VAL B 265 -8.18 32.17 -22.41
C VAL B 265 -9.34 31.90 -23.36
N HIS B 266 -10.55 32.33 -22.99
CA HIS B 266 -11.71 32.15 -23.86
C HIS B 266 -11.50 33.12 -24.99
N THR B 267 -10.97 34.28 -24.64
CA THR B 267 -10.66 35.32 -25.61
C THR B 267 -9.57 34.83 -26.58
N LEU B 268 -8.38 34.55 -26.08
CA LEU B 268 -7.29 34.03 -26.93
C LEU B 268 -7.81 32.96 -27.88
N LEU B 269 -8.74 32.14 -27.40
CA LEU B 269 -9.30 31.05 -28.21
C LEU B 269 -10.23 31.52 -29.32
N LEU B 270 -10.78 32.71 -29.14
CA LEU B 270 -11.69 33.24 -30.13
C LEU B 270 -10.87 33.92 -31.21
N ARG B 271 -9.86 34.67 -30.79
CA ARG B 271 -9.01 35.38 -31.75
C ARG B 271 -8.28 34.45 -32.68
N GLU B 272 -8.14 33.19 -32.29
CA GLU B 272 -7.46 32.21 -33.13
C GLU B 272 -8.40 31.82 -34.24
N HIS B 273 -9.66 31.60 -33.85
CA HIS B 273 -10.69 31.24 -34.80
C HIS B 273 -10.74 32.18 -35.99
N ASN B 274 -11.19 33.41 -35.75
CA ASN B 274 -11.31 34.37 -36.84
C ASN B 274 -9.98 34.50 -37.58
N ARG B 275 -8.87 34.55 -36.84
CA ARG B 275 -7.56 34.66 -37.47
C ARG B 275 -7.38 33.50 -38.44
N LEU B 276 -7.77 32.30 -37.99
CA LEU B 276 -7.68 31.10 -38.81
C LEU B 276 -8.75 31.17 -39.90
N ALA B 277 -9.97 31.50 -39.50
CA ALA B 277 -11.09 31.61 -40.43
C ALA B 277 -10.91 32.77 -41.40
N ARG B 278 -9.83 33.54 -41.22
CA ARG B 278 -9.52 34.65 -42.12
C ARG B 278 -8.46 34.14 -43.09
N GLU B 279 -7.35 33.67 -42.53
CA GLU B 279 -6.26 33.14 -43.33
C GLU B 279 -6.68 32.05 -44.29
N LEU B 280 -7.92 31.60 -44.13
CA LEU B 280 -8.44 30.57 -45.01
C LEU B 280 -9.07 31.28 -46.23
N LYS B 281 -9.99 32.20 -45.98
CA LYS B 281 -10.67 32.95 -47.04
C LYS B 281 -9.70 33.46 -48.10
N ARG B 282 -8.69 34.21 -47.66
CA ARG B 282 -7.68 34.73 -48.60
C ARG B 282 -7.02 33.56 -49.30
N LEU B 283 -6.91 32.45 -48.59
CA LEU B 283 -6.29 31.24 -49.12
C LEU B 283 -7.29 30.47 -49.98
N ASN B 284 -8.56 30.50 -49.59
CA ASN B 284 -9.62 29.79 -50.32
C ASN B 284 -10.87 30.67 -50.42
N PRO B 285 -10.85 31.65 -51.34
CA PRO B 285 -11.94 32.61 -51.59
C PRO B 285 -13.28 31.97 -51.96
N HIS B 286 -13.24 30.92 -52.77
CA HIS B 286 -14.48 30.24 -53.16
C HIS B 286 -15.24 29.56 -52.02
N TRP B 287 -14.55 29.21 -50.92
CA TRP B 287 -15.25 28.56 -49.80
C TRP B 287 -16.26 29.54 -49.21
N ASP B 288 -17.48 29.07 -48.96
CA ASP B 288 -18.54 29.89 -48.38
C ASP B 288 -18.30 30.06 -46.88
N GLY B 289 -18.97 31.02 -46.25
CA GLY B 289 -18.76 31.22 -44.84
C GLY B 289 -18.88 29.92 -44.07
N GLU B 290 -19.84 29.09 -44.48
CA GLU B 290 -20.04 27.83 -43.80
C GLU B 290 -18.76 27.03 -43.77
N MET B 291 -18.27 26.68 -44.96
CA MET B 291 -17.04 25.92 -45.08
C MET B 291 -15.92 26.57 -44.26
N LEU B 292 -15.90 27.91 -44.26
CA LEU B 292 -14.86 28.67 -43.55
C LEU B 292 -14.94 28.54 -42.04
N TYR B 293 -16.15 28.48 -41.51
CA TYR B 293 -16.36 28.33 -40.07
C TYR B 293 -15.97 26.94 -39.61
N GLN B 294 -16.53 25.95 -40.29
CA GLN B 294 -16.31 24.54 -39.97
C GLN B 294 -14.86 24.13 -40.02
N GLU B 295 -14.16 24.60 -41.04
CA GLU B 295 -12.74 24.29 -41.21
C GLU B 295 -11.96 24.90 -40.08
N ALA B 296 -12.43 26.02 -39.58
CA ALA B 296 -11.77 26.70 -38.48
C ALA B 296 -12.16 25.95 -37.21
N ARG B 297 -13.46 25.76 -37.02
CA ARG B 297 -13.97 25.04 -35.84
C ARG B 297 -13.32 23.67 -35.73
N LYS B 298 -13.03 23.06 -36.87
CA LYS B 298 -12.40 21.74 -36.92
C LYS B 298 -10.97 21.81 -36.38
N ILE B 299 -10.18 22.72 -36.95
CA ILE B 299 -8.78 22.89 -36.56
C ILE B 299 -8.64 23.21 -35.06
N LEU B 300 -9.34 24.24 -34.61
CA LEU B 300 -9.22 24.61 -33.20
C LEU B 300 -9.61 23.43 -32.33
N GLY B 301 -10.39 22.53 -32.91
CA GLY B 301 -10.78 21.35 -32.18
C GLY B 301 -9.50 20.58 -31.95
N ALA B 302 -8.71 20.44 -33.01
CA ALA B 302 -7.44 19.72 -32.95
C ALA B 302 -6.47 20.38 -31.98
N PHE B 303 -6.38 21.70 -32.05
CA PHE B 303 -5.47 22.44 -31.18
C PHE B 303 -5.69 22.00 -29.74
N ILE B 304 -6.87 22.30 -29.23
CA ILE B 304 -7.25 21.95 -27.88
C ILE B 304 -6.81 20.54 -27.57
N GLN B 305 -7.08 19.64 -28.52
CA GLN B 305 -6.74 18.23 -28.36
C GLN B 305 -5.24 17.99 -28.28
N ILE B 306 -4.49 18.73 -29.10
CA ILE B 306 -3.04 18.56 -29.14
C ILE B 306 -2.34 19.13 -27.93
N ILE B 307 -2.73 20.34 -27.54
CA ILE B 307 -2.11 20.93 -26.38
C ILE B 307 -2.42 20.04 -25.17
N THR B 308 -3.69 19.76 -24.95
CA THR B 308 -4.13 18.92 -23.84
C THR B 308 -3.39 17.59 -23.77
N PHE B 309 -3.37 16.89 -24.89
CA PHE B 309 -2.73 15.57 -24.96
C PHE B 309 -1.22 15.47 -25.06
N ARG B 310 -0.57 16.47 -25.63
CA ARG B 310 0.87 16.46 -25.78
C ARG B 310 1.56 17.20 -24.65
N ASP B 311 0.98 18.33 -24.23
CA ASP B 311 1.58 19.13 -23.18
C ASP B 311 0.93 18.99 -21.79
N TYR B 312 -0.39 19.04 -21.74
CA TYR B 312 -1.10 19.00 -20.48
C TYR B 312 -1.22 17.69 -19.71
N LEU B 313 -1.69 16.63 -20.35
CA LEU B 313 -1.84 15.40 -19.61
C LEU B 313 -0.54 14.82 -19.09
N PRO B 314 0.52 14.82 -19.92
CA PRO B 314 1.81 14.27 -19.48
C PRO B 314 2.29 14.76 -18.12
N ILE B 315 2.14 16.05 -17.86
CA ILE B 315 2.60 16.58 -16.59
C ILE B 315 1.54 16.54 -15.50
N VAL B 316 0.29 16.33 -15.87
CA VAL B 316 -0.76 16.19 -14.87
C VAL B 316 -0.55 14.78 -14.36
N LEU B 317 -0.47 13.85 -15.31
CA LEU B 317 -0.34 12.43 -15.07
C LEU B 317 1.05 11.85 -14.79
N GLY B 318 2.09 12.54 -15.23
CA GLY B 318 3.44 12.05 -15.02
C GLY B 318 3.60 10.59 -15.40
N SER B 319 4.15 9.82 -14.46
CA SER B 319 4.41 8.39 -14.64
C SER B 319 3.27 7.45 -15.06
N GLU B 320 2.04 7.74 -14.64
CA GLU B 320 0.94 6.85 -14.98
C GLU B 320 0.20 7.24 -16.25
N MET B 321 0.80 8.11 -17.05
CA MET B 321 0.22 8.58 -18.30
C MET B 321 0.07 7.49 -19.35
N GLN B 322 1.20 7.02 -19.92
CA GLN B 322 1.16 5.98 -20.96
C GLN B 322 0.63 4.67 -20.40
N LYS B 323 0.16 4.73 -19.16
CA LYS B 323 -0.37 3.60 -18.43
C LYS B 323 -1.85 3.51 -18.71
N TRP B 324 -2.50 4.66 -18.80
CA TRP B 324 -3.92 4.72 -19.04
C TRP B 324 -4.22 5.24 -20.43
N ILE B 325 -3.24 5.91 -21.02
CA ILE B 325 -3.36 6.47 -22.36
C ILE B 325 -2.11 6.12 -23.16
N PRO B 326 -1.93 4.84 -23.49
CA PRO B 326 -0.77 4.39 -24.27
C PRO B 326 -0.79 5.03 -25.64
N PRO B 327 0.24 4.77 -26.44
CA PRO B 327 0.21 5.40 -27.76
C PRO B 327 -1.10 5.15 -28.53
N TYR B 328 -1.50 6.13 -29.32
CA TYR B 328 -2.73 6.05 -30.09
C TYR B 328 -2.68 5.12 -31.29
N GLN B 329 -3.66 4.23 -31.39
CA GLN B 329 -3.74 3.33 -32.53
C GLN B 329 -5.15 3.16 -33.11
N GLY B 330 -5.67 4.25 -33.68
CA GLY B 330 -6.97 4.25 -34.34
C GLY B 330 -8.29 4.32 -33.58
N TYR B 331 -9.30 4.86 -34.27
CA TYR B 331 -10.65 5.02 -33.74
C TYR B 331 -11.21 3.68 -33.35
N ASN B 332 -12.04 3.68 -32.33
CA ASN B 332 -12.77 2.49 -31.96
C ASN B 332 -14.20 2.91 -31.79
N ASN B 333 -15.11 2.23 -32.46
CA ASN B 333 -16.50 2.55 -32.19
C ASN B 333 -17.01 1.80 -30.98
N SER B 334 -16.20 0.89 -30.48
CA SER B 334 -16.63 0.05 -29.36
C SER B 334 -16.58 0.78 -28.03
N VAL B 335 -15.73 1.79 -27.93
CA VAL B 335 -15.55 2.52 -26.68
C VAL B 335 -16.56 3.59 -26.32
N ASP B 336 -16.75 3.74 -25.00
CA ASP B 336 -17.68 4.71 -24.41
C ASP B 336 -17.01 6.09 -24.39
N PRO B 337 -17.59 7.09 -25.09
CA PRO B 337 -17.02 8.44 -25.12
C PRO B 337 -17.64 9.45 -24.16
N ARG B 338 -18.69 9.04 -23.45
CA ARG B 338 -19.33 9.93 -22.49
C ARG B 338 -18.39 10.25 -21.34
N ILE B 339 -18.57 11.43 -20.74
CA ILE B 339 -17.78 11.79 -19.58
C ILE B 339 -18.56 11.10 -18.49
N SER B 340 -17.87 10.59 -17.47
CA SER B 340 -18.53 9.93 -16.36
C SER B 340 -18.84 10.91 -15.24
N ASN B 341 -19.78 10.51 -14.40
CA ASN B 341 -20.17 11.33 -13.27
C ASN B 341 -18.88 11.61 -12.47
N VAL B 342 -18.29 10.56 -11.89
CA VAL B 342 -17.06 10.68 -11.08
C VAL B 342 -15.90 11.47 -11.70
N PHE B 343 -15.86 11.59 -13.02
CA PHE B 343 -14.78 12.38 -13.62
C PHE B 343 -15.00 13.87 -13.33
N THR B 344 -16.26 14.26 -13.15
CA THR B 344 -16.60 15.66 -12.89
C THR B 344 -16.29 16.01 -11.46
N PHE B 345 -15.70 15.05 -10.75
CA PHE B 345 -15.31 15.28 -9.38
C PHE B 345 -13.82 15.03 -9.26
N ALA B 346 -13.25 14.27 -10.18
CA ALA B 346 -11.82 13.98 -10.15
C ALA B 346 -11.03 15.06 -10.88
N PHE B 347 -11.73 15.85 -11.69
CA PHE B 347 -11.05 16.89 -12.46
C PHE B 347 -11.00 18.16 -11.65
N ARG B 348 -11.73 18.17 -10.54
CA ARG B 348 -11.77 19.28 -9.62
C ARG B 348 -10.49 19.32 -8.76
N PHE B 349 -9.50 18.51 -9.10
CA PHE B 349 -8.24 18.56 -8.36
C PHE B 349 -7.69 19.93 -8.76
N GLY B 350 -8.02 20.34 -10.00
CA GLY B 350 -7.59 21.64 -10.50
C GLY B 350 -7.92 22.75 -9.51
N HIS B 351 -8.86 22.49 -8.62
CA HIS B 351 -9.30 23.51 -7.70
C HIS B 351 -8.12 23.87 -6.81
N MET B 352 -7.24 22.93 -6.56
CA MET B 352 -6.19 23.12 -5.57
C MET B 352 -4.91 23.73 -6.13
N GLU B 353 -4.92 24.08 -7.42
CA GLU B 353 -3.75 24.70 -8.05
C GLU B 353 -4.00 26.19 -8.27
N VAL B 354 -5.08 26.69 -7.67
CA VAL B 354 -5.48 28.08 -7.74
C VAL B 354 -4.84 28.82 -6.57
N PRO B 355 -4.01 29.84 -6.86
CA PRO B 355 -3.32 30.63 -5.84
C PRO B 355 -4.10 31.84 -5.34
N SER B 356 -3.52 32.52 -4.34
CA SER B 356 -4.10 33.70 -3.68
C SER B 356 -4.53 34.82 -4.61
N THR B 357 -3.57 35.36 -5.34
CA THR B 357 -3.76 36.47 -6.27
C THR B 357 -3.63 36.12 -7.75
N VAL B 358 -3.65 37.19 -8.55
CA VAL B 358 -3.50 37.14 -10.00
C VAL B 358 -2.81 38.46 -10.31
N SER B 359 -1.72 38.42 -11.07
CA SER B 359 -0.96 39.63 -11.38
C SER B 359 -1.06 40.00 -12.85
N ARG B 360 -0.85 41.29 -13.14
CA ARG B 360 -0.86 41.83 -14.50
C ARG B 360 0.58 42.34 -14.72
N LEU B 361 1.30 41.79 -15.70
CA LEU B 361 2.69 42.22 -15.93
C LEU B 361 2.96 43.12 -17.14
N ASP B 362 3.84 44.10 -16.98
CA ASP B 362 4.14 45.00 -18.11
C ASP B 362 5.02 44.38 -19.20
N GLU B 363 5.56 45.20 -20.09
CA GLU B 363 6.37 44.69 -21.23
C GLU B 363 7.63 43.93 -20.83
N ASN B 364 8.17 44.25 -19.66
CA ASN B 364 9.37 43.59 -19.14
C ASN B 364 9.00 42.79 -17.90
N TYR B 365 7.80 42.19 -17.97
CA TYR B 365 7.25 41.34 -16.91
C TYR B 365 7.44 41.81 -15.47
N GLN B 366 7.30 43.12 -15.30
CA GLN B 366 7.41 43.80 -14.02
C GLN B 366 6.01 44.22 -13.61
N PRO B 367 5.79 44.45 -12.30
CA PRO B 367 4.47 44.85 -11.81
C PRO B 367 3.85 45.89 -12.74
N TRP B 368 2.61 45.66 -13.16
CA TRP B 368 1.92 46.55 -14.09
C TRP B 368 1.02 47.58 -13.41
N GLY B 369 1.41 48.85 -13.51
CA GLY B 369 0.64 49.93 -12.92
C GLY B 369 0.79 49.98 -11.40
N PRO B 370 -0.24 50.45 -10.68
CA PRO B 370 -0.13 50.49 -9.22
C PRO B 370 -0.79 49.27 -8.54
N GLU B 371 -1.89 48.77 -9.12
CA GLU B 371 -2.61 47.64 -8.55
C GLU B 371 -2.44 46.35 -9.38
N ALA B 372 -1.23 46.09 -9.84
CA ALA B 372 -0.95 44.91 -10.67
C ALA B 372 -1.42 43.57 -10.10
N GLU B 373 -1.00 43.29 -8.87
CA GLU B 373 -1.35 42.04 -8.23
C GLU B 373 -2.73 42.22 -7.61
N LEU B 374 -3.65 41.32 -7.91
CA LEU B 374 -5.02 41.42 -7.38
C LEU B 374 -5.51 40.17 -6.65
N PRO B 375 -6.18 40.36 -5.50
CA PRO B 375 -6.66 39.18 -4.79
C PRO B 375 -7.58 38.41 -5.72
N LEU B 376 -7.40 37.10 -5.76
CA LEU B 376 -8.21 36.29 -6.65
C LEU B 376 -9.72 36.54 -6.50
N HIS B 377 -10.19 36.48 -5.26
CA HIS B 377 -11.60 36.63 -4.96
C HIS B 377 -12.38 37.81 -5.55
N THR B 378 -11.65 38.82 -6.03
CA THR B 378 -12.28 39.99 -6.63
C THR B 378 -12.43 39.78 -8.14
N LEU B 379 -11.97 38.62 -8.59
CA LEU B 379 -11.97 38.34 -10.01
C LEU B 379 -13.13 37.53 -10.54
N PHE B 380 -13.85 36.84 -9.67
CA PHE B 380 -14.99 36.05 -10.12
C PHE B 380 -15.95 36.95 -10.85
N PHE B 381 -16.31 36.54 -12.07
CA PHE B 381 -17.22 37.29 -12.93
C PHE B 381 -16.77 38.72 -13.06
N ASN B 382 -15.47 38.91 -13.26
CA ASN B 382 -14.92 40.26 -13.38
C ASN B 382 -14.44 40.52 -14.80
N THR B 383 -15.22 41.29 -15.52
CA THR B 383 -14.90 41.59 -16.88
C THR B 383 -14.39 43.01 -17.07
N TRP B 384 -14.79 43.90 -16.18
CA TRP B 384 -14.34 45.27 -16.31
C TRP B 384 -12.82 45.39 -16.12
N ARG B 385 -12.22 44.49 -15.33
CA ARG B 385 -10.77 44.52 -15.15
C ARG B 385 -10.05 44.16 -16.46
N ILE B 386 -10.79 43.65 -17.44
CA ILE B 386 -10.19 43.31 -18.74
C ILE B 386 -10.48 44.41 -19.73
N ILE B 387 -11.75 44.75 -19.86
CA ILE B 387 -12.16 45.77 -20.81
C ILE B 387 -11.74 47.16 -20.40
N LYS B 388 -11.94 47.50 -19.14
CA LYS B 388 -11.59 48.83 -18.67
C LYS B 388 -10.34 48.93 -17.80
N ASP B 389 -9.42 47.99 -17.97
CA ASP B 389 -8.18 48.03 -17.19
C ASP B 389 -7.05 47.19 -17.78
N GLY B 390 -6.22 47.81 -18.64
CA GLY B 390 -5.10 47.11 -19.23
C GLY B 390 -5.30 46.21 -20.44
N GLY B 391 -6.39 45.46 -20.49
CA GLY B 391 -6.60 44.56 -21.61
C GLY B 391 -6.06 43.16 -21.35
N ILE B 392 -6.13 42.32 -22.37
CA ILE B 392 -5.69 40.93 -22.29
C ILE B 392 -4.22 40.65 -21.97
N ASP B 393 -3.33 41.33 -22.69
CA ASP B 393 -1.89 41.13 -22.54
C ASP B 393 -1.26 41.16 -21.16
N PRO B 394 -1.50 42.22 -20.36
CA PRO B 394 -0.87 42.18 -19.03
C PRO B 394 -1.10 40.85 -18.34
N LEU B 395 -2.37 40.44 -18.31
CA LEU B 395 -2.78 39.19 -17.68
C LEU B 395 -2.12 37.95 -18.31
N VAL B 396 -2.00 37.94 -19.63
CA VAL B 396 -1.43 36.83 -20.37
C VAL B 396 0.02 36.60 -20.00
N ARG B 397 0.75 37.68 -19.76
CA ARG B 397 2.13 37.53 -19.38
C ARG B 397 2.07 36.98 -17.97
N GLY B 398 1.01 37.35 -17.25
CA GLY B 398 0.87 36.86 -15.88
C GLY B 398 0.71 35.35 -15.87
N LEU B 399 -0.08 34.86 -16.82
CA LEU B 399 -0.34 33.42 -16.90
C LEU B 399 0.95 32.71 -17.21
N LEU B 400 1.91 33.44 -17.77
CA LEU B 400 3.18 32.86 -18.15
C LEU B 400 4.30 32.93 -17.12
N ALA B 401 4.42 34.08 -16.46
CA ALA B 401 5.50 34.24 -15.51
C ALA B 401 5.20 33.84 -14.09
N LYS B 402 3.92 33.68 -13.73
CA LYS B 402 3.55 33.28 -12.37
C LYS B 402 3.33 31.78 -12.25
N ASN B 403 3.63 31.22 -11.08
CA ASN B 403 3.47 29.79 -10.87
C ASN B 403 2.03 29.43 -10.53
N SER B 404 1.73 28.13 -10.55
CA SER B 404 0.43 27.62 -10.18
C SER B 404 0.57 27.39 -8.69
N LYS B 405 -0.53 27.10 -8.02
CA LYS B 405 -0.46 26.78 -6.60
C LYS B 405 -0.24 25.28 -6.61
N LEU B 406 0.83 24.81 -5.99
CA LEU B 406 1.04 23.39 -5.97
C LEU B 406 0.06 22.85 -4.95
N MET B 407 -0.29 21.57 -5.06
CA MET B 407 -1.20 21.02 -4.07
C MET B 407 -0.39 20.69 -2.81
N ASN B 408 -1.03 20.72 -1.66
CA ASN B 408 -0.34 20.47 -0.41
C ASN B 408 -1.33 19.89 0.59
N GLN B 409 -0.94 18.83 1.29
CA GLN B 409 -1.83 18.19 2.26
C GLN B 409 -2.11 19.05 3.49
N ASN B 410 -1.23 20.01 3.80
CA ASN B 410 -1.43 20.88 4.96
C ASN B 410 -1.95 22.25 4.53
N LYS B 411 -2.18 22.37 3.23
CA LYS B 411 -2.65 23.60 2.64
C LYS B 411 -3.27 23.19 1.31
N MET B 412 -4.56 22.92 1.31
CA MET B 412 -5.22 22.49 0.08
C MET B 412 -5.83 23.59 -0.76
N VAL B 413 -6.95 24.18 -0.34
CA VAL B 413 -7.52 25.26 -1.17
C VAL B 413 -7.47 26.64 -0.54
N THR B 414 -6.94 27.60 -1.28
CA THR B 414 -6.84 28.97 -0.81
C THR B 414 -8.19 29.51 -0.34
N SER B 415 -8.15 30.41 0.63
CA SER B 415 -9.35 30.99 1.22
C SER B 415 -10.14 31.85 0.24
N GLU B 416 -9.47 32.26 -0.83
CA GLU B 416 -10.10 33.06 -1.88
C GLU B 416 -11.28 32.29 -2.46
N LEU B 417 -11.24 30.96 -2.30
CA LEU B 417 -12.30 30.04 -2.78
C LEU B 417 -12.95 29.27 -1.62
N ARG B 418 -12.16 28.97 -0.60
CA ARG B 418 -12.69 28.23 0.54
C ARG B 418 -13.66 29.10 1.36
N ASN B 419 -13.41 30.39 1.43
CA ASN B 419 -14.28 31.27 2.19
C ASN B 419 -14.92 32.37 1.35
N LYS B 420 -14.14 32.97 0.46
CA LYS B 420 -14.62 34.09 -0.36
C LYS B 420 -15.08 33.80 -1.79
N LEU B 421 -15.65 32.63 -2.03
CA LEU B 421 -16.14 32.34 -3.39
C LEU B 421 -17.43 33.14 -3.62
N PHE B 422 -17.71 33.42 -4.89
CA PHE B 422 -18.87 34.21 -5.25
C PHE B 422 -19.72 33.42 -6.23
N GLN B 423 -21.04 33.60 -6.13
CA GLN B 423 -21.96 32.89 -6.99
C GLN B 423 -23.04 33.78 -7.59
N PRO B 424 -23.49 33.46 -8.79
CA PRO B 424 -24.57 34.25 -9.38
C PRO B 424 -25.83 34.16 -8.52
N THR B 425 -26.51 35.29 -8.34
CA THR B 425 -27.77 35.33 -7.59
C THR B 425 -27.64 35.42 -6.06
N HIS B 426 -26.42 35.61 -5.56
CA HIS B 426 -26.22 35.72 -4.11
C HIS B 426 -25.30 36.90 -3.95
N LYS B 427 -25.61 37.75 -2.98
CA LYS B 427 -24.86 38.97 -2.76
C LYS B 427 -23.38 38.92 -2.40
N VAL B 428 -23.05 38.10 -1.42
CA VAL B 428 -21.70 38.04 -0.88
C VAL B 428 -20.66 37.10 -1.45
N HIS B 429 -19.40 37.55 -1.38
CA HIS B 429 -18.25 36.75 -1.76
C HIS B 429 -18.05 36.02 -0.43
N GLY B 430 -18.79 34.94 -0.20
CA GLY B 430 -18.65 34.24 1.07
C GLY B 430 -18.88 32.74 1.05
N PHE B 431 -18.70 32.14 -0.13
CA PHE B 431 -18.89 30.72 -0.30
C PHE B 431 -17.62 29.89 -0.20
N ASP B 432 -17.81 28.59 0.01
CA ASP B 432 -16.68 27.68 0.07
C ASP B 432 -16.85 26.66 -1.02
N LEU B 433 -15.96 26.70 -2.01
CA LEU B 433 -16.02 25.79 -3.14
C LEU B 433 -15.75 24.37 -2.73
N ALA B 434 -14.77 24.17 -1.85
CA ALA B 434 -14.44 22.83 -1.38
C ALA B 434 -15.72 22.20 -0.78
N ALA B 435 -16.38 22.91 0.13
CA ALA B 435 -17.61 22.42 0.73
C ALA B 435 -18.69 22.23 -0.33
N ILE B 436 -18.61 22.95 -1.44
CA ILE B 436 -19.61 22.76 -2.48
C ILE B 436 -19.33 21.43 -3.18
N ASN B 437 -18.05 21.06 -3.31
CA ASN B 437 -17.63 19.79 -3.94
C ASN B 437 -18.07 18.58 -3.14
N LEU B 438 -17.90 18.69 -1.83
CA LEU B 438 -18.26 17.60 -0.96
C LEU B 438 -19.76 17.38 -1.03
N GLN B 439 -20.54 18.45 -0.81
CA GLN B 439 -21.98 18.28 -0.85
C GLN B 439 -22.47 17.94 -2.27
N ARG B 440 -21.72 18.35 -3.29
CA ARG B 440 -22.10 18.05 -4.68
C ARG B 440 -21.80 16.57 -5.00
N CYS B 441 -20.76 16.01 -4.36
CA CYS B 441 -20.41 14.63 -4.56
C CYS B 441 -21.59 13.81 -4.14
N ARG B 442 -22.02 14.03 -2.91
CA ARG B 442 -23.17 13.31 -2.39
C ARG B 442 -24.39 13.50 -3.30
N ASP B 443 -24.61 14.74 -3.71
CA ASP B 443 -25.72 15.09 -4.59
C ASP B 443 -25.76 14.22 -5.83
N HIS B 444 -24.61 13.71 -6.24
CA HIS B 444 -24.59 12.87 -7.42
C HIS B 444 -24.65 11.38 -7.10
N GLY B 445 -24.70 11.07 -5.82
CA GLY B 445 -24.75 9.67 -5.41
C GLY B 445 -23.40 9.01 -5.62
N MET B 446 -22.34 9.79 -5.42
CA MET B 446 -20.99 9.28 -5.59
C MET B 446 -20.65 8.18 -4.61
N PRO B 447 -20.13 7.07 -5.13
CA PRO B 447 -19.77 6.02 -4.21
C PRO B 447 -18.46 6.51 -3.56
N GLY B 448 -18.20 6.06 -2.33
CA GLY B 448 -17.05 6.50 -1.57
C GLY B 448 -15.62 6.31 -2.03
N TYR B 449 -14.69 6.70 -1.16
CA TYR B 449 -13.28 6.59 -1.47
C TYR B 449 -12.84 5.19 -1.87
N ASN B 450 -13.11 4.22 -1.02
CA ASN B 450 -12.67 2.86 -1.28
C ASN B 450 -13.34 2.12 -2.43
N SER B 451 -14.57 2.46 -2.72
CA SER B 451 -15.23 1.84 -3.84
C SER B 451 -14.39 2.13 -5.06
N TRP B 452 -13.91 3.38 -5.14
CA TRP B 452 -13.09 3.88 -6.25
C TRP B 452 -11.66 3.38 -6.28
N ARG B 453 -11.03 3.30 -5.11
CA ARG B 453 -9.68 2.79 -5.06
C ARG B 453 -9.77 1.37 -5.64
N GLY B 454 -10.87 0.69 -5.29
CA GLY B 454 -11.09 -0.66 -5.79
C GLY B 454 -11.26 -0.64 -7.29
N PHE B 455 -12.26 0.11 -7.77
CA PHE B 455 -12.51 0.23 -9.19
C PHE B 455 -11.16 0.32 -9.88
N CYS B 456 -10.24 1.07 -9.28
CA CYS B 456 -8.92 1.28 -9.86
C CYS B 456 -7.92 0.16 -9.63
N GLY B 457 -8.28 -0.82 -8.84
CA GLY B 457 -7.34 -1.89 -8.62
C GLY B 457 -6.27 -1.42 -7.66
N LEU B 458 -6.65 -0.49 -6.78
CA LEU B 458 -5.74 0.00 -5.77
C LEU B 458 -6.29 -0.48 -4.43
N SER B 459 -5.40 -0.63 -3.45
CA SER B 459 -5.81 -1.11 -2.13
C SER B 459 -6.84 -0.19 -1.48
N GLN B 460 -7.50 -0.72 -0.46
CA GLN B 460 -8.54 0.02 0.24
C GLN B 460 -8.32 0.06 1.75
N PRO B 461 -7.65 1.10 2.23
CA PRO B 461 -7.40 1.20 3.68
C PRO B 461 -8.67 1.11 4.49
N LYS B 462 -8.67 0.21 5.46
CA LYS B 462 -9.83 0.02 6.33
C LYS B 462 -9.48 0.53 7.72
N THR B 463 -8.18 0.67 7.98
CA THR B 463 -7.70 1.14 9.28
C THR B 463 -7.03 2.51 9.21
N LEU B 464 -6.69 3.02 10.39
CA LEU B 464 -6.04 4.30 10.55
C LEU B 464 -4.64 4.24 9.95
N LYS B 465 -3.84 3.30 10.44
CA LYS B 465 -2.46 3.12 9.97
C LYS B 465 -2.50 2.61 8.55
N GLY B 466 -3.66 2.10 8.16
CA GLY B 466 -3.84 1.62 6.80
C GLY B 466 -3.91 2.89 5.97
N LEU B 467 -4.86 3.74 6.31
CA LEU B 467 -5.03 5.01 5.61
C LEU B 467 -3.69 5.74 5.52
N GLN B 468 -2.98 5.74 6.65
CA GLN B 468 -1.67 6.37 6.78
C GLN B 468 -0.64 6.00 5.71
N ALA B 469 -0.61 4.74 5.31
CA ALA B 469 0.37 4.29 4.32
C ALA B 469 0.06 4.77 2.91
N VAL B 470 -1.20 5.10 2.65
CA VAL B 470 -1.59 5.59 1.34
C VAL B 470 -1.17 7.02 1.14
N LEU B 471 -1.45 7.83 2.15
CA LEU B 471 -1.17 9.25 2.10
C LEU B 471 0.22 9.64 2.53
N LYS B 472 0.96 8.72 3.14
CA LYS B 472 2.30 9.02 3.64
C LYS B 472 2.13 10.12 4.70
N ASN B 473 0.95 10.17 5.30
CA ASN B 473 0.65 11.20 6.27
C ASN B 473 -0.22 10.71 7.40
N LYS B 474 0.27 10.85 8.63
CA LYS B 474 -0.47 10.42 9.79
C LYS B 474 -1.62 11.39 10.10
N VAL B 475 -1.32 12.63 10.44
CA VAL B 475 -2.38 13.57 10.80
C VAL B 475 -3.49 13.81 9.77
N LEU B 476 -3.13 13.93 8.49
CA LEU B 476 -4.17 14.11 7.47
C LEU B 476 -5.08 12.87 7.59
N ALA B 477 -4.46 11.70 7.63
CA ALA B 477 -5.17 10.44 7.76
C ALA B 477 -6.00 10.46 9.04
N LYS B 478 -5.36 10.90 10.13
CA LYS B 478 -6.03 10.93 11.40
C LYS B 478 -7.29 11.79 11.35
N LYS B 479 -7.16 13.03 10.92
CA LYS B 479 -8.31 13.91 10.82
C LYS B 479 -9.37 13.29 9.92
N LEU B 480 -9.00 13.01 8.67
CA LEU B 480 -9.92 12.42 7.70
C LEU B 480 -10.73 11.36 8.42
N LEU B 481 -10.04 10.57 9.23
CA LEU B 481 -10.68 9.51 9.97
C LEU B 481 -11.64 10.01 11.05
N ASP B 482 -11.23 11.02 11.80
CA ASP B 482 -12.11 11.52 12.86
C ASP B 482 -13.32 12.23 12.32
N LEU B 483 -13.23 12.73 11.10
CA LEU B 483 -14.36 13.40 10.46
C LEU B 483 -15.20 12.28 9.88
N TYR B 484 -14.71 11.66 8.79
CA TYR B 484 -15.38 10.51 8.19
C TYR B 484 -14.84 9.40 9.07
N LYS B 485 -15.72 8.79 9.86
CA LYS B 485 -15.31 7.75 10.79
C LYS B 485 -14.62 6.55 10.14
N THR B 486 -14.99 6.25 8.88
CA THR B 486 -14.42 5.13 8.11
C THR B 486 -13.91 5.56 6.72
N PRO B 487 -12.75 5.03 6.28
CA PRO B 487 -12.17 5.37 4.98
C PRO B 487 -13.16 5.13 3.84
N ASP B 488 -14.16 4.30 4.11
CA ASP B 488 -15.18 3.96 3.13
C ASP B 488 -16.11 5.15 2.86
N ASN B 489 -16.23 6.06 3.84
CA ASN B 489 -17.13 7.20 3.72
C ASN B 489 -16.55 8.52 3.20
N ILE B 490 -15.23 8.60 3.11
CA ILE B 490 -14.58 9.81 2.63
C ILE B 490 -15.09 10.16 1.24
N ASP B 491 -15.66 11.36 1.10
CA ASP B 491 -16.17 11.79 -0.19
C ASP B 491 -15.04 11.83 -1.20
N ILE B 492 -15.21 11.06 -2.29
CA ILE B 492 -14.24 10.90 -3.37
C ILE B 492 -13.35 12.10 -3.72
N TRP B 493 -13.94 13.30 -3.76
CA TRP B 493 -13.16 14.51 -4.08
C TRP B 493 -12.02 14.77 -3.09
N ILE B 494 -12.30 14.78 -1.78
CA ILE B 494 -11.23 15.03 -0.81
C ILE B 494 -10.25 13.86 -0.78
N GLY B 495 -10.79 12.64 -0.70
CA GLY B 495 -9.97 11.46 -0.68
C GLY B 495 -8.96 11.45 -1.81
N GLY B 496 -9.46 11.42 -3.05
CA GLY B 496 -8.58 11.42 -4.20
C GLY B 496 -7.56 12.54 -4.25
N ASN B 497 -7.91 13.70 -3.70
CA ASN B 497 -7.00 14.83 -3.73
C ASN B 497 -6.04 14.76 -2.55
N ALA B 498 -6.37 13.93 -1.57
CA ALA B 498 -5.52 13.77 -0.40
C ALA B 498 -4.27 12.97 -0.77
N GLU B 499 -4.45 12.02 -1.69
CA GLU B 499 -3.37 11.16 -2.12
C GLU B 499 -2.18 11.92 -2.67
N PRO B 500 -0.98 11.68 -2.11
CA PRO B 500 0.21 12.37 -2.60
C PRO B 500 0.36 12.06 -4.08
N MET B 501 1.11 12.90 -4.79
CA MET B 501 1.30 12.80 -6.23
C MET B 501 2.18 11.69 -6.80
N VAL B 502 1.81 11.25 -8.01
CA VAL B 502 2.59 10.27 -8.75
C VAL B 502 3.74 11.13 -9.26
N GLU B 503 4.93 10.56 -9.39
CA GLU B 503 6.05 11.37 -9.82
C GLU B 503 5.85 11.97 -11.21
N ARG B 504 6.19 13.25 -11.30
CA ARG B 504 6.05 14.03 -12.52
C ARG B 504 4.61 14.41 -12.78
N GLY B 505 3.72 13.97 -11.91
CA GLY B 505 2.33 14.33 -12.08
C GLY B 505 1.92 15.27 -10.96
N ARG B 506 0.64 15.58 -10.92
CA ARG B 506 0.11 16.43 -9.86
C ARG B 506 -1.21 15.87 -9.36
N VAL B 507 -1.28 14.55 -9.28
CA VAL B 507 -2.46 13.85 -8.79
C VAL B 507 -2.00 12.52 -8.20
N GLY B 508 -2.81 11.90 -7.36
CA GLY B 508 -2.44 10.62 -6.77
C GLY B 508 -2.73 9.41 -7.66
N PRO B 509 -2.50 8.18 -7.17
CA PRO B 509 -2.77 6.98 -7.98
C PRO B 509 -4.26 6.75 -8.30
N LEU B 510 -5.15 7.21 -7.42
CA LEU B 510 -6.59 7.05 -7.65
C LEU B 510 -7.05 7.99 -8.74
N LEU B 511 -6.83 9.28 -8.52
CA LEU B 511 -7.21 10.28 -9.50
C LEU B 511 -6.55 9.98 -10.84
N ALA B 512 -5.29 9.55 -10.80
CA ALA B 512 -4.55 9.24 -12.02
C ALA B 512 -5.31 8.25 -12.86
N CYS B 513 -5.82 7.22 -12.20
CA CYS B 513 -6.58 6.16 -12.83
C CYS B 513 -7.88 6.71 -13.37
N LEU B 514 -8.60 7.47 -12.54
CA LEU B 514 -9.88 8.03 -12.96
C LEU B 514 -9.71 8.97 -14.14
N LEU B 515 -8.82 9.95 -14.05
CA LEU B 515 -8.64 10.83 -15.20
C LEU B 515 -8.13 9.99 -16.37
N GLY B 516 -7.08 9.20 -16.13
CA GLY B 516 -6.50 8.38 -17.18
C GLY B 516 -7.54 7.65 -18.03
N ARG B 517 -8.39 6.87 -17.36
CA ARG B 517 -9.41 6.13 -18.09
C ARG B 517 -10.25 7.09 -18.92
N GLN B 518 -10.74 8.14 -18.30
CA GLN B 518 -11.59 9.07 -19.02
C GLN B 518 -10.97 9.60 -20.27
N PHE B 519 -9.76 10.13 -20.18
CA PHE B 519 -9.09 10.68 -21.34
C PHE B 519 -8.82 9.63 -22.40
N GLN B 520 -8.50 8.42 -21.97
CA GLN B 520 -8.25 7.34 -22.90
C GLN B 520 -9.50 7.21 -23.76
N GLN B 521 -10.63 7.08 -23.06
CA GLN B 521 -11.90 6.92 -23.72
C GLN B 521 -12.32 8.09 -24.58
N ILE B 522 -12.17 9.33 -24.12
CA ILE B 522 -12.59 10.43 -25.00
C ILE B 522 -11.75 10.45 -26.27
N ARG B 523 -10.51 9.97 -26.17
CA ARG B 523 -9.62 9.92 -27.34
C ARG B 523 -10.01 8.82 -28.32
N ASP B 524 -10.03 7.60 -27.81
CA ASP B 524 -10.34 6.45 -28.65
C ASP B 524 -11.74 6.50 -29.17
N GLY B 525 -12.68 6.80 -28.27
CA GLY B 525 -14.07 6.86 -28.64
C GLY B 525 -14.53 8.08 -29.41
N ASP B 526 -13.62 8.77 -30.10
CA ASP B 526 -14.02 9.94 -30.88
C ASP B 526 -13.67 9.78 -32.36
N ARG B 527 -14.72 9.72 -33.19
CA ARG B 527 -14.63 9.54 -34.63
C ARG B 527 -13.79 10.61 -35.34
N PHE B 528 -13.98 11.85 -34.91
CA PHE B 528 -13.29 12.99 -35.50
C PHE B 528 -11.94 13.37 -34.92
N TRP B 529 -11.40 12.53 -34.04
CA TRP B 529 -10.09 12.82 -33.46
C TRP B 529 -9.10 13.11 -34.59
N TRP B 530 -8.33 14.18 -34.43
CA TRP B 530 -7.35 14.57 -35.44
C TRP B 530 -6.44 13.41 -35.87
N GLU B 531 -5.83 12.76 -34.89
CA GLU B 531 -4.90 11.67 -35.12
C GLU B 531 -5.52 10.43 -35.80
N ASN B 532 -6.84 10.37 -35.85
CA ASN B 532 -7.54 9.26 -36.51
C ASN B 532 -7.33 9.46 -38.01
N PRO B 533 -6.45 8.64 -38.64
CA PRO B 533 -6.16 8.75 -40.08
C PRO B 533 -7.41 8.86 -40.93
N GLY B 534 -7.43 9.86 -41.80
CA GLY B 534 -8.57 10.07 -42.66
C GLY B 534 -9.41 11.24 -42.20
N VAL B 535 -8.87 11.96 -41.20
CA VAL B 535 -9.53 13.13 -40.61
C VAL B 535 -8.81 14.40 -41.05
N PHE B 536 -7.50 14.30 -41.16
CA PHE B 536 -6.64 15.39 -41.60
C PHE B 536 -5.68 14.74 -42.57
N THR B 537 -5.10 15.55 -43.45
CA THR B 537 -4.04 15.14 -44.34
C THR B 537 -2.74 14.98 -43.57
N GLU B 538 -1.85 14.13 -44.06
CA GLU B 538 -0.61 13.89 -43.37
C GLU B 538 0.13 15.21 -43.26
N LYS B 539 0.02 16.01 -44.31
CA LYS B 539 0.69 17.29 -44.37
C LYS B 539 0.09 18.09 -43.22
N GLN B 540 -1.23 18.18 -43.22
CA GLN B 540 -1.98 18.89 -42.19
C GLN B 540 -1.59 18.43 -40.77
N ARG B 541 -1.41 17.13 -40.59
CA ARG B 541 -1.02 16.59 -39.29
C ARG B 541 0.43 16.96 -38.96
N ASP B 542 1.30 16.91 -39.98
CA ASP B 542 2.71 17.25 -39.80
C ASP B 542 2.88 18.71 -39.44
N SER B 543 1.86 19.51 -39.71
CA SER B 543 1.89 20.93 -39.40
C SER B 543 1.25 21.16 -38.03
N LEU B 544 0.11 20.51 -37.82
CA LEU B 544 -0.63 20.61 -36.59
C LEU B 544 0.16 20.22 -35.35
N GLN B 545 1.14 19.36 -35.53
CA GLN B 545 1.96 18.91 -34.43
C GLN B 545 2.88 20.00 -33.90
N LYS B 546 3.18 21.00 -34.73
CA LYS B 546 4.08 22.09 -34.32
C LYS B 546 3.42 23.23 -33.54
N VAL B 547 2.14 23.09 -33.22
CA VAL B 547 1.46 24.13 -32.49
C VAL B 547 1.82 24.01 -31.02
N SER B 548 1.90 25.15 -30.34
CA SER B 548 2.18 25.20 -28.91
C SER B 548 1.34 26.36 -28.39
N PHE B 549 1.22 26.51 -27.07
CA PHE B 549 0.41 27.58 -26.51
C PHE B 549 1.10 28.92 -26.64
N SER B 550 2.42 28.90 -26.51
CA SER B 550 3.21 30.10 -26.62
C SER B 550 2.85 30.75 -27.95
N ARG B 551 2.70 29.91 -28.97
CA ARG B 551 2.28 30.38 -30.26
C ARG B 551 0.92 30.92 -30.23
N LEU B 552 -0.02 30.24 -29.58
CA LEU B 552 -1.42 30.61 -29.66
C LEU B 552 -1.48 32.00 -29.15
N ILE B 553 -0.66 32.21 -28.16
CA ILE B 553 -0.50 33.53 -27.58
C ILE B 553 0.19 34.51 -28.55
N CYS B 554 1.35 34.11 -29.06
CA CYS B 554 2.10 34.96 -29.97
C CYS B 554 1.33 35.47 -31.18
N ASP B 555 0.31 34.73 -31.60
CA ASP B 555 -0.49 35.16 -32.76
C ASP B 555 -1.79 35.84 -32.35
N ASN B 556 -2.04 36.00 -31.05
CA ASN B 556 -3.32 36.60 -30.63
C ASN B 556 -3.25 37.72 -29.59
N THR B 557 -2.09 38.36 -29.55
CA THR B 557 -1.84 39.46 -28.64
C THR B 557 -0.62 40.21 -29.16
N HIS B 558 -0.07 41.08 -28.32
CA HIS B 558 1.12 41.81 -28.71
C HIS B 558 2.23 41.52 -27.69
N ILE B 559 2.22 40.29 -27.15
CA ILE B 559 3.21 39.81 -26.17
C ILE B 559 4.52 39.59 -26.89
N THR B 560 5.53 40.41 -26.61
CA THR B 560 6.82 40.26 -27.26
C THR B 560 7.50 38.93 -26.96
N LYS B 561 7.77 38.67 -25.69
CA LYS B 561 8.47 37.45 -25.29
C LYS B 561 7.59 36.34 -24.71
N VAL B 562 8.05 35.10 -24.83
CA VAL B 562 7.33 33.93 -24.35
C VAL B 562 8.24 32.71 -24.22
N PRO B 563 7.87 31.77 -23.38
CA PRO B 563 8.66 30.55 -23.18
C PRO B 563 8.32 29.50 -24.23
N LEU B 564 9.13 28.45 -24.32
CA LEU B 564 8.89 27.37 -25.28
C LEU B 564 7.81 26.48 -24.68
N HIS B 565 8.07 26.01 -23.48
CA HIS B 565 7.13 25.18 -22.74
C HIS B 565 6.42 26.10 -21.78
N ALA B 566 5.21 26.50 -22.15
CA ALA B 566 4.43 27.41 -21.35
C ALA B 566 3.96 26.82 -20.02
N PHE B 567 3.70 25.53 -19.99
CA PHE B 567 3.19 24.91 -18.77
C PHE B 567 4.17 24.74 -17.63
N GLN B 568 5.46 24.55 -17.93
CA GLN B 568 6.45 24.41 -16.87
C GLN B 568 6.71 25.84 -16.36
N ALA B 569 7.16 25.99 -15.13
CA ALA B 569 7.26 27.30 -14.57
C ALA B 569 8.43 28.09 -15.11
N ASN B 570 8.13 29.10 -15.89
CA ASN B 570 9.18 29.92 -16.50
C ASN B 570 9.38 31.27 -15.83
N ASN B 571 10.61 31.77 -15.90
CA ASN B 571 10.94 33.04 -15.30
C ASN B 571 11.63 33.93 -16.32
N TYR B 572 11.35 35.23 -16.22
CA TYR B 572 11.94 36.25 -17.10
C TYR B 572 13.29 36.54 -16.43
N PRO B 573 14.33 36.84 -17.20
CA PRO B 573 14.31 36.95 -18.65
C PRO B 573 14.72 35.75 -19.53
N HIS B 574 15.83 35.11 -19.18
CA HIS B 574 16.42 34.04 -20.00
C HIS B 574 15.57 32.84 -20.40
N ASP B 575 14.42 32.64 -19.77
CA ASP B 575 13.57 31.51 -20.15
C ASP B 575 12.67 31.92 -21.33
N PHE B 576 12.49 33.23 -21.50
CA PHE B 576 11.65 33.78 -22.55
C PHE B 576 12.44 34.24 -23.77
N VAL B 577 11.80 34.16 -24.94
CA VAL B 577 12.40 34.60 -26.19
C VAL B 577 11.37 35.28 -27.08
N ASP B 578 11.83 35.97 -28.08
CA ASP B 578 10.94 36.66 -28.97
C ASP B 578 10.13 35.60 -29.66
N CYS B 579 8.99 36.00 -30.20
CA CYS B 579 8.12 35.00 -30.83
C CYS B 579 8.67 34.35 -32.11
N SER B 580 9.76 34.91 -32.62
CA SER B 580 10.35 34.34 -33.81
C SER B 580 10.84 32.94 -33.46
N ALA B 581 11.59 32.86 -32.36
CA ALA B 581 12.17 31.60 -31.88
C ALA B 581 11.17 30.46 -31.76
N VAL B 582 9.88 30.79 -31.71
CA VAL B 582 8.84 29.76 -31.59
C VAL B 582 8.07 29.48 -32.87
N ASP B 583 7.91 28.19 -33.14
CA ASP B 583 7.23 27.68 -34.32
C ASP B 583 5.86 28.29 -34.61
N LYS B 584 5.69 28.81 -35.82
CA LYS B 584 4.40 29.36 -36.24
C LYS B 584 3.56 28.18 -36.70
N LEU B 585 2.39 28.47 -37.24
CA LEU B 585 1.51 27.42 -37.74
C LEU B 585 1.40 27.60 -39.23
N ASP B 586 1.65 26.51 -39.96
CA ASP B 586 1.60 26.52 -41.42
C ASP B 586 0.28 26.00 -41.99
N LEU B 587 -0.56 26.91 -42.47
CA LEU B 587 -1.85 26.54 -43.04
C LEU B 587 -1.86 26.32 -44.54
N SER B 588 -0.72 25.94 -45.11
CA SER B 588 -0.65 25.68 -46.54
C SER B 588 -1.37 24.39 -46.91
N PRO B 589 -1.21 23.34 -46.09
CA PRO B 589 -1.87 22.05 -46.38
C PRO B 589 -3.40 22.07 -46.37
N TRP B 590 -3.98 23.24 -46.19
CA TRP B 590 -5.44 23.38 -46.20
C TRP B 590 -5.89 23.96 -47.54
N ALA B 591 -4.93 24.49 -48.28
CA ALA B 591 -5.19 25.10 -49.58
C ALA B 591 -5.80 24.09 -50.56
N SER B 592 -6.93 24.45 -51.16
CA SER B 592 -7.61 23.56 -52.10
C SER B 592 -7.97 24.27 -53.40
N ARG B 593 -7.35 23.83 -54.49
CA ARG B 593 -7.54 24.41 -55.83
C ARG B 593 -8.88 24.11 -56.51
N GLU B 594 -9.33 25.02 -57.37
CA GLU B 594 -10.57 24.85 -58.13
C GLU B 594 -10.19 24.18 -59.44
N ASN B 595 -8.98 24.47 -59.90
CA ASN B 595 -8.45 23.90 -61.15
C ASN B 595 -7.98 22.47 -60.87
N SER C 1 -35.40 -46.19 2.93
CA SER C 1 -34.06 -46.10 3.59
C SER C 1 -33.39 -47.47 3.70
N TRP C 2 -32.34 -47.65 2.89
CA TRP C 2 -31.44 -48.78 2.99
C TRP C 2 -29.99 -48.37 2.95
N GLU C 3 -29.18 -49.20 3.61
CA GLU C 3 -27.80 -48.91 4.01
C GLU C 3 -27.88 -48.07 5.26
N VAL C 4 -29.11 -47.90 5.74
CA VAL C 4 -29.43 -47.01 6.88
C VAL C 4 -28.42 -47.15 8.02
N GLY C 5 -27.70 -48.27 8.03
CA GLY C 5 -26.88 -48.69 9.14
C GLY C 5 -25.43 -48.25 9.21
N CYS C 6 -24.99 -47.40 8.28
CA CYS C 6 -23.59 -46.98 8.27
C CYS C 6 -23.30 -46.33 9.63
N GLY C 7 -22.12 -46.56 10.19
CA GLY C 7 -21.89 -46.25 11.59
C GLY C 7 -20.73 -45.39 12.05
N ALA C 8 -20.85 -44.89 13.29
CA ALA C 8 -19.79 -44.17 14.01
C ALA C 8 -19.71 -42.64 13.90
N PRO C 9 -20.78 -41.98 13.27
CA PRO C 9 -20.66 -40.51 13.33
C PRO C 9 -20.86 -40.00 14.76
N VAL C 10 -21.83 -40.61 15.44
CA VAL C 10 -22.16 -40.36 16.85
C VAL C 10 -22.70 -41.71 17.32
N PRO C 11 -22.04 -42.33 18.31
CA PRO C 11 -22.29 -43.73 18.68
C PRO C 11 -23.69 -44.10 19.18
N LEU C 12 -24.31 -43.30 20.06
CA LEU C 12 -25.70 -43.53 20.43
C LEU C 12 -26.20 -42.93 21.75
N VAL C 13 -25.65 -43.43 22.84
CA VAL C 13 -26.06 -43.05 24.19
C VAL C 13 -27.35 -43.87 24.41
N THR C 14 -27.27 -44.84 25.32
CA THR C 14 -28.40 -45.73 25.66
C THR C 14 -29.74 -45.01 25.81
N CYS C 15 -30.72 -45.50 25.04
CA CYS C 15 -32.10 -44.98 25.02
C CYS C 15 -32.92 -45.34 26.23
N ASP C 16 -33.02 -44.48 27.23
CA ASP C 16 -33.78 -44.87 28.38
C ASP C 16 -35.19 -45.08 27.95
N GLU C 17 -35.69 -44.15 27.16
CA GLU C 17 -36.84 -44.38 26.34
C GLU C 17 -38.09 -44.47 27.17
N GLN C 18 -37.94 -44.23 28.46
CA GLN C 18 -39.09 -44.19 29.31
C GLN C 18 -39.08 -42.86 30.03
N SER C 19 -37.89 -42.36 30.33
CA SER C 19 -37.81 -41.04 30.90
C SER C 19 -38.72 -40.03 30.20
N PRO C 20 -39.31 -39.10 31.00
CA PRO C 20 -40.23 -38.05 30.58
C PRO C 20 -39.61 -36.82 29.90
N TYR C 21 -38.35 -36.91 29.49
CA TYR C 21 -37.70 -35.78 28.84
C TYR C 21 -37.06 -36.14 27.52
N ARG C 22 -36.83 -35.15 26.66
CA ARG C 22 -36.19 -35.41 25.38
C ARG C 22 -34.72 -35.55 25.72
N THR C 23 -33.96 -36.11 24.77
CA THR C 23 -32.52 -36.21 24.95
C THR C 23 -32.00 -34.94 24.29
N ILE C 24 -30.70 -34.67 24.39
CA ILE C 24 -30.13 -33.49 23.77
C ILE C 24 -29.97 -33.69 22.27
N THR C 25 -29.73 -34.93 21.87
CA THR C 25 -29.49 -35.28 20.47
C THR C 25 -30.68 -35.67 19.59
N GLY C 26 -31.87 -35.80 20.18
CA GLY C 26 -33.03 -36.19 19.39
C GLY C 26 -33.17 -37.72 19.31
N ASP C 27 -32.22 -38.42 19.89
CA ASP C 27 -32.25 -39.88 19.89
C ASP C 27 -33.31 -40.35 20.87
N CYS C 28 -33.89 -41.50 20.56
CA CYS C 28 -34.89 -42.17 21.39
C CYS C 28 -36.35 -41.69 21.31
N ASN C 29 -36.63 -40.70 20.49
CA ASN C 29 -38.00 -40.21 20.38
C ASN C 29 -38.92 -41.31 19.87
N ASN C 30 -38.62 -41.80 18.68
CA ASN C 30 -39.41 -42.86 18.06
C ASN C 30 -38.79 -44.19 18.46
N ARG C 31 -39.72 -45.07 18.93
CA ARG C 31 -39.31 -46.37 19.36
C ARG C 31 -38.94 -47.29 18.41
N ARG C 32 -39.81 -47.34 17.55
CA ARG C 32 -39.70 -48.23 16.38
C ARG C 32 -38.33 -48.12 15.71
N SER C 33 -37.83 -46.89 15.58
CA SER C 33 -36.53 -46.58 14.98
C SER C 33 -36.07 -45.29 15.69
N PRO C 34 -35.12 -45.40 16.64
CA PRO C 34 -34.63 -44.23 17.38
C PRO C 34 -33.51 -43.30 16.90
N ALA C 35 -32.98 -43.51 15.71
CA ALA C 35 -31.92 -42.62 15.20
C ALA C 35 -32.53 -41.43 14.44
N LEU C 36 -33.80 -41.59 14.07
CA LEU C 36 -34.56 -40.58 13.31
C LEU C 36 -34.77 -39.24 14.02
N GLY C 37 -34.46 -38.18 13.27
CA GLY C 37 -34.61 -36.84 13.78
C GLY C 37 -33.57 -36.54 14.83
N ALA C 38 -32.47 -37.29 14.82
CA ALA C 38 -31.40 -37.04 15.79
C ALA C 38 -30.41 -36.18 15.06
N ALA C 39 -29.62 -35.41 15.81
CA ALA C 39 -28.64 -34.52 15.23
C ALA C 39 -27.48 -35.23 14.53
N ASN C 40 -26.70 -34.45 13.81
CA ASN C 40 -25.52 -34.92 13.10
C ASN C 40 -25.72 -36.23 12.33
N ARG C 41 -26.81 -36.26 11.55
CA ARG C 41 -27.18 -37.37 10.69
C ARG C 41 -27.62 -36.77 9.36
N ALA C 42 -27.76 -37.58 8.33
CA ALA C 42 -28.13 -37.08 7.00
C ALA C 42 -29.50 -36.45 6.86
N LEU C 43 -29.58 -35.47 5.97
CA LEU C 43 -30.82 -34.79 5.67
C LEU C 43 -31.68 -35.79 4.91
N ALA C 44 -32.94 -35.91 5.31
CA ALA C 44 -33.87 -36.81 4.66
C ALA C 44 -34.02 -36.39 3.20
N ARG C 45 -34.37 -37.35 2.35
CA ARG C 45 -34.52 -37.12 0.92
C ARG C 45 -35.93 -37.50 0.45
N TRP C 46 -36.87 -36.55 0.37
CA TRP C 46 -38.24 -36.85 -0.08
C TRP C 46 -38.27 -37.25 -1.55
N LEU C 47 -37.23 -36.87 -2.27
CA LEU C 47 -37.07 -37.23 -3.68
C LEU C 47 -35.58 -37.54 -3.77
N PRO C 48 -35.17 -38.36 -4.74
CA PRO C 48 -33.74 -38.68 -4.86
C PRO C 48 -32.89 -37.46 -5.14
N ALA C 49 -31.63 -37.51 -4.72
CA ALA C 49 -30.73 -36.40 -4.97
C ALA C 49 -30.50 -36.28 -6.50
N GLU C 50 -30.18 -35.07 -6.98
CA GLU C 50 -29.92 -34.86 -8.39
C GLU C 50 -28.63 -34.06 -8.60
N TYR C 51 -27.64 -34.73 -9.19
CA TYR C 51 -26.35 -34.13 -9.46
C TYR C 51 -25.98 -34.33 -10.93
N GLU C 52 -24.90 -33.70 -11.41
CA GLU C 52 -24.48 -33.89 -12.79
C GLU C 52 -24.13 -35.35 -13.11
N ASP C 53 -23.26 -35.94 -12.29
CA ASP C 53 -22.84 -37.33 -12.49
C ASP C 53 -23.81 -38.30 -11.87
N GLY C 54 -24.57 -37.83 -10.89
CA GLY C 54 -25.55 -38.67 -10.24
C GLY C 54 -25.20 -38.94 -8.80
N LEU C 55 -24.06 -38.42 -8.34
CA LEU C 55 -23.61 -38.67 -6.98
C LEU C 55 -23.36 -37.45 -6.09
N ALA C 56 -22.33 -36.68 -6.44
CA ALA C 56 -21.96 -35.46 -5.72
C ALA C 56 -21.76 -34.19 -6.57
N VAL C 57 -21.24 -34.35 -7.79
CA VAL C 57 -20.86 -33.22 -8.64
C VAL C 57 -22.13 -32.47 -8.96
N PRO C 58 -22.34 -31.28 -8.36
CA PRO C 58 -23.54 -30.45 -8.56
C PRO C 58 -23.70 -29.93 -9.96
N PHE C 59 -24.93 -29.55 -10.30
CA PHE C 59 -25.23 -28.97 -11.60
C PHE C 59 -24.61 -27.58 -11.63
N GLY C 60 -24.03 -27.21 -12.76
CA GLY C 60 -23.40 -25.91 -12.89
C GLY C 60 -21.89 -26.01 -12.74
N TRP C 61 -21.43 -27.16 -12.24
CA TRP C 61 -20.01 -27.39 -12.03
C TRP C 61 -19.26 -27.54 -13.35
N THR C 62 -19.73 -28.46 -14.18
CA THR C 62 -19.11 -28.70 -15.48
C THR C 62 -19.79 -27.84 -16.53
N GLN C 63 -19.09 -26.81 -16.99
CA GLN C 63 -19.59 -25.85 -17.95
C GLN C 63 -20.39 -26.45 -19.11
N ARG C 64 -19.95 -27.59 -19.59
CA ARG C 64 -20.61 -28.26 -20.70
C ARG C 64 -21.77 -29.18 -20.31
N LYS C 65 -21.69 -29.82 -19.15
CA LYS C 65 -22.78 -30.70 -18.73
C LYS C 65 -24.01 -29.85 -18.42
N THR C 66 -25.05 -30.01 -19.23
CA THR C 66 -26.30 -29.27 -19.09
C THR C 66 -27.34 -29.99 -18.23
N ARG C 67 -28.41 -29.27 -17.88
CA ARG C 67 -29.51 -29.85 -17.12
C ARG C 67 -30.73 -29.85 -18.04
N ASN C 68 -31.32 -31.02 -18.23
CA ASN C 68 -32.47 -31.14 -19.09
C ASN C 68 -32.28 -30.58 -20.49
N GLY C 69 -31.03 -30.39 -20.90
CA GLY C 69 -30.79 -29.89 -22.23
C GLY C 69 -30.22 -28.49 -22.35
N PHE C 70 -30.40 -27.68 -21.31
CA PHE C 70 -29.89 -26.31 -21.31
C PHE C 70 -29.02 -26.18 -20.07
N ARG C 71 -28.05 -25.28 -20.09
CA ARG C 71 -27.22 -25.13 -18.94
C ARG C 71 -27.87 -24.23 -17.89
N VAL C 72 -27.36 -24.27 -16.67
CA VAL C 72 -27.94 -23.45 -15.63
C VAL C 72 -27.20 -22.13 -15.51
N PRO C 73 -27.96 -21.05 -15.35
CA PRO C 73 -27.34 -19.73 -15.24
C PRO C 73 -26.62 -19.61 -13.90
N LEU C 74 -25.67 -18.68 -13.84
CA LEU C 74 -24.93 -18.46 -12.62
C LEU C 74 -25.94 -17.98 -11.59
N ALA C 75 -25.59 -18.12 -10.32
CA ALA C 75 -26.51 -17.72 -9.25
C ALA C 75 -26.43 -16.22 -9.00
N ARG C 76 -25.25 -15.65 -9.21
CA ARG C 76 -25.10 -14.23 -9.00
C ARG C 76 -25.81 -13.46 -10.13
N GLU C 77 -25.97 -14.08 -11.31
CA GLU C 77 -26.68 -13.44 -12.44
C GLU C 77 -28.19 -13.47 -12.16
N VAL C 78 -28.74 -14.62 -11.76
CA VAL C 78 -30.18 -14.69 -11.47
C VAL C 78 -30.55 -13.86 -10.24
N SER C 79 -29.56 -13.59 -9.39
CA SER C 79 -29.79 -12.80 -8.20
C SER C 79 -29.90 -11.35 -8.72
N ASN C 80 -28.94 -10.96 -9.54
CA ASN C 80 -28.90 -9.62 -10.12
C ASN C 80 -30.14 -9.30 -10.97
N LYS C 81 -30.51 -10.24 -11.83
CA LYS C 81 -31.61 -10.05 -12.76
C LYS C 81 -33.00 -10.21 -12.21
N ILE C 82 -33.14 -10.94 -11.10
CA ILE C 82 -34.46 -11.18 -10.55
C ILE C 82 -34.65 -10.90 -9.05
N VAL C 83 -33.62 -11.12 -8.24
CA VAL C 83 -33.74 -10.91 -6.81
C VAL C 83 -33.40 -9.50 -6.33
N GLY C 84 -32.55 -8.78 -7.05
CA GLY C 84 -32.21 -7.45 -6.62
C GLY C 84 -33.25 -6.37 -6.90
N TYR C 85 -33.21 -5.33 -6.07
CA TYR C 85 -34.09 -4.19 -6.23
C TYR C 85 -33.47 -3.02 -5.46
N LEU C 86 -33.73 -1.81 -5.94
CA LEU C 86 -33.15 -0.59 -5.35
C LEU C 86 -33.99 0.18 -4.32
N ASP C 87 -35.27 0.36 -4.61
CA ASP C 87 -36.18 1.13 -3.76
C ASP C 87 -36.88 0.43 -2.60
N GLU C 88 -36.54 0.85 -1.38
CA GLU C 88 -37.11 0.28 -0.17
C GLU C 88 -38.43 0.91 0.25
N GLU C 89 -38.99 1.81 -0.57
CA GLU C 89 -40.28 2.42 -0.22
C GLU C 89 -41.36 1.40 -0.50
N GLY C 90 -42.22 1.15 0.48
CA GLY C 90 -43.31 0.20 0.31
C GLY C 90 -43.03 -1.29 0.34
N VAL C 91 -41.81 -1.68 0.73
CA VAL C 91 -41.47 -3.11 0.80
C VAL C 91 -41.88 -3.70 2.13
N LEU C 92 -42.13 -2.83 3.11
CA LEU C 92 -42.53 -3.31 4.42
C LEU C 92 -43.93 -3.88 4.45
N ASP C 93 -44.08 -5.01 5.14
CA ASP C 93 -45.37 -5.67 5.30
C ASP C 93 -46.13 -4.88 6.35
N GLN C 94 -47.29 -4.40 5.98
CA GLN C 94 -48.11 -3.61 6.83
C GLN C 94 -48.97 -4.44 7.71
N ASN C 95 -48.80 -5.76 7.60
CA ASN C 95 -49.52 -6.72 8.45
C ASN C 95 -48.64 -7.61 9.36
N ARG C 96 -47.32 -7.53 9.22
CA ARG C 96 -46.45 -8.35 10.05
C ARG C 96 -45.42 -7.50 10.76
N SER C 97 -45.24 -7.70 12.07
CA SER C 97 -44.16 -6.99 12.74
C SER C 97 -42.85 -7.75 12.54
N LEU C 98 -41.74 -7.06 12.55
CA LEU C 98 -40.52 -7.69 12.07
C LEU C 98 -40.39 -9.01 12.84
N LEU C 99 -40.91 -9.04 14.05
CA LEU C 99 -40.78 -10.21 14.90
C LEU C 99 -41.15 -11.44 14.06
N PHE C 100 -42.14 -11.25 13.18
CA PHE C 100 -42.62 -12.30 12.29
C PHE C 100 -41.40 -12.91 11.63
N MET C 101 -40.57 -12.04 11.05
CA MET C 101 -39.35 -12.46 10.37
C MET C 101 -38.35 -13.10 11.34
N GLN C 102 -38.20 -12.50 12.51
CA GLN C 102 -37.25 -12.99 13.51
C GLN C 102 -37.61 -14.40 13.97
N TRP C 103 -38.86 -14.63 14.20
CA TRP C 103 -39.21 -15.93 14.61
C TRP C 103 -38.90 -16.97 13.54
N GLY C 104 -39.26 -16.67 12.31
CA GLY C 104 -39.10 -17.63 11.24
C GLY C 104 -37.72 -18.23 11.32
N GLN C 105 -36.73 -17.37 11.61
CA GLN C 105 -35.33 -17.79 11.71
C GLN C 105 -34.98 -18.53 13.00
N ILE C 106 -35.67 -18.21 14.09
CA ILE C 106 -35.43 -18.89 15.36
C ILE C 106 -35.83 -20.34 15.13
N VAL C 107 -36.99 -20.51 14.50
CA VAL C 107 -37.55 -21.82 14.25
C VAL C 107 -36.71 -22.65 13.30
N ASP C 108 -36.12 -21.98 12.32
CA ASP C 108 -35.25 -22.65 11.35
C ASP C 108 -34.02 -23.21 12.04
N HIS C 109 -33.49 -22.46 13.00
CA HIS C 109 -32.30 -22.86 13.70
C HIS C 109 -32.59 -24.06 14.55
N ASP C 110 -33.71 -24.01 15.25
CA ASP C 110 -34.13 -25.11 16.08
C ASP C 110 -34.11 -26.31 15.15
N LEU C 111 -34.99 -26.28 14.15
CA LEU C 111 -35.15 -27.34 13.18
C LEU C 111 -33.93 -27.91 12.44
N ASP C 112 -33.22 -27.06 11.68
CA ASP C 112 -32.16 -27.55 10.78
C ASP C 112 -30.87 -26.71 10.68
N PHE C 113 -29.78 -27.35 10.26
CA PHE C 113 -28.50 -26.71 10.04
C PHE C 113 -27.64 -27.68 9.26
N ALA C 114 -26.88 -27.15 8.31
CA ALA C 114 -26.02 -27.95 7.47
C ALA C 114 -24.67 -27.28 7.43
N PRO C 115 -23.69 -27.85 8.15
CA PRO C 115 -22.31 -27.36 8.25
C PRO C 115 -21.55 -27.22 6.95
N GLU C 116 -20.62 -26.27 6.92
CA GLU C 116 -19.79 -26.01 5.74
C GLU C 116 -18.49 -26.79 5.95
N THR C 117 -17.51 -26.61 5.05
CA THR C 117 -16.27 -27.32 5.22
C THR C 117 -15.16 -27.08 4.18
N GLU C 118 -13.93 -27.30 4.62
CA GLU C 118 -12.77 -27.52 3.79
C GLU C 118 -12.20 -28.79 4.38
N LEU C 119 -12.77 -29.08 5.53
CA LEU C 119 -12.41 -30.21 6.32
C LEU C 119 -11.15 -29.83 7.08
N GLY C 120 -11.24 -29.80 8.39
CA GLY C 120 -10.12 -29.39 9.21
C GLY C 120 -10.15 -27.91 9.37
N SER C 121 -9.19 -27.36 10.11
CA SER C 121 -9.17 -25.95 10.47
C SER C 121 -8.14 -25.02 9.77
N SER C 122 -6.90 -25.05 10.20
CA SER C 122 -5.97 -24.06 9.71
C SER C 122 -5.61 -24.53 8.32
N GLU C 123 -6.30 -23.94 7.35
CA GLU C 123 -6.13 -24.28 5.94
C GLU C 123 -5.56 -23.21 5.01
N HIS C 124 -5.35 -23.66 3.76
CA HIS C 124 -4.84 -22.84 2.63
C HIS C 124 -5.97 -22.72 1.57
N SER C 125 -6.56 -23.83 1.23
CA SER C 125 -7.42 -23.89 0.08
C SER C 125 -8.44 -22.78 0.23
N LYS C 126 -8.78 -22.48 1.46
CA LYS C 126 -9.65 -21.37 1.75
C LYS C 126 -9.35 -20.23 0.76
N VAL C 127 -8.09 -19.81 0.67
CA VAL C 127 -7.65 -18.73 -0.23
C VAL C 127 -7.71 -19.24 -1.67
N GLN C 128 -7.21 -20.46 -1.85
CA GLN C 128 -7.19 -21.17 -3.13
C GLN C 128 -8.48 -20.98 -3.95
N CYS C 129 -9.57 -20.70 -3.25
CA CYS C 129 -10.88 -20.52 -3.88
C CYS C 129 -11.30 -19.06 -3.90
N GLU C 130 -11.34 -18.47 -2.72
CA GLU C 130 -11.74 -17.08 -2.54
C GLU C 130 -10.97 -16.00 -3.28
N GLU C 131 -9.65 -16.08 -3.27
CA GLU C 131 -8.87 -15.02 -3.91
C GLU C 131 -8.20 -15.38 -5.23
N TYR C 132 -8.58 -16.55 -5.75
CA TYR C 132 -8.08 -17.06 -7.00
C TYR C 132 -9.24 -17.67 -7.77
N CYS C 133 -10.42 -17.67 -7.16
CA CYS C 133 -11.65 -18.20 -7.76
C CYS C 133 -11.49 -19.47 -8.58
N VAL C 134 -10.73 -20.42 -8.04
CA VAL C 134 -10.54 -21.69 -8.74
C VAL C 134 -11.44 -22.75 -8.12
N GLN C 135 -12.16 -23.45 -8.99
CA GLN C 135 -13.11 -24.49 -8.59
C GLN C 135 -12.46 -25.86 -8.41
N GLY C 136 -12.89 -26.58 -7.38
CA GLY C 136 -12.34 -27.89 -7.11
C GLY C 136 -12.69 -28.50 -5.76
N ASP C 137 -13.01 -29.79 -5.76
CA ASP C 137 -13.32 -30.50 -4.53
C ASP C 137 -14.31 -29.79 -3.61
N GLU C 138 -13.87 -29.49 -2.38
CA GLU C 138 -14.70 -28.85 -1.36
C GLU C 138 -14.96 -27.35 -1.50
N CYS C 139 -14.77 -26.82 -2.70
CA CYS C 139 -15.02 -25.39 -2.91
C CYS C 139 -15.68 -25.23 -4.27
N PHE C 140 -16.78 -24.48 -4.30
CA PHE C 140 -17.58 -24.27 -5.50
C PHE C 140 -17.95 -22.79 -5.62
N PRO C 141 -17.01 -22.00 -6.10
CA PRO C 141 -17.10 -20.53 -6.09
C PRO C 141 -18.22 -19.93 -6.94
N ILE C 142 -18.75 -18.80 -6.46
CA ILE C 142 -19.89 -18.13 -7.06
C ILE C 142 -19.26 -17.13 -7.98
N MET C 143 -19.30 -17.40 -9.28
CA MET C 143 -18.67 -16.54 -10.26
C MET C 143 -19.62 -15.44 -10.73
N PHE C 144 -19.16 -14.20 -10.70
CA PHE C 144 -19.98 -13.09 -11.15
C PHE C 144 -20.15 -13.18 -12.65
N PRO C 145 -21.33 -12.78 -13.16
CA PRO C 145 -21.59 -12.80 -14.60
C PRO C 145 -21.03 -11.48 -15.14
N LYS C 146 -20.99 -11.33 -16.46
CA LYS C 146 -20.56 -10.08 -17.06
C LYS C 146 -21.53 -8.96 -16.69
N ASN C 147 -20.99 -7.76 -16.49
CA ASN C 147 -21.78 -6.58 -16.13
C ASN C 147 -22.08 -6.47 -14.63
N ASP C 148 -21.52 -7.37 -13.84
CA ASP C 148 -21.61 -7.29 -12.40
C ASP C 148 -20.56 -6.29 -11.93
N PRO C 149 -21.00 -5.25 -11.20
CA PRO C 149 -20.03 -4.26 -10.73
C PRO C 149 -19.08 -4.81 -9.67
N LYS C 150 -19.51 -5.80 -8.89
CA LYS C 150 -18.62 -6.34 -7.86
C LYS C 150 -17.38 -6.89 -8.58
N LEU C 151 -17.52 -7.04 -9.89
CA LEU C 151 -16.44 -7.53 -10.73
C LEU C 151 -15.34 -6.47 -10.67
N LYS C 152 -15.73 -5.22 -10.83
CA LYS C 152 -14.77 -4.12 -10.80
C LYS C 152 -14.27 -3.89 -9.38
N THR C 153 -15.07 -4.29 -8.40
CA THR C 153 -14.74 -4.07 -7.00
C THR C 153 -14.26 -5.23 -6.12
N GLN C 154 -14.73 -6.44 -6.39
CA GLN C 154 -14.36 -7.57 -5.53
C GLN C 154 -13.69 -8.75 -6.21
N GLY C 155 -13.44 -8.63 -7.51
CA GLY C 155 -12.78 -9.70 -8.23
C GLY C 155 -13.66 -10.32 -9.30
N LYS C 156 -13.51 -11.63 -9.50
CA LYS C 156 -14.29 -12.34 -10.51
C LYS C 156 -15.31 -13.25 -9.86
N CYS C 157 -15.25 -13.36 -8.53
CA CYS C 157 -16.16 -14.27 -7.85
C CYS C 157 -16.15 -14.18 -6.34
N MET C 158 -16.99 -15.01 -5.74
CA MET C 158 -17.15 -15.14 -4.30
C MET C 158 -16.86 -16.57 -3.86
N PRO C 159 -16.29 -16.74 -2.66
CA PRO C 159 -15.95 -18.03 -2.09
C PRO C 159 -17.15 -18.85 -1.61
N PHE C 160 -17.17 -20.11 -2.02
CA PHE C 160 -18.24 -21.05 -1.65
C PHE C 160 -17.63 -22.43 -1.41
N PHE C 161 -17.88 -22.98 -0.25
CA PHE C 161 -17.36 -24.28 0.12
C PHE C 161 -18.55 -25.19 0.24
N ARG C 162 -18.37 -26.48 -0.03
CA ARG C 162 -19.50 -27.40 -0.02
C ARG C 162 -19.92 -27.98 1.34
N ALA C 163 -21.23 -28.11 1.50
CA ALA C 163 -21.80 -28.65 2.73
C ALA C 163 -21.31 -30.06 2.99
N GLY C 164 -20.80 -30.32 4.20
CA GLY C 164 -20.33 -31.65 4.55
C GLY C 164 -21.35 -32.74 4.30
N PHE C 165 -20.91 -33.99 4.23
CA PHE C 165 -21.83 -35.10 3.96
C PHE C 165 -21.58 -36.36 4.78
N VAL C 166 -22.56 -37.25 4.79
CA VAL C 166 -22.53 -38.50 5.56
C VAL C 166 -21.48 -39.55 5.19
N CYS C 167 -21.39 -40.60 6.01
CA CYS C 167 -20.46 -41.68 5.76
C CYS C 167 -19.08 -41.06 5.72
N PRO C 168 -18.31 -41.33 4.67
CA PRO C 168 -17.05 -40.59 4.54
C PRO C 168 -17.17 -39.10 4.17
N THR C 169 -16.31 -38.26 4.73
CA THR C 169 -16.34 -36.85 4.37
C THR C 169 -15.75 -36.61 2.95
N PRO C 170 -15.08 -37.63 2.37
CA PRO C 170 -14.53 -37.50 1.01
C PRO C 170 -15.51 -38.25 0.07
N PRO C 171 -15.42 -38.04 -1.27
CA PRO C 171 -16.32 -38.70 -2.24
C PRO C 171 -15.95 -40.11 -2.75
N TYR C 172 -16.97 -40.97 -2.83
CA TYR C 172 -16.84 -42.36 -3.28
C TYR C 172 -17.73 -42.73 -4.49
N GLN C 173 -18.00 -44.02 -4.61
CA GLN C 173 -18.97 -44.54 -5.56
C GLN C 173 -19.87 -45.54 -4.85
N SER C 174 -21.18 -45.38 -4.99
CA SER C 174 -22.17 -46.28 -4.39
C SER C 174 -23.55 -45.63 -4.29
N LEU C 175 -23.66 -44.60 -3.48
CA LEU C 175 -24.95 -43.97 -3.21
C LEU C 175 -24.92 -42.45 -3.31
N ALA C 176 -26.06 -41.88 -3.73
CA ALA C 176 -26.25 -40.44 -3.81
C ALA C 176 -25.75 -39.75 -2.56
N ARG C 177 -25.05 -38.65 -2.71
CA ARG C 177 -24.57 -37.88 -1.58
C ARG C 177 -25.66 -37.22 -0.74
N ASP C 178 -25.49 -37.27 0.56
CA ASP C 178 -26.34 -36.53 1.47
C ASP C 178 -25.59 -35.70 2.52
N GLN C 179 -26.08 -34.48 2.73
CA GLN C 179 -25.57 -33.53 3.72
C GLN C 179 -26.19 -33.83 5.08
N ILE C 180 -25.54 -33.30 6.12
CA ILE C 180 -25.93 -33.50 7.50
C ILE C 180 -26.83 -32.44 8.06
N ASN C 181 -27.60 -32.82 9.07
CA ASN C 181 -28.46 -31.89 9.78
C ASN C 181 -27.92 -31.88 11.21
N ALA C 182 -26.98 -30.98 11.49
CA ALA C 182 -26.32 -30.89 12.79
C ALA C 182 -27.13 -30.60 14.04
N VAL C 183 -28.39 -30.20 13.92
CA VAL C 183 -29.16 -29.96 15.13
C VAL C 183 -30.24 -31.00 15.17
N THR C 184 -30.96 -31.11 16.27
CA THR C 184 -32.03 -32.10 16.36
C THR C 184 -33.15 -31.66 15.43
N SER C 185 -33.90 -32.60 14.86
CA SER C 185 -34.97 -32.23 13.95
C SER C 185 -36.30 -31.90 14.64
N PHE C 186 -36.41 -32.24 15.92
CA PHE C 186 -37.64 -31.95 16.65
C PHE C 186 -37.57 -30.51 17.17
N LEU C 187 -38.66 -29.76 17.01
CA LEU C 187 -38.75 -28.36 17.48
C LEU C 187 -38.66 -28.41 19.00
N ASP C 188 -37.43 -28.40 19.50
CA ASP C 188 -37.13 -28.61 20.93
C ASP C 188 -36.33 -27.55 21.69
N ALA C 189 -36.15 -26.38 21.10
CA ALA C 189 -35.36 -25.32 21.71
C ALA C 189 -33.92 -25.80 21.75
N SER C 190 -33.56 -26.64 20.76
CA SER C 190 -32.21 -27.20 20.64
C SER C 190 -31.25 -26.09 20.28
N LEU C 191 -31.78 -24.97 19.83
CA LEU C 191 -30.94 -23.84 19.47
C LEU C 191 -30.53 -23.14 20.76
N VAL C 192 -31.13 -23.55 21.87
CA VAL C 192 -30.82 -22.99 23.19
C VAL C 192 -29.94 -23.94 23.98
N TYR C 193 -30.37 -25.20 24.07
CA TYR C 193 -29.66 -26.23 24.84
C TYR C 193 -28.55 -26.94 24.08
N GLY C 194 -28.71 -27.04 22.76
CA GLY C 194 -27.71 -27.69 21.93
C GLY C 194 -28.16 -29.01 21.35
N SER C 195 -27.32 -29.63 20.51
CA SER C 195 -27.67 -30.92 19.92
C SER C 195 -26.54 -31.92 20.09
N GLU C 196 -25.69 -31.62 21.07
CA GLU C 196 -24.56 -32.44 21.45
C GLU C 196 -24.41 -32.30 22.95
N PRO C 197 -23.99 -33.38 23.64
CA PRO C 197 -23.79 -33.47 25.10
C PRO C 197 -22.78 -32.49 25.64
N SER C 198 -21.59 -32.48 25.03
CA SER C 198 -20.50 -31.59 25.40
C SER C 198 -20.94 -30.14 25.54
N LEU C 199 -21.49 -29.60 24.47
CA LEU C 199 -21.95 -28.21 24.43
C LEU C 199 -23.05 -27.98 25.48
N ALA C 200 -24.07 -28.84 25.46
CA ALA C 200 -25.19 -28.71 26.40
C ALA C 200 -24.72 -28.65 27.85
N SER C 201 -23.74 -29.47 28.20
CA SER C 201 -23.20 -29.49 29.56
C SER C 201 -22.43 -28.21 29.82
N ARG C 202 -21.67 -27.81 28.81
CA ARG C 202 -20.86 -26.60 28.86
C ARG C 202 -21.77 -25.40 29.10
N LEU C 203 -22.98 -25.47 28.58
CA LEU C 203 -23.94 -24.37 28.71
C LEU C 203 -24.59 -24.20 30.06
N ARG C 204 -25.02 -25.31 30.68
CA ARG C 204 -25.67 -25.24 31.98
C ARG C 204 -24.77 -24.80 33.06
N ASN C 205 -25.35 -24.05 34.00
CA ASN C 205 -24.59 -23.62 35.17
C ASN C 205 -24.65 -24.70 36.22
N LEU C 206 -24.12 -25.84 35.85
CA LEU C 206 -24.13 -27.09 36.63
C LEU C 206 -23.63 -27.18 38.08
N SER C 207 -22.53 -26.52 38.42
CA SER C 207 -22.07 -26.61 39.80
C SER C 207 -23.19 -26.50 40.85
N SER C 208 -24.02 -25.46 40.72
CA SER C 208 -25.11 -25.26 41.66
C SER C 208 -26.30 -26.21 41.43
N PRO C 209 -27.10 -26.49 42.47
CA PRO C 209 -28.26 -27.37 42.36
C PRO C 209 -29.47 -26.50 42.02
N LEU C 210 -29.39 -25.80 40.91
CA LEU C 210 -30.48 -24.90 40.56
C LEU C 210 -31.09 -25.02 39.18
N GLY C 211 -30.55 -25.91 38.36
CA GLY C 211 -31.07 -26.12 37.02
C GLY C 211 -31.04 -24.89 36.14
N LEU C 212 -29.94 -24.16 36.18
CA LEU C 212 -29.80 -22.96 35.39
C LEU C 212 -28.71 -23.07 34.33
N MET C 213 -28.90 -22.37 33.24
CA MET C 213 -27.91 -22.36 32.19
C MET C 213 -26.95 -21.27 32.61
N ALA C 214 -25.65 -21.50 32.43
CA ALA C 214 -24.66 -20.50 32.79
C ALA C 214 -24.90 -19.24 31.96
N VAL C 215 -24.73 -18.08 32.60
CA VAL C 215 -24.90 -16.82 31.89
C VAL C 215 -23.55 -16.10 31.83
N ASN C 216 -23.55 -14.92 31.21
CA ASN C 216 -22.37 -14.11 31.02
C ASN C 216 -21.90 -13.47 32.34
N GLN C 217 -20.69 -13.78 32.78
CA GLN C 217 -20.13 -13.22 34.03
C GLN C 217 -19.25 -12.03 33.73
N GLU C 218 -19.42 -11.49 32.53
CA GLU C 218 -18.64 -10.35 32.11
C GLU C 218 -19.48 -9.10 31.90
N ALA C 219 -20.63 -9.23 31.23
CA ALA C 219 -21.50 -8.08 30.94
C ALA C 219 -22.96 -8.32 31.30
N TRP C 220 -23.70 -7.24 31.52
CA TRP C 220 -25.10 -7.35 31.89
C TRP C 220 -25.92 -6.18 31.37
N ASP C 221 -27.20 -6.45 31.10
CA ASP C 221 -28.12 -5.44 30.60
C ASP C 221 -29.02 -5.05 31.77
N HIS C 222 -28.77 -3.88 32.34
CA HIS C 222 -29.54 -3.39 33.47
C HIS C 222 -29.86 -4.58 34.36
N GLY C 223 -28.81 -5.29 34.78
CA GLY C 223 -28.95 -6.43 35.67
C GLY C 223 -29.37 -7.78 35.11
N LEU C 224 -30.07 -7.77 33.98
CA LEU C 224 -30.53 -8.98 33.32
C LEU C 224 -29.38 -9.73 32.68
N ALA C 225 -29.59 -11.01 32.38
CA ALA C 225 -28.55 -11.86 31.82
C ALA C 225 -28.28 -11.90 30.29
N TYR C 226 -27.00 -12.03 29.96
CA TYR C 226 -26.51 -12.11 28.59
C TYR C 226 -25.85 -13.48 28.42
N PRO C 227 -25.89 -14.07 27.21
CA PRO C 227 -25.25 -15.38 26.99
C PRO C 227 -23.73 -15.29 27.12
N PRO C 228 -23.06 -16.40 27.54
CA PRO C 228 -21.59 -16.40 27.70
C PRO C 228 -20.94 -16.00 26.37
N PHE C 229 -19.72 -15.49 26.41
CA PHE C 229 -19.07 -15.12 25.15
C PHE C 229 -18.36 -16.34 24.57
N ASN C 230 -18.49 -16.58 23.27
CA ASN C 230 -17.77 -17.68 22.64
C ASN C 230 -16.34 -17.22 22.83
N ASN C 231 -15.43 -18.11 23.17
CA ASN C 231 -14.06 -17.70 23.45
C ASN C 231 -13.03 -17.96 22.36
N VAL C 232 -13.37 -18.79 21.38
CA VAL C 232 -12.44 -19.14 20.32
C VAL C 232 -12.28 -18.07 19.24
N LYS C 233 -11.09 -18.04 18.64
CA LYS C 233 -10.76 -17.09 17.59
C LYS C 233 -10.49 -17.85 16.30
N PRO C 234 -10.71 -17.21 15.14
CA PRO C 234 -11.13 -15.82 14.98
C PRO C 234 -12.64 -15.60 15.13
N SER C 235 -13.03 -14.78 16.11
CA SER C 235 -14.43 -14.47 16.34
C SER C 235 -14.90 -13.50 15.27
N PRO C 236 -15.91 -13.89 14.46
CA PRO C 236 -16.38 -12.97 13.41
C PRO C 236 -17.19 -11.83 13.98
N CYS C 237 -17.29 -11.76 15.30
CA CYS C 237 -18.02 -10.67 15.94
C CYS C 237 -17.02 -9.60 16.35
N GLU C 238 -15.82 -10.05 16.70
CA GLU C 238 -14.74 -9.13 17.07
C GLU C 238 -14.19 -8.44 15.83
N PHE C 239 -14.16 -9.17 14.72
CA PHE C 239 -13.65 -8.67 13.43
C PHE C 239 -14.34 -7.41 12.92
N ILE C 240 -15.64 -7.31 13.11
CA ILE C 240 -16.38 -6.14 12.64
C ILE C 240 -16.12 -4.94 13.53
N ASN C 241 -15.30 -5.19 14.67
CA ASN C 241 -14.98 -4.02 15.47
C ASN C 241 -13.95 -4.34 16.54
N THR C 242 -12.68 -4.16 16.22
CA THR C 242 -11.59 -4.48 17.11
C THR C 242 -11.51 -3.51 18.30
N THR C 243 -12.01 -2.30 18.11
CA THR C 243 -12.00 -1.30 19.17
C THR C 243 -12.79 -1.76 20.38
N ALA C 244 -13.86 -2.51 20.13
CA ALA C 244 -14.72 -3.01 21.18
C ALA C 244 -14.32 -4.39 21.65
N HIS C 245 -13.87 -5.24 20.74
CA HIS C 245 -13.46 -6.60 21.09
C HIS C 245 -14.60 -7.35 21.77
N VAL C 246 -15.80 -7.25 21.21
CA VAL C 246 -16.94 -7.94 21.80
C VAL C 246 -17.26 -9.13 20.88
N PRO C 247 -16.89 -10.33 21.33
CA PRO C 247 -17.08 -11.60 20.61
C PRO C 247 -18.53 -12.02 20.53
N CYS C 248 -18.78 -13.07 19.76
CA CYS C 248 -20.12 -13.59 19.60
C CYS C 248 -20.56 -14.25 20.91
N PHE C 249 -21.82 -14.64 20.97
CA PHE C 249 -22.41 -15.32 22.13
C PHE C 249 -22.26 -16.84 21.97
N GLN C 250 -22.36 -17.54 23.09
CA GLN C 250 -22.28 -19.00 23.12
C GLN C 250 -23.66 -19.55 23.48
N ALA C 251 -24.37 -20.04 22.48
CA ALA C 251 -25.69 -20.57 22.70
C ALA C 251 -25.81 -21.94 22.06
N GLY C 252 -26.93 -22.62 22.33
CA GLY C 252 -27.17 -23.93 21.77
C GLY C 252 -26.88 -24.05 20.30
N ASP C 253 -27.05 -22.96 19.54
CA ASP C 253 -26.78 -22.99 18.10
C ASP C 253 -25.58 -22.12 17.74
N SER C 254 -24.87 -22.54 16.69
CA SER C 254 -23.69 -21.86 16.20
C SER C 254 -23.95 -20.51 15.53
N ARG C 255 -25.13 -20.35 14.93
CA ARG C 255 -25.48 -19.13 14.21
C ARG C 255 -26.07 -17.96 15.06
N ALA C 256 -26.27 -18.20 16.34
CA ALA C 256 -26.88 -17.22 17.25
C ALA C 256 -26.58 -15.74 17.00
N SER C 257 -25.34 -15.40 16.68
CA SER C 257 -24.93 -13.98 16.49
C SER C 257 -24.93 -13.34 15.07
N GLU C 258 -25.36 -14.09 14.05
CA GLU C 258 -25.24 -13.73 12.64
C GLU C 258 -25.84 -12.35 12.37
N GLN C 259 -26.99 -12.11 13.00
CA GLN C 259 -27.64 -10.81 13.03
C GLN C 259 -28.07 -10.40 14.46
N ILE C 260 -27.78 -9.16 14.81
CA ILE C 260 -28.22 -8.51 16.05
C ILE C 260 -29.60 -8.82 16.61
N LEU C 261 -30.61 -9.00 15.78
CA LEU C 261 -31.94 -9.29 16.31
C LEU C 261 -32.12 -10.77 16.66
N LEU C 262 -31.39 -11.64 15.96
CA LEU C 262 -31.44 -13.07 16.21
C LEU C 262 -30.81 -13.32 17.58
N ALA C 263 -29.68 -12.68 17.85
CA ALA C 263 -29.02 -12.82 19.13
C ALA C 263 -29.86 -12.18 20.23
N THR C 264 -30.83 -11.35 19.83
CA THR C 264 -31.69 -10.71 20.82
C THR C 264 -32.71 -11.73 21.36
N VAL C 265 -33.40 -12.42 20.45
CA VAL C 265 -34.40 -13.42 20.86
C VAL C 265 -33.74 -14.60 21.58
N HIS C 266 -32.52 -14.93 21.19
CA HIS C 266 -31.77 -16.02 21.81
C HIS C 266 -31.65 -15.71 23.29
N THR C 267 -31.35 -14.44 23.56
CA THR C 267 -31.19 -13.95 24.92
C THR C 267 -32.49 -14.12 25.72
N LEU C 268 -33.63 -13.85 25.07
CA LEU C 268 -34.92 -13.99 25.75
C LEU C 268 -35.21 -15.44 26.11
N LEU C 269 -34.90 -16.36 25.21
CA LEU C 269 -35.09 -17.78 25.45
C LEU C 269 -34.17 -18.26 26.57
N LEU C 270 -32.97 -17.70 26.62
CA LEU C 270 -31.98 -18.05 27.63
C LEU C 270 -32.45 -17.56 29.02
N ARG C 271 -32.86 -16.30 29.11
CA ARG C 271 -33.35 -15.72 30.37
C ARG C 271 -34.65 -16.38 30.84
N GLU C 272 -35.49 -16.75 29.87
CA GLU C 272 -36.77 -17.36 30.16
C GLU C 272 -36.63 -18.71 30.82
N HIS C 273 -35.55 -19.38 30.51
CA HIS C 273 -35.28 -20.71 31.04
C HIS C 273 -34.92 -20.67 32.51
N ASN C 274 -34.06 -19.74 32.89
CA ASN C 274 -33.62 -19.65 34.26
C ASN C 274 -34.71 -19.21 35.24
N ARG C 275 -35.40 -18.14 34.87
CA ARG C 275 -36.48 -17.57 35.65
C ARG C 275 -37.50 -18.68 35.89
N LEU C 276 -37.67 -19.51 34.87
CA LEU C 276 -38.58 -20.65 34.92
C LEU C 276 -38.10 -21.62 35.98
N ALA C 277 -36.79 -21.91 35.94
CA ALA C 277 -36.19 -22.84 36.89
C ALA C 277 -36.03 -22.23 38.26
N ARG C 278 -36.39 -20.95 38.39
CA ARG C 278 -36.30 -20.27 39.68
C ARG C 278 -37.66 -20.35 40.37
N GLU C 279 -38.71 -20.46 39.56
CA GLU C 279 -40.05 -20.55 40.13
C GLU C 279 -40.34 -21.97 40.53
N LEU C 280 -39.57 -22.89 39.98
CA LEU C 280 -39.75 -24.30 40.28
C LEU C 280 -38.94 -24.65 41.52
N LYS C 281 -37.78 -24.02 41.69
CA LYS C 281 -36.94 -24.26 42.86
C LYS C 281 -37.71 -23.68 44.05
N ARG C 282 -38.46 -22.62 43.79
CA ARG C 282 -39.26 -21.96 44.82
C ARG C 282 -40.44 -22.90 45.10
N LEU C 283 -41.14 -23.29 44.04
CA LEU C 283 -42.29 -24.17 44.15
C LEU C 283 -41.95 -25.56 44.68
N ASN C 284 -40.76 -26.05 44.36
CA ASN C 284 -40.31 -27.36 44.82
C ASN C 284 -38.79 -27.35 45.04
N PRO C 285 -38.33 -26.92 46.23
CA PRO C 285 -36.90 -26.84 46.57
C PRO C 285 -36.21 -28.20 46.69
N HIS C 286 -36.98 -29.28 46.59
CA HIS C 286 -36.38 -30.60 46.67
C HIS C 286 -35.93 -31.06 45.28
N TRP C 287 -36.59 -30.55 44.23
CA TRP C 287 -36.23 -30.89 42.85
C TRP C 287 -34.73 -30.61 42.68
N ASP C 288 -34.01 -31.53 42.06
CA ASP C 288 -32.57 -31.34 41.86
C ASP C 288 -32.35 -30.52 40.59
N GLY C 289 -31.12 -30.03 40.40
CA GLY C 289 -30.79 -29.23 39.24
C GLY C 289 -31.07 -29.87 37.88
N GLU C 290 -30.78 -31.16 37.75
CA GLU C 290 -30.99 -31.93 36.51
C GLU C 290 -32.45 -31.90 36.12
N MET C 291 -33.31 -32.09 37.11
CA MET C 291 -34.75 -32.08 36.92
C MET C 291 -35.23 -30.67 36.59
N LEU C 292 -34.92 -29.73 37.49
CA LEU C 292 -35.30 -28.34 37.31
C LEU C 292 -34.88 -27.85 35.92
N TYR C 293 -33.71 -28.29 35.46
CA TYR C 293 -33.20 -27.92 34.15
C TYR C 293 -33.96 -28.63 33.04
N GLN C 294 -34.55 -29.77 33.36
CA GLN C 294 -35.32 -30.55 32.37
C GLN C 294 -36.80 -30.19 32.34
N GLU C 295 -37.35 -29.80 33.47
CA GLU C 295 -38.75 -29.41 33.50
C GLU C 295 -38.81 -28.02 32.89
N ALA C 296 -37.69 -27.29 33.00
CA ALA C 296 -37.58 -25.96 32.44
C ALA C 296 -37.44 -26.12 30.92
N ARG C 297 -36.38 -26.79 30.51
CA ARG C 297 -36.10 -27.05 29.10
C ARG C 297 -37.40 -27.53 28.44
N LYS C 298 -38.08 -28.46 29.08
CA LYS C 298 -39.33 -29.01 28.56
C LYS C 298 -40.44 -27.97 28.35
N ILE C 299 -40.67 -27.09 29.33
CA ILE C 299 -41.69 -26.05 29.19
C ILE C 299 -41.30 -25.10 28.05
N LEU C 300 -40.01 -24.81 27.95
CA LEU C 300 -39.50 -23.90 26.92
C LEU C 300 -39.65 -24.41 25.49
N GLY C 301 -39.33 -25.69 25.30
CA GLY C 301 -39.44 -26.29 23.98
C GLY C 301 -40.89 -26.18 23.56
N ALA C 302 -41.79 -26.35 24.53
CA ALA C 302 -43.22 -26.28 24.29
C ALA C 302 -43.59 -24.84 24.01
N PHE C 303 -42.90 -23.91 24.66
CA PHE C 303 -43.18 -22.51 24.39
C PHE C 303 -43.00 -22.32 22.89
N ILE C 304 -41.82 -22.68 22.40
CA ILE C 304 -41.54 -22.53 20.97
C ILE C 304 -42.62 -23.21 20.16
N GLN C 305 -42.94 -24.45 20.53
CA GLN C 305 -43.95 -25.22 19.83
C GLN C 305 -45.31 -24.52 19.68
N ILE C 306 -45.70 -23.78 20.72
CA ILE C 306 -46.97 -23.09 20.74
C ILE C 306 -46.98 -21.81 19.93
N ILE C 307 -45.97 -20.97 20.15
CA ILE C 307 -45.87 -19.71 19.43
C ILE C 307 -45.74 -19.99 17.93
N THR C 308 -45.16 -21.13 17.57
CA THR C 308 -44.96 -21.50 16.16
C THR C 308 -46.25 -21.90 15.43
N PHE C 309 -47.02 -22.80 16.04
CA PHE C 309 -48.25 -23.32 15.46
C PHE C 309 -49.51 -22.50 15.67
N ARG C 310 -49.65 -21.88 16.83
CA ARG C 310 -50.82 -21.06 17.05
C ARG C 310 -50.61 -19.69 16.44
N ASP C 311 -49.37 -19.21 16.45
CA ASP C 311 -49.13 -17.88 15.92
C ASP C 311 -48.37 -17.78 14.61
N TYR C 312 -47.14 -18.31 14.56
CA TYR C 312 -46.34 -18.20 13.33
C TYR C 312 -46.98 -18.81 12.11
N LEU C 313 -47.08 -20.14 12.11
CA LEU C 313 -47.59 -20.90 10.99
C LEU C 313 -48.90 -20.51 10.31
N PRO C 314 -49.96 -20.22 11.09
CA PRO C 314 -51.25 -19.84 10.50
C PRO C 314 -51.16 -18.64 9.58
N ILE C 315 -50.36 -17.69 9.94
CA ILE C 315 -50.08 -16.56 9.11
C ILE C 315 -49.21 -16.84 7.90
N VAL C 316 -48.23 -17.72 8.04
CA VAL C 316 -47.33 -18.11 6.96
C VAL C 316 -48.04 -18.91 5.87
N LEU C 317 -48.91 -19.82 6.31
CA LEU C 317 -49.70 -20.65 5.43
C LEU C 317 -51.02 -20.04 4.97
N GLY C 318 -51.80 -19.50 5.90
CA GLY C 318 -53.09 -18.92 5.56
C GLY C 318 -54.17 -19.96 5.33
N SER C 319 -54.81 -19.88 4.18
CA SER C 319 -55.89 -20.80 3.82
C SER C 319 -55.44 -22.25 3.73
N GLU C 320 -54.21 -22.45 3.29
CA GLU C 320 -53.64 -23.79 3.14
C GLU C 320 -53.19 -24.39 4.47
N MET C 321 -53.34 -23.64 5.56
CA MET C 321 -52.92 -24.11 6.87
C MET C 321 -53.64 -25.36 7.36
N GLN C 322 -54.96 -25.37 7.24
CA GLN C 322 -55.75 -26.51 7.71
C GLN C 322 -55.62 -27.72 6.80
N LYS C 323 -55.06 -27.54 5.62
CA LYS C 323 -54.93 -28.64 4.69
C LYS C 323 -53.63 -29.42 4.90
N TRP C 324 -52.74 -28.88 5.70
CA TRP C 324 -51.47 -29.53 5.99
C TRP C 324 -51.32 -29.65 7.50
N ILE C 325 -52.11 -28.88 8.23
CA ILE C 325 -52.00 -28.91 9.67
C ILE C 325 -53.34 -28.72 10.34
N PRO C 326 -54.13 -29.80 10.41
CA PRO C 326 -55.44 -29.70 11.04
C PRO C 326 -55.25 -29.90 12.53
N PRO C 327 -56.31 -29.67 13.31
CA PRO C 327 -56.17 -29.86 14.76
C PRO C 327 -55.54 -31.22 15.03
N TYR C 328 -54.79 -31.33 16.09
CA TYR C 328 -53.95 -32.46 16.37
C TYR C 328 -54.70 -33.77 16.55
N GLN C 329 -53.99 -34.88 16.38
CA GLN C 329 -54.56 -36.23 16.44
C GLN C 329 -53.58 -37.15 17.14
N GLY C 330 -52.91 -36.63 18.17
CA GLY C 330 -51.95 -37.44 18.92
C GLY C 330 -50.72 -37.91 18.17
N TYR C 331 -49.73 -38.41 18.93
CA TYR C 331 -48.46 -38.90 18.37
C TYR C 331 -48.62 -40.11 17.49
N ASN C 332 -47.98 -40.06 16.33
CA ASN C 332 -48.06 -41.16 15.37
C ASN C 332 -46.65 -41.57 15.03
N ASN C 333 -46.29 -42.79 15.36
CA ASN C 333 -44.94 -43.27 15.12
C ASN C 333 -44.49 -43.75 13.73
N SER C 334 -45.33 -43.68 12.70
CA SER C 334 -44.90 -44.10 11.36
C SER C 334 -44.48 -42.86 10.57
N VAL C 335 -44.56 -41.71 11.23
CA VAL C 335 -44.23 -40.44 10.63
C VAL C 335 -42.74 -40.17 10.83
N ASP C 336 -42.07 -39.84 9.73
CA ASP C 336 -40.65 -39.54 9.76
C ASP C 336 -40.53 -38.16 10.37
N PRO C 337 -39.75 -38.03 11.47
CA PRO C 337 -39.66 -36.68 12.02
C PRO C 337 -38.61 -35.82 11.33
N ARG C 338 -37.48 -36.43 10.98
CA ARG C 338 -36.37 -35.74 10.33
C ARG C 338 -36.71 -34.68 9.31
N ILE C 339 -35.97 -33.58 9.37
CA ILE C 339 -36.09 -32.46 8.43
C ILE C 339 -35.65 -32.89 7.04
N SER C 340 -36.51 -32.68 6.05
CA SER C 340 -36.23 -33.01 4.65
C SER C 340 -35.11 -32.09 4.18
N ASN C 341 -34.32 -32.54 3.22
CA ASN C 341 -33.19 -31.76 2.70
C ASN C 341 -33.69 -30.50 2.00
N VAL C 342 -34.78 -30.64 1.24
CA VAL C 342 -35.37 -29.53 0.53
C VAL C 342 -35.88 -28.47 1.50
N PHE C 343 -36.69 -28.87 2.48
CA PHE C 343 -37.22 -27.92 3.46
C PHE C 343 -36.20 -26.91 4.01
N THR C 344 -34.91 -27.25 4.07
CA THR C 344 -33.95 -26.25 4.57
C THR C 344 -33.69 -25.20 3.50
N PHE C 345 -34.37 -25.34 2.36
CA PHE C 345 -34.26 -24.37 1.28
C PHE C 345 -35.62 -23.71 1.08
N ALA C 346 -36.67 -24.41 1.49
CA ALA C 346 -38.03 -23.92 1.37
C ALA C 346 -38.32 -22.96 2.50
N PHE C 347 -37.57 -23.10 3.59
CA PHE C 347 -37.77 -22.24 4.74
C PHE C 347 -36.99 -20.95 4.56
N ARG C 348 -36.17 -20.92 3.52
CA ARG C 348 -35.40 -19.71 3.25
C ARG C 348 -36.25 -18.68 2.52
N PHE C 349 -37.57 -18.68 2.78
CA PHE C 349 -38.41 -17.65 2.19
C PHE C 349 -38.21 -16.53 3.22
N GLY C 350 -37.77 -16.93 4.41
CA GLY C 350 -37.53 -15.99 5.48
C GLY C 350 -36.64 -14.86 5.04
N HIS C 351 -35.64 -15.19 4.25
CA HIS C 351 -34.72 -14.17 3.80
C HIS C 351 -35.46 -12.97 3.25
N MET C 352 -36.31 -13.18 2.25
CA MET C 352 -37.09 -12.09 1.69
C MET C 352 -37.99 -11.31 2.67
N GLU C 353 -37.94 -11.61 3.96
CA GLU C 353 -38.81 -10.90 4.91
C GLU C 353 -38.01 -9.98 5.80
N VAL C 354 -36.73 -9.88 5.48
CA VAL C 354 -35.84 -9.05 6.25
C VAL C 354 -35.74 -7.73 5.50
N PRO C 355 -35.99 -6.60 6.20
CA PRO C 355 -35.93 -5.21 5.71
C PRO C 355 -34.48 -4.75 5.76
N SER C 356 -34.20 -3.59 5.15
CA SER C 356 -32.82 -3.10 5.08
C SER C 356 -32.31 -2.29 6.28
N THR C 357 -33.13 -2.17 7.32
CA THR C 357 -32.70 -1.44 8.51
C THR C 357 -33.18 -2.08 9.78
N VAL C 358 -32.45 -1.81 10.86
CA VAL C 358 -32.83 -2.31 12.16
C VAL C 358 -32.81 -1.08 13.04
N SER C 359 -33.88 -0.91 13.79
CA SER C 359 -34.02 0.28 14.65
C SER C 359 -34.09 -0.03 16.14
N ARG C 360 -33.50 0.85 16.94
CA ARG C 360 -33.58 0.69 18.39
C ARG C 360 -34.53 1.79 18.87
N LEU C 361 -35.57 1.44 19.60
CA LEU C 361 -36.48 2.45 20.11
C LEU C 361 -36.41 2.61 21.64
N ASP C 362 -37.10 3.63 22.13
CA ASP C 362 -37.06 3.95 23.56
C ASP C 362 -38.34 3.74 24.31
N GLU C 363 -38.37 4.33 25.50
CA GLU C 363 -39.50 4.30 26.42
C GLU C 363 -40.84 4.60 25.73
N ASN C 364 -40.86 5.64 24.92
CA ASN C 364 -42.08 6.05 24.23
C ASN C 364 -42.12 5.48 22.81
N TYR C 365 -41.32 4.44 22.59
CA TYR C 365 -41.23 3.82 21.28
C TYR C 365 -40.82 4.84 20.24
N GLN C 366 -39.93 5.73 20.66
CA GLN C 366 -39.36 6.79 19.84
C GLN C 366 -37.90 6.43 19.63
N PRO C 367 -37.25 7.00 18.61
CA PRO C 367 -35.84 6.71 18.35
C PRO C 367 -34.94 6.85 19.59
N TRP C 368 -34.11 5.83 19.81
CA TRP C 368 -33.21 5.77 20.95
C TRP C 368 -31.81 6.24 20.58
N GLY C 369 -31.30 7.23 21.31
CA GLY C 369 -29.98 7.74 21.04
C GLY C 369 -29.83 8.42 19.69
N PRO C 370 -28.60 8.86 19.34
CA PRO C 370 -28.23 9.54 18.09
C PRO C 370 -28.45 8.66 16.85
N GLU C 371 -27.80 7.50 16.84
CA GLU C 371 -27.89 6.52 15.74
C GLU C 371 -28.91 5.42 16.04
N ALA C 372 -30.14 5.82 16.31
CA ALA C 372 -31.19 4.85 16.62
C ALA C 372 -31.41 3.86 15.48
N GLU C 373 -31.41 4.35 14.25
CA GLU C 373 -31.62 3.49 13.08
C GLU C 373 -30.33 3.16 12.35
N LEU C 374 -30.19 1.89 11.95
CA LEU C 374 -28.99 1.43 11.25
C LEU C 374 -29.28 0.46 10.11
N PRO C 375 -28.45 0.51 9.06
CA PRO C 375 -28.59 -0.37 7.90
C PRO C 375 -28.24 -1.79 8.33
N LEU C 376 -29.04 -2.76 8.03
CA LEU C 376 -28.88 -4.02 8.66
C LEU C 376 -27.48 -4.60 8.52
N HIS C 377 -26.79 -4.36 7.41
CA HIS C 377 -25.46 -4.94 7.30
C HIS C 377 -24.44 -4.61 8.36
N THR C 378 -24.66 -3.53 9.11
CA THR C 378 -23.74 -3.15 10.17
C THR C 378 -24.01 -4.05 11.36
N LEU C 379 -25.02 -4.89 11.24
CA LEU C 379 -25.42 -5.73 12.34
C LEU C 379 -25.10 -7.22 12.26
N PHE C 380 -24.31 -7.63 11.29
CA PHE C 380 -23.94 -9.04 11.16
C PHE C 380 -22.79 -9.28 12.10
N PHE C 381 -22.90 -10.35 12.88
CA PHE C 381 -21.87 -10.70 13.86
C PHE C 381 -21.50 -9.45 14.65
N ASN C 382 -22.55 -8.77 15.10
CA ASN C 382 -22.45 -7.55 15.86
C ASN C 382 -23.04 -7.78 17.25
N THR C 383 -22.17 -7.79 18.25
CA THR C 383 -22.61 -7.98 19.62
C THR C 383 -22.29 -6.75 20.45
N TRP C 384 -21.31 -5.97 20.01
CA TRP C 384 -20.94 -4.77 20.73
C TRP C 384 -22.11 -3.82 20.78
N ARG C 385 -22.96 -3.87 19.75
CA ARG C 385 -24.14 -3.01 19.69
C ARG C 385 -25.05 -3.27 20.88
N ILE C 386 -24.99 -4.49 21.41
CA ILE C 386 -25.82 -4.87 22.54
C ILE C 386 -25.10 -4.62 23.86
N ILE C 387 -23.98 -5.29 24.07
CA ILE C 387 -23.22 -5.14 25.30
C ILE C 387 -22.86 -3.68 25.56
N LYS C 388 -22.08 -3.10 24.64
CA LYS C 388 -21.60 -1.72 24.74
C LYS C 388 -22.68 -0.65 24.60
N ASP C 389 -23.74 -0.91 23.85
CA ASP C 389 -24.65 0.18 23.49
C ASP C 389 -26.16 0.00 23.59
N GLY C 390 -26.68 -0.06 24.78
CA GLY C 390 -28.11 -0.02 25.06
C GLY C 390 -28.79 -1.31 25.33
N GLY C 391 -28.18 -2.38 24.89
CA GLY C 391 -28.64 -3.68 25.35
C GLY C 391 -29.89 -4.15 24.59
N ILE C 392 -30.50 -5.22 25.09
CA ILE C 392 -31.68 -5.83 24.47
C ILE C 392 -32.97 -5.02 24.27
N ASP C 393 -33.41 -4.34 25.32
CA ASP C 393 -34.66 -3.60 25.30
C ASP C 393 -34.99 -2.69 24.13
N PRO C 394 -34.08 -1.77 23.74
CA PRO C 394 -34.46 -0.94 22.59
C PRO C 394 -34.74 -1.78 21.34
N LEU C 395 -33.99 -2.86 21.15
CA LEU C 395 -34.13 -3.74 19.99
C LEU C 395 -35.43 -4.51 19.97
N VAL C 396 -35.84 -4.99 21.13
CA VAL C 396 -37.07 -5.73 21.20
C VAL C 396 -38.25 -4.84 20.81
N ARG C 397 -38.19 -3.57 21.20
CA ARG C 397 -39.27 -2.64 20.85
C ARG C 397 -39.26 -2.50 19.33
N GLY C 398 -38.06 -2.43 18.76
CA GLY C 398 -37.93 -2.31 17.33
C GLY C 398 -38.52 -3.53 16.66
N LEU C 399 -38.32 -4.69 17.29
CA LEU C 399 -38.84 -5.95 16.78
C LEU C 399 -40.37 -5.96 16.85
N LEU C 400 -40.91 -5.21 17.81
CA LEU C 400 -42.35 -5.12 18.02
C LEU C 400 -43.05 -4.00 17.23
N ALA C 401 -42.42 -2.83 17.16
CA ALA C 401 -43.05 -1.69 16.52
C ALA C 401 -42.68 -1.41 15.08
N LYS C 402 -41.76 -2.18 14.52
CA LYS C 402 -41.38 -1.99 13.13
C LYS C 402 -41.83 -3.19 12.33
N ASN C 403 -42.28 -2.93 11.10
CA ASN C 403 -42.79 -3.97 10.21
C ASN C 403 -41.75 -4.91 9.61
N SER C 404 -42.17 -6.12 9.29
CA SER C 404 -41.29 -7.08 8.64
C SER C 404 -41.32 -6.65 7.19
N LYS C 405 -40.40 -7.14 6.38
CA LYS C 405 -40.41 -6.82 4.97
C LYS C 405 -41.26 -7.78 4.23
N LEU C 406 -42.16 -7.30 3.44
CA LEU C 406 -43.00 -8.20 2.69
C LEU C 406 -42.25 -8.59 1.43
N MET C 407 -42.55 -9.78 0.92
CA MET C 407 -41.94 -10.24 -0.30
C MET C 407 -42.70 -9.60 -1.47
N ASN C 408 -41.96 -9.04 -2.42
CA ASN C 408 -42.54 -8.42 -3.61
C ASN C 408 -41.97 -9.16 -4.82
N GLN C 409 -42.84 -9.55 -5.76
CA GLN C 409 -42.34 -10.25 -6.92
C GLN C 409 -41.30 -9.41 -7.67
N ASN C 410 -41.31 -8.10 -7.42
CA ASN C 410 -40.39 -7.16 -8.05
C ASN C 410 -39.25 -6.70 -7.10
N LYS C 411 -39.42 -6.94 -5.80
CA LYS C 411 -38.43 -6.56 -4.79
C LYS C 411 -38.30 -7.73 -3.83
N MET C 412 -37.38 -8.63 -4.11
CA MET C 412 -37.23 -9.84 -3.31
C MET C 412 -36.26 -9.84 -2.13
N VAL C 413 -35.00 -9.53 -2.36
CA VAL C 413 -34.05 -9.53 -1.25
C VAL C 413 -33.27 -8.25 -1.21
N THR C 414 -33.26 -7.62 -0.04
CA THR C 414 -32.58 -6.34 0.16
C THR C 414 -31.09 -6.42 -0.09
N SER C 415 -30.55 -5.40 -0.77
CA SER C 415 -29.14 -5.34 -1.10
C SER C 415 -28.25 -5.52 0.11
N GLU C 416 -28.77 -5.18 1.28
CA GLU C 416 -28.00 -5.33 2.50
C GLU C 416 -27.57 -6.78 2.59
N LEU C 417 -28.45 -7.69 2.17
CA LEU C 417 -28.14 -9.13 2.19
C LEU C 417 -27.64 -9.64 0.84
N ARG C 418 -28.21 -9.15 -0.25
CA ARG C 418 -27.79 -9.50 -1.60
C ARG C 418 -26.40 -9.00 -2.01
N ASN C 419 -26.07 -7.80 -1.60
CA ASN C 419 -24.80 -7.19 -1.96
C ASN C 419 -23.82 -7.05 -0.80
N LYS C 420 -24.30 -6.74 0.40
CA LYS C 420 -23.41 -6.50 1.52
C LYS C 420 -23.28 -7.52 2.63
N LEU C 421 -23.68 -8.77 2.39
CA LEU C 421 -23.59 -9.81 3.42
C LEU C 421 -22.15 -10.04 3.81
N PHE C 422 -21.95 -10.30 5.10
CA PHE C 422 -20.63 -10.57 5.65
C PHE C 422 -20.51 -12.08 5.82
N GLN C 423 -19.33 -12.59 5.51
CA GLN C 423 -19.08 -14.01 5.63
C GLN C 423 -18.04 -14.17 6.71
N PRO C 424 -18.32 -14.86 7.76
CA PRO C 424 -17.26 -15.04 8.73
C PRO C 424 -16.22 -15.90 8.09
N THR C 425 -14.98 -15.61 8.40
CA THR C 425 -13.81 -16.14 7.72
C THR C 425 -13.51 -15.36 6.48
N HIS C 426 -14.30 -14.36 6.22
CA HIS C 426 -14.13 -13.50 5.04
C HIS C 426 -14.08 -12.08 5.53
N LYS C 427 -13.20 -11.30 4.92
CA LYS C 427 -12.96 -9.92 5.32
C LYS C 427 -14.02 -8.88 4.98
N VAL C 428 -14.69 -9.06 3.84
CA VAL C 428 -15.66 -8.09 3.35
C VAL C 428 -17.14 -8.18 3.67
N HIS C 429 -17.78 -7.01 3.58
CA HIS C 429 -19.21 -6.85 3.79
C HIS C 429 -19.75 -6.75 2.37
N GLY C 430 -19.43 -7.74 1.54
CA GLY C 430 -19.86 -7.68 0.15
C GLY C 430 -20.31 -8.95 -0.54
N PHE C 431 -20.97 -9.85 0.18
CA PHE C 431 -21.42 -11.10 -0.40
C PHE C 431 -22.92 -11.15 -0.68
N ASP C 432 -23.32 -12.15 -1.47
CA ASP C 432 -24.71 -12.31 -1.85
C ASP C 432 -25.36 -13.57 -1.25
N LEU C 433 -26.23 -13.40 -0.25
CA LEU C 433 -26.93 -14.53 0.37
C LEU C 433 -27.86 -15.22 -0.61
N ALA C 434 -28.44 -14.44 -1.54
CA ALA C 434 -29.33 -14.97 -2.55
C ALA C 434 -28.59 -15.96 -3.44
N ALA C 435 -27.43 -15.53 -3.93
CA ALA C 435 -26.61 -16.37 -4.80
C ALA C 435 -26.11 -17.60 -4.04
N ILE C 436 -25.66 -17.38 -2.82
CA ILE C 436 -25.16 -18.47 -2.00
C ILE C 436 -26.26 -19.53 -1.86
N ASN C 437 -27.52 -19.11 -1.76
CA ASN C 437 -28.61 -20.08 -1.62
C ASN C 437 -28.60 -20.93 -2.86
N LEU C 438 -28.93 -20.28 -3.98
CA LEU C 438 -28.95 -20.92 -5.28
C LEU C 438 -27.83 -21.94 -5.40
N GLN C 439 -26.59 -21.49 -5.18
CA GLN C 439 -25.42 -22.37 -5.26
C GLN C 439 -25.46 -23.52 -4.25
N ARG C 440 -26.28 -23.38 -3.20
CA ARG C 440 -26.41 -24.40 -2.14
C ARG C 440 -27.43 -25.42 -2.60
N CYS C 441 -28.45 -24.93 -3.30
CA CYS C 441 -29.50 -25.79 -3.83
C CYS C 441 -28.88 -26.82 -4.74
N ARG C 442 -27.86 -26.41 -5.48
CA ARG C 442 -27.19 -27.32 -6.38
C ARG C 442 -26.27 -28.23 -5.61
N ASP C 443 -25.59 -27.66 -4.61
CA ASP C 443 -24.65 -28.38 -3.75
C ASP C 443 -25.35 -29.65 -3.24
N HIS C 444 -26.53 -29.49 -2.64
CA HIS C 444 -27.27 -30.62 -2.08
C HIS C 444 -27.98 -31.43 -3.16
N GLY C 445 -27.61 -31.16 -4.41
CA GLY C 445 -28.23 -31.85 -5.51
C GLY C 445 -29.72 -31.74 -5.34
N MET C 446 -30.23 -30.51 -5.42
CA MET C 446 -31.66 -30.29 -5.29
C MET C 446 -32.31 -30.55 -6.64
N PRO C 447 -33.57 -31.01 -6.61
CA PRO C 447 -34.32 -31.28 -7.83
C PRO C 447 -34.90 -29.92 -8.17
N GLY C 448 -35.21 -29.69 -9.45
CA GLY C 448 -35.75 -28.40 -9.83
C GLY C 448 -37.20 -28.14 -9.48
N TYR C 449 -37.64 -26.93 -9.82
CA TYR C 449 -39.00 -26.42 -9.60
C TYR C 449 -40.14 -27.36 -9.95
N ASN C 450 -40.10 -27.99 -11.11
CA ASN C 450 -41.20 -28.88 -11.47
C ASN C 450 -41.22 -30.21 -10.77
N SER C 451 -40.06 -30.68 -10.31
CA SER C 451 -39.99 -31.93 -9.56
C SER C 451 -40.85 -31.74 -8.31
N TRP C 452 -40.57 -30.65 -7.60
CA TRP C 452 -41.34 -30.28 -6.42
C TRP C 452 -42.79 -29.97 -6.74
N ARG C 453 -43.03 -29.27 -7.85
CA ARG C 453 -44.38 -28.85 -8.19
C ARG C 453 -45.16 -30.14 -8.39
N GLY C 454 -44.52 -31.10 -9.05
CA GLY C 454 -45.14 -32.39 -9.29
C GLY C 454 -45.34 -33.13 -7.97
N PHE C 455 -44.33 -33.08 -7.11
CA PHE C 455 -44.39 -33.72 -5.82
C PHE C 455 -45.59 -33.20 -5.02
N CYS C 456 -45.84 -31.90 -5.11
CA CYS C 456 -46.95 -31.30 -4.39
C CYS C 456 -48.28 -31.29 -5.13
N GLY C 457 -48.35 -32.08 -6.20
CA GLY C 457 -49.56 -32.18 -6.99
C GLY C 457 -50.02 -30.94 -7.70
N LEU C 458 -49.07 -30.04 -7.98
CA LEU C 458 -49.35 -28.78 -8.65
C LEU C 458 -48.90 -28.84 -10.10
N SER C 459 -49.55 -28.07 -10.96
CA SER C 459 -49.23 -28.05 -12.38
C SER C 459 -47.74 -27.84 -12.61
N GLN C 460 -47.26 -28.32 -13.75
CA GLN C 460 -45.86 -28.20 -14.08
C GLN C 460 -45.69 -27.48 -15.41
N PRO C 461 -45.61 -26.15 -15.35
CA PRO C 461 -45.45 -25.33 -16.55
C PRO C 461 -44.20 -25.71 -17.31
N LYS C 462 -44.33 -25.84 -18.63
CA LYS C 462 -43.18 -26.17 -19.47
C LYS C 462 -42.87 -24.95 -20.33
N THR C 463 -43.86 -24.07 -20.47
CA THR C 463 -43.71 -22.88 -21.29
C THR C 463 -43.86 -21.57 -20.50
N LEU C 464 -43.56 -20.47 -21.18
CA LEU C 464 -43.67 -19.13 -20.61
C LEU C 464 -45.13 -18.88 -20.25
N LYS C 465 -46.02 -19.01 -21.24
CA LYS C 465 -47.44 -18.79 -21.01
C LYS C 465 -47.87 -19.45 -19.71
N GLY C 466 -47.51 -20.72 -19.58
CA GLY C 466 -47.88 -21.50 -18.40
C GLY C 466 -47.25 -21.02 -17.11
N LEU C 467 -46.06 -20.44 -17.20
CA LEU C 467 -45.37 -19.94 -16.03
C LEU C 467 -45.99 -18.59 -15.67
N GLN C 468 -46.53 -17.92 -16.69
CA GLN C 468 -47.21 -16.64 -16.48
C GLN C 468 -48.50 -16.99 -15.77
N ALA C 469 -49.06 -18.14 -16.11
CA ALA C 469 -50.29 -18.63 -15.49
C ALA C 469 -50.06 -18.85 -13.97
N VAL C 470 -49.06 -19.66 -13.65
CA VAL C 470 -48.70 -19.98 -12.26
C VAL C 470 -48.31 -18.71 -11.49
N LEU C 471 -47.38 -17.95 -12.06
CA LEU C 471 -46.88 -16.74 -11.43
C LEU C 471 -47.69 -15.42 -11.53
N LYS C 472 -48.56 -15.32 -12.54
CA LYS C 472 -49.35 -14.11 -12.76
C LYS C 472 -48.45 -12.90 -12.99
N ASN C 473 -47.35 -13.11 -13.73
CA ASN C 473 -46.40 -12.03 -14.02
C ASN C 473 -45.55 -12.34 -15.24
N LYS C 474 -45.93 -11.78 -16.39
CA LYS C 474 -45.20 -12.01 -17.62
C LYS C 474 -43.72 -11.68 -17.55
N VAL C 475 -43.38 -10.46 -17.11
CA VAL C 475 -41.98 -10.02 -17.03
C VAL C 475 -41.08 -10.93 -16.22
N LEU C 476 -41.54 -11.34 -15.03
CA LEU C 476 -40.78 -12.23 -14.17
C LEU C 476 -40.64 -13.61 -14.85
N ALA C 477 -41.76 -14.08 -15.38
CA ALA C 477 -41.76 -15.35 -16.07
C ALA C 477 -40.69 -15.36 -17.14
N LYS C 478 -40.70 -14.36 -18.01
CA LYS C 478 -39.71 -14.32 -19.07
C LYS C 478 -38.31 -14.20 -18.51
N LYS C 479 -38.08 -13.21 -17.66
CA LYS C 479 -36.76 -13.04 -17.06
C LYS C 479 -36.26 -14.36 -16.49
N LEU C 480 -37.17 -15.13 -15.88
CA LEU C 480 -36.84 -16.45 -15.32
C LEU C 480 -36.53 -17.46 -16.42
N LEU C 481 -37.47 -17.65 -17.34
CA LEU C 481 -37.25 -18.60 -18.41
C LEU C 481 -36.10 -18.16 -19.30
N ASP C 482 -35.88 -16.86 -19.45
CA ASP C 482 -34.77 -16.44 -20.29
C ASP C 482 -33.52 -17.03 -19.63
N LEU C 483 -33.41 -16.84 -18.31
CA LEU C 483 -32.28 -17.34 -17.54
C LEU C 483 -32.15 -18.87 -17.51
N TYR C 484 -33.29 -19.51 -17.30
CA TYR C 484 -33.37 -20.92 -17.13
C TYR C 484 -33.91 -21.74 -18.31
N LYS C 485 -34.56 -21.11 -19.26
CA LYS C 485 -35.02 -21.81 -20.43
C LYS C 485 -36.23 -22.65 -20.19
N THR C 486 -36.12 -23.51 -19.21
CA THR C 486 -37.14 -24.47 -18.80
C THR C 486 -37.42 -24.43 -17.31
N PRO C 487 -38.71 -24.32 -16.94
CA PRO C 487 -39.11 -24.28 -15.52
C PRO C 487 -38.75 -25.59 -14.82
N ASP C 488 -38.23 -26.55 -15.57
CA ASP C 488 -37.82 -27.80 -14.95
C ASP C 488 -36.50 -27.47 -14.25
N ASN C 489 -35.71 -26.58 -14.85
CA ASN C 489 -34.40 -26.21 -14.32
C ASN C 489 -34.30 -25.16 -13.22
N ILE C 490 -35.38 -24.39 -13.03
CA ILE C 490 -35.41 -23.34 -12.01
C ILE C 490 -35.06 -23.88 -10.62
N ASP C 491 -33.93 -23.43 -10.08
CA ASP C 491 -33.50 -23.86 -8.74
C ASP C 491 -34.66 -23.64 -7.74
N ILE C 492 -35.18 -24.73 -7.18
CA ILE C 492 -36.31 -24.64 -6.24
C ILE C 492 -36.44 -23.39 -5.38
N TRP C 493 -35.38 -22.96 -4.68
CA TRP C 493 -35.53 -21.89 -3.68
C TRP C 493 -36.04 -20.52 -4.19
N ILE C 494 -35.52 -20.04 -5.33
CA ILE C 494 -36.09 -18.90 -6.02
C ILE C 494 -37.45 -19.20 -6.66
N GLY C 495 -37.58 -20.34 -7.32
CA GLY C 495 -38.86 -20.68 -7.95
C GLY C 495 -39.96 -20.90 -6.93
N GLY C 496 -39.58 -21.49 -5.81
CA GLY C 496 -40.55 -21.72 -4.78
C GLY C 496 -41.00 -20.39 -4.23
N ASN C 497 -40.09 -19.42 -4.22
CA ASN C 497 -40.37 -18.10 -3.67
C ASN C 497 -41.08 -17.12 -4.60
N ALA C 498 -40.96 -17.34 -5.91
CA ALA C 498 -41.58 -16.48 -6.89
C ALA C 498 -43.10 -16.60 -6.97
N GLU C 499 -43.64 -17.71 -6.49
CA GLU C 499 -45.08 -17.95 -6.52
C GLU C 499 -45.95 -16.92 -5.80
N PRO C 500 -47.01 -16.45 -6.48
CA PRO C 500 -47.87 -15.47 -5.80
C PRO C 500 -48.36 -16.08 -4.49
N MET C 501 -48.47 -15.26 -3.45
CA MET C 501 -48.93 -15.73 -2.14
C MET C 501 -50.34 -16.29 -2.07
N VAL C 502 -50.51 -17.32 -1.24
CA VAL C 502 -51.81 -17.94 -1.04
C VAL C 502 -52.69 -17.02 -0.21
N GLU C 503 -53.97 -17.38 -0.12
CA GLU C 503 -54.98 -16.62 0.60
C GLU C 503 -54.72 -16.58 2.12
N ARG C 504 -54.59 -15.37 2.66
CA ARG C 504 -54.33 -15.14 4.08
C ARG C 504 -53.01 -15.70 4.57
N GLY C 505 -52.02 -15.78 3.68
CA GLY C 505 -50.72 -16.32 4.06
C GLY C 505 -49.57 -15.51 3.51
N ARG C 506 -48.35 -15.98 3.75
CA ARG C 506 -47.14 -15.30 3.26
C ARG C 506 -46.31 -16.12 2.25
N VAL C 507 -46.75 -17.31 1.89
CA VAL C 507 -46.00 -18.16 0.98
C VAL C 507 -46.89 -18.60 -0.17
N GLY C 508 -46.29 -19.24 -1.17
CA GLY C 508 -47.06 -19.71 -2.31
C GLY C 508 -47.55 -21.13 -2.09
N PRO C 509 -48.33 -21.68 -3.03
CA PRO C 509 -48.84 -23.05 -2.88
C PRO C 509 -47.73 -24.10 -2.80
N LEU C 510 -46.60 -23.83 -3.45
CA LEU C 510 -45.49 -24.78 -3.44
C LEU C 510 -44.74 -24.77 -2.13
N LEU C 511 -44.34 -23.58 -1.66
CA LEU C 511 -43.60 -23.49 -0.41
C LEU C 511 -44.51 -23.96 0.70
N ALA C 512 -45.76 -23.51 0.63
CA ALA C 512 -46.78 -23.84 1.60
C ALA C 512 -46.91 -25.35 1.76
N CYS C 513 -46.82 -26.07 0.65
CA CYS C 513 -46.95 -27.53 0.67
C CYS C 513 -45.78 -28.20 1.38
N LEU C 514 -44.57 -27.77 1.01
CA LEU C 514 -43.35 -28.31 1.57
C LEU C 514 -43.28 -27.99 3.06
N LEU C 515 -43.21 -26.70 3.40
CA LEU C 515 -43.19 -26.32 4.81
C LEU C 515 -44.33 -27.08 5.47
N GLY C 516 -45.49 -27.02 4.81
CA GLY C 516 -46.67 -27.68 5.34
C GLY C 516 -46.45 -29.10 5.77
N ARG C 517 -45.93 -29.93 4.88
CA ARG C 517 -45.71 -31.34 5.19
C ARG C 517 -44.68 -31.53 6.30
N GLN C 518 -43.66 -30.69 6.31
CA GLN C 518 -42.58 -30.80 7.28
C GLN C 518 -43.02 -30.52 8.70
N PHE C 519 -43.78 -29.44 8.89
CA PHE C 519 -44.23 -29.11 10.24
C PHE C 519 -45.28 -30.10 10.70
N GLN C 520 -46.08 -30.58 9.76
CA GLN C 520 -47.07 -31.59 10.07
C GLN C 520 -46.27 -32.81 10.55
N GLN C 521 -45.10 -33.02 9.96
CA GLN C 521 -44.26 -34.16 10.32
C GLN C 521 -43.50 -34.00 11.62
N ILE C 522 -42.93 -32.82 11.83
CA ILE C 522 -42.16 -32.58 13.03
C ILE C 522 -43.03 -32.61 14.31
N ARG C 523 -44.35 -32.44 14.14
CA ARG C 523 -45.31 -32.51 15.25
C ARG C 523 -45.80 -33.95 15.42
N ASP C 524 -46.33 -34.47 14.31
CA ASP C 524 -46.88 -35.81 14.20
C ASP C 524 -45.87 -36.94 14.43
N GLY C 525 -44.60 -36.69 14.12
CA GLY C 525 -43.58 -37.71 14.32
C GLY C 525 -42.82 -37.45 15.62
N ASP C 526 -43.25 -36.44 16.36
CA ASP C 526 -42.61 -36.05 17.61
C ASP C 526 -43.29 -36.75 18.78
N ARG C 527 -42.51 -37.46 19.59
CA ARG C 527 -43.05 -38.21 20.73
C ARG C 527 -43.40 -37.31 21.92
N PHE C 528 -42.58 -36.30 22.18
CA PHE C 528 -42.83 -35.38 23.28
C PHE C 528 -43.64 -34.16 22.87
N TRP C 529 -44.26 -34.21 21.69
CA TRP C 529 -45.04 -33.07 21.20
C TRP C 529 -45.88 -32.58 22.39
N TRP C 530 -45.82 -31.30 22.66
CA TRP C 530 -46.35 -30.80 23.92
C TRP C 530 -47.80 -31.25 24.00
N GLU C 531 -48.46 -31.32 22.86
CA GLU C 531 -49.89 -31.63 22.84
C GLU C 531 -50.21 -33.13 22.88
N ASN C 532 -49.21 -33.98 22.65
CA ASN C 532 -49.44 -35.43 22.70
C ASN C 532 -49.75 -35.81 24.15
N PRO C 533 -50.94 -36.36 24.40
CA PRO C 533 -51.34 -36.76 25.74
C PRO C 533 -50.23 -37.58 26.38
N GLY C 534 -50.12 -37.50 27.69
CA GLY C 534 -49.12 -38.28 28.39
C GLY C 534 -47.75 -37.64 28.39
N VAL C 535 -47.70 -36.32 28.31
CA VAL C 535 -46.43 -35.63 28.33
C VAL C 535 -46.61 -34.41 29.21
N PHE C 536 -47.78 -33.80 29.09
CA PHE C 536 -48.15 -32.65 29.86
C PHE C 536 -49.53 -32.97 30.43
N THR C 537 -49.74 -32.69 31.72
CA THR C 537 -51.04 -32.97 32.32
C THR C 537 -52.02 -31.97 31.73
N GLU C 538 -53.32 -32.25 31.79
CA GLU C 538 -54.26 -31.32 31.20
C GLU C 538 -54.17 -29.94 31.83
N LYS C 539 -53.94 -29.89 33.14
CA LYS C 539 -53.82 -28.60 33.80
C LYS C 539 -52.57 -27.88 33.31
N GLN C 540 -51.55 -28.64 32.94
CA GLN C 540 -50.34 -28.01 32.44
C GLN C 540 -50.60 -27.43 31.06
N ARG C 541 -51.33 -28.17 30.23
CA ARG C 541 -51.65 -27.67 28.90
C ARG C 541 -52.67 -26.53 28.96
N ASP C 542 -53.39 -26.42 30.08
CA ASP C 542 -54.35 -25.33 30.28
C ASP C 542 -53.54 -24.04 30.49
N SER C 543 -52.32 -24.19 31.02
CA SER C 543 -51.46 -23.03 31.28
C SER C 543 -50.63 -22.63 30.07
N LEU C 544 -50.00 -23.60 29.43
CA LEU C 544 -49.18 -23.32 28.27
C LEU C 544 -49.99 -22.64 27.17
N GLN C 545 -51.26 -23.02 27.07
CA GLN C 545 -52.16 -22.45 26.07
C GLN C 545 -52.19 -20.91 26.15
N LYS C 546 -51.86 -20.38 27.33
CA LYS C 546 -51.88 -18.95 27.57
C LYS C 546 -50.58 -18.16 27.33
N VAL C 547 -49.53 -18.84 26.86
CA VAL C 547 -48.25 -18.17 26.60
C VAL C 547 -48.34 -17.28 25.36
N SER C 548 -47.53 -16.22 25.35
CA SER C 548 -47.48 -15.30 24.23
C SER C 548 -46.08 -14.71 24.15
N PHE C 549 -45.69 -14.24 22.97
CA PHE C 549 -44.36 -13.66 22.87
C PHE C 549 -44.32 -12.41 23.73
N SER C 550 -45.44 -11.71 23.82
CA SER C 550 -45.52 -10.49 24.62
C SER C 550 -45.11 -10.80 26.05
N ARG C 551 -45.51 -11.98 26.53
CA ARG C 551 -45.17 -12.40 27.88
C ARG C 551 -43.66 -12.60 28.01
N LEU C 552 -43.10 -13.51 27.21
CA LEU C 552 -41.66 -13.77 27.24
C LEU C 552 -40.99 -12.46 27.56
N ILE C 553 -41.28 -11.46 26.73
CA ILE C 553 -40.74 -10.12 26.87
C ILE C 553 -40.91 -9.50 28.26
N CYS C 554 -42.15 -9.20 28.64
CA CYS C 554 -42.43 -8.58 29.94
C CYS C 554 -41.70 -9.28 31.09
N ASP C 555 -41.64 -10.60 31.08
CA ASP C 555 -40.97 -11.36 32.14
C ASP C 555 -39.45 -11.34 31.98
N ASN C 556 -38.97 -11.19 30.75
CA ASN C 556 -37.55 -11.25 30.49
C ASN C 556 -36.78 -9.99 30.10
N THR C 557 -37.41 -8.82 30.22
CA THR C 557 -36.75 -7.53 29.91
C THR C 557 -37.45 -6.45 30.72
N HIS C 558 -37.10 -5.19 30.47
CA HIS C 558 -37.74 -4.09 31.18
C HIS C 558 -38.77 -3.36 30.32
N ILE C 559 -39.43 -4.05 29.40
CA ILE C 559 -40.44 -3.43 28.54
C ILE C 559 -41.80 -3.49 29.23
N THR C 560 -42.35 -2.34 29.65
CA THR C 560 -43.64 -2.30 30.34
C THR C 560 -44.86 -2.37 29.44
N LYS C 561 -44.77 -1.76 28.25
CA LYS C 561 -45.89 -1.83 27.33
C LYS C 561 -45.57 -2.64 26.09
N VAL C 562 -46.53 -3.47 25.70
CA VAL C 562 -46.40 -4.36 24.56
C VAL C 562 -47.73 -4.63 23.87
N PRO C 563 -47.67 -5.15 22.64
CA PRO C 563 -48.92 -5.45 21.93
C PRO C 563 -49.32 -6.88 22.31
N LEU C 564 -50.62 -7.15 22.47
CA LEU C 564 -51.03 -8.50 22.84
C LEU C 564 -50.47 -9.48 21.82
N HIS C 565 -50.91 -9.32 20.58
CA HIS C 565 -50.45 -10.14 19.48
C HIS C 565 -49.24 -9.40 18.91
N ALA C 566 -48.07 -9.98 19.09
CA ALA C 566 -46.82 -9.37 18.66
C ALA C 566 -46.45 -9.54 17.20
N PHE C 567 -46.90 -10.62 16.56
CA PHE C 567 -46.54 -10.84 15.17
C PHE C 567 -47.13 -9.87 14.16
N GLN C 568 -48.43 -9.58 14.25
CA GLN C 568 -49.03 -8.67 13.29
C GLN C 568 -48.67 -7.22 13.58
N ALA C 569 -48.59 -6.43 12.51
CA ALA C 569 -48.23 -5.01 12.59
C ALA C 569 -48.86 -4.25 13.73
N ASN C 570 -48.03 -3.75 14.63
CA ASN C 570 -48.50 -2.98 15.80
C ASN C 570 -47.80 -1.61 15.79
N ASN C 571 -48.55 -0.56 16.11
CA ASN C 571 -48.01 0.80 16.16
C ASN C 571 -48.26 1.44 17.52
N TYR C 572 -47.31 2.23 18.01
CA TYR C 572 -47.49 2.86 19.31
C TYR C 572 -48.26 4.18 19.07
N PRO C 573 -49.28 4.46 19.93
CA PRO C 573 -49.63 3.52 21.02
C PRO C 573 -50.99 2.80 20.92
N HIS C 574 -51.70 2.93 19.78
CA HIS C 574 -53.02 2.30 19.68
C HIS C 574 -53.04 0.80 19.95
N ASP C 575 -52.02 0.10 19.49
CA ASP C 575 -51.97 -1.34 19.65
C ASP C 575 -51.22 -1.86 20.88
N PHE C 576 -50.81 -0.95 21.77
CA PHE C 576 -50.06 -1.35 22.96
C PHE C 576 -50.79 -1.20 24.29
N VAL C 577 -50.72 -2.26 25.10
CA VAL C 577 -51.34 -2.33 26.42
C VAL C 577 -50.35 -2.64 27.53
N ASP C 578 -50.72 -2.30 28.75
CA ASP C 578 -49.89 -2.54 29.93
C ASP C 578 -49.44 -3.99 29.95
N CYS C 579 -48.29 -4.26 30.56
CA CYS C 579 -47.82 -5.64 30.64
C CYS C 579 -48.67 -6.40 31.66
N SER C 580 -49.26 -5.67 32.59
CA SER C 580 -50.11 -6.31 33.58
C SER C 580 -51.35 -6.88 32.90
N ALA C 581 -51.79 -6.23 31.81
CA ALA C 581 -52.97 -6.69 31.09
C ALA C 581 -52.69 -7.87 30.15
N VAL C 582 -51.50 -8.46 30.25
CA VAL C 582 -51.13 -9.59 29.41
C VAL C 582 -51.15 -10.93 30.15
N ASP C 583 -51.72 -11.95 29.51
CA ASP C 583 -51.81 -13.29 30.07
C ASP C 583 -50.43 -13.80 30.51
N LYS C 584 -50.43 -14.68 31.52
CA LYS C 584 -49.20 -15.24 32.06
C LYS C 584 -49.28 -16.75 32.25
N LEU C 585 -48.11 -17.40 32.13
CA LEU C 585 -47.99 -18.83 32.30
C LEU C 585 -47.98 -19.13 33.79
N ASP C 586 -48.96 -19.91 34.25
CA ASP C 586 -49.02 -20.27 35.66
C ASP C 586 -48.26 -21.58 35.84
N LEU C 587 -47.38 -21.61 36.83
CA LEU C 587 -46.56 -22.80 37.08
C LEU C 587 -47.09 -23.67 38.19
N SER C 588 -48.28 -23.35 38.68
CA SER C 588 -48.91 -24.10 39.75
C SER C 588 -49.19 -25.54 39.35
N PRO C 589 -49.51 -25.81 38.07
CA PRO C 589 -49.77 -27.19 37.68
C PRO C 589 -48.49 -28.04 37.72
N TRP C 590 -47.36 -27.36 37.78
CA TRP C 590 -46.05 -27.97 37.85
C TRP C 590 -45.62 -28.20 39.28
N ALA C 591 -46.23 -27.42 40.17
CA ALA C 591 -45.82 -27.33 41.57
C ALA C 591 -45.95 -28.62 42.38
N SER C 592 -44.98 -28.83 43.24
CA SER C 592 -44.93 -29.95 44.17
C SER C 592 -44.40 -29.50 45.55
N ARG C 593 -44.79 -30.28 46.56
CA ARG C 593 -44.41 -30.04 47.95
C ARG C 593 -42.96 -30.41 48.25
N GLU C 594 -42.43 -29.75 49.27
CA GLU C 594 -41.08 -30.01 49.76
C GLU C 594 -40.81 -31.46 50.12
N ASN C 595 -41.73 -32.11 50.83
CA ASN C 595 -41.55 -33.51 51.22
C ASN C 595 -41.68 -34.51 50.07
N SER D 1 25.75 -16.17 10.84
CA SER D 1 26.48 -15.25 11.76
C SER D 1 27.94 -15.10 11.33
N TRP D 2 28.54 -13.96 11.64
CA TRP D 2 29.94 -13.74 11.29
C TRP D 2 30.69 -13.41 12.56
N GLU D 3 30.86 -14.44 13.38
CA GLU D 3 31.58 -14.36 14.64
C GLU D 3 30.69 -14.01 15.83
N VAL D 4 31.33 -13.66 16.93
CA VAL D 4 30.67 -13.13 18.11
C VAL D 4 30.91 -11.64 17.98
N GLY D 5 32.11 -11.31 17.51
CA GLY D 5 32.55 -9.93 17.35
C GLY D 5 34.00 -9.65 17.79
N CYS D 6 34.80 -9.04 16.90
CA CYS D 6 36.18 -8.64 17.13
C CYS D 6 36.17 -7.48 18.15
N GLY D 7 35.97 -7.71 19.44
CA GLY D 7 35.90 -6.56 20.32
C GLY D 7 37.19 -6.13 21.00
N ALA D 8 37.97 -7.10 21.48
CA ALA D 8 39.20 -6.83 22.21
C ALA D 8 38.87 -5.74 23.23
N PRO D 9 37.72 -5.89 23.92
CA PRO D 9 37.38 -4.87 24.91
C PRO D 9 37.86 -5.18 26.34
N VAL D 10 37.50 -6.35 26.89
CA VAL D 10 37.88 -6.72 28.27
C VAL D 10 37.67 -8.23 28.53
N PRO D 11 38.19 -8.77 29.66
CA PRO D 11 38.00 -10.18 30.01
C PRO D 11 36.53 -10.33 30.41
N LEU D 12 36.05 -11.56 30.53
CA LEU D 12 34.67 -11.78 30.93
C LEU D 12 34.48 -11.20 32.32
N VAL D 13 35.49 -11.39 33.16
CA VAL D 13 35.50 -10.81 34.50
C VAL D 13 34.69 -11.65 35.47
N THR D 14 34.57 -11.16 36.70
CA THR D 14 33.82 -11.87 37.74
C THR D 14 32.76 -10.93 38.27
N CYS D 15 31.51 -11.35 38.23
CA CYS D 15 30.42 -10.51 38.71
C CYS D 15 30.02 -10.90 40.13
N ASP D 16 30.38 -10.05 41.09
CA ASP D 16 30.05 -10.28 42.48
C ASP D 16 28.55 -10.47 42.68
N GLU D 17 27.74 -9.73 41.93
CA GLU D 17 26.31 -10.01 41.91
C GLU D 17 25.75 -9.57 43.26
N GLN D 18 26.33 -10.12 44.33
CA GLN D 18 25.89 -9.77 45.66
C GLN D 18 26.56 -8.47 46.06
N SER D 19 26.26 -7.43 45.30
CA SER D 19 26.54 -6.05 45.66
C SER D 19 25.27 -5.35 45.19
N PRO D 20 24.78 -4.36 45.94
CA PRO D 20 23.57 -3.70 45.48
C PRO D 20 23.81 -2.41 44.69
N TYR D 21 25.04 -2.22 44.23
CA TYR D 21 25.39 -1.02 43.46
C TYR D 21 25.97 -1.32 42.07
N ARG D 22 25.99 -0.32 41.20
CA ARG D 22 26.52 -0.49 39.84
C ARG D 22 28.02 -0.58 39.84
N THR D 23 28.56 -1.18 38.78
CA THR D 23 29.99 -1.25 38.64
C THR D 23 30.28 0.14 38.08
N ILE D 24 31.55 0.51 37.99
CA ILE D 24 31.93 1.80 37.43
C ILE D 24 31.83 1.64 35.91
N THR D 25 32.08 0.42 35.45
CA THR D 25 32.06 0.06 34.03
C THR D 25 30.71 -0.33 33.42
N GLY D 26 29.68 -0.51 34.23
CA GLY D 26 28.39 -0.90 33.69
C GLY D 26 28.28 -2.39 33.52
N ASP D 27 29.38 -3.10 33.69
CA ASP D 27 29.41 -4.55 33.58
C ASP D 27 28.53 -5.23 34.63
N CYS D 28 27.94 -6.37 34.24
CA CYS D 28 27.07 -7.20 35.09
C CYS D 28 25.63 -6.71 35.28
N ASN D 29 25.31 -5.51 34.79
CA ASN D 29 23.94 -5.02 34.90
C ASN D 29 23.03 -6.18 34.49
N ASN D 30 23.23 -6.67 33.27
CA ASN D 30 22.47 -7.78 32.72
C ASN D 30 23.16 -9.10 33.14
N ARG D 31 22.37 -10.05 33.67
CA ARG D 31 22.90 -11.32 34.14
C ARG D 31 23.13 -12.46 33.16
N ARG D 32 22.18 -12.73 32.28
CA ARG D 32 22.38 -13.79 31.30
C ARG D 32 23.62 -13.43 30.50
N SER D 33 23.80 -12.13 30.28
CA SER D 33 24.93 -11.57 29.54
C SER D 33 25.27 -10.25 30.21
N PRO D 34 26.33 -10.23 31.03
CA PRO D 34 26.75 -9.04 31.76
C PRO D 34 27.36 -7.86 30.98
N ALA D 35 28.21 -8.15 30.00
CA ALA D 35 28.88 -7.10 29.22
C ALA D 35 27.96 -6.12 28.49
N LEU D 36 26.70 -6.50 28.32
CA LEU D 36 25.71 -5.68 27.61
C LEU D 36 25.51 -4.26 28.11
N GLY D 37 26.01 -3.30 27.35
CA GLY D 37 25.86 -1.90 27.71
C GLY D 37 26.87 -1.42 28.74
N ALA D 38 28.08 -1.98 28.70
CA ALA D 38 29.14 -1.57 29.62
C ALA D 38 30.04 -0.57 28.90
N ALA D 39 31.23 -0.33 29.43
CA ALA D 39 32.17 0.60 28.84
C ALA D 39 33.18 -0.10 27.94
N ASN D 40 33.88 0.70 27.15
CA ASN D 40 34.84 0.21 26.18
C ASN D 40 34.42 -1.00 25.34
N ARG D 41 33.16 -1.05 24.93
CA ARG D 41 32.64 -2.12 24.08
C ARG D 41 31.99 -1.52 22.82
N ALA D 42 31.82 -2.33 21.77
CA ALA D 42 31.24 -1.83 20.51
C ALA D 42 29.85 -1.20 20.55
N LEU D 43 29.70 -0.06 19.87
CA LEU D 43 28.39 0.60 19.79
C LEU D 43 27.46 -0.42 19.14
N ALA D 44 26.19 -0.39 19.50
CA ALA D 44 25.24 -1.34 18.93
C ALA D 44 24.83 -0.91 17.51
N ARG D 45 24.54 -1.87 16.64
CA ARG D 45 24.12 -1.58 15.25
C ARG D 45 22.66 -1.99 15.06
N TRP D 46 21.75 -1.04 14.96
CA TRP D 46 20.35 -1.39 14.74
C TRP D 46 20.18 -1.69 13.25
N LEU D 47 21.20 -1.35 12.48
CA LEU D 47 21.22 -1.63 11.06
C LEU D 47 22.68 -1.92 10.71
N PRO D 48 22.90 -2.65 9.60
CA PRO D 48 24.23 -3.02 9.12
C PRO D 48 25.07 -1.85 8.67
N ALA D 49 26.34 -1.86 9.03
CA ALA D 49 27.22 -0.80 8.63
C ALA D 49 27.15 -0.73 7.11
N GLU D 50 27.34 0.47 6.58
CA GLU D 50 27.37 0.73 5.13
C GLU D 50 28.64 1.55 4.89
N TYR D 51 29.59 0.92 4.20
CA TYR D 51 30.91 1.49 3.90
C TYR D 51 31.24 1.23 2.44
N GLU D 52 32.14 2.04 1.91
CA GLU D 52 32.61 1.93 0.53
C GLU D 52 32.97 0.49 0.13
N ASP D 53 33.58 -0.25 1.06
CA ASP D 53 34.06 -1.60 0.78
C ASP D 53 33.41 -2.70 1.61
N GLY D 54 32.19 -2.46 2.06
CA GLY D 54 31.49 -3.44 2.88
C GLY D 54 32.07 -3.64 4.28
N LEU D 55 33.29 -3.16 4.53
CA LEU D 55 33.93 -3.36 5.83
C LEU D 55 34.26 -2.14 6.70
N ALA D 56 35.16 -1.26 6.24
CA ALA D 56 35.51 -0.08 7.04
C ALA D 56 35.85 1.20 6.30
N VAL D 57 35.81 1.20 4.98
CA VAL D 57 36.11 2.41 4.24
C VAL D 57 34.87 3.30 4.29
N PRO D 58 35.01 4.53 4.81
CA PRO D 58 33.88 5.45 4.91
C PRO D 58 33.54 6.00 3.55
N PHE D 59 32.29 6.34 3.30
CA PHE D 59 31.91 6.88 2.01
C PHE D 59 32.50 8.29 1.89
N GLY D 60 33.07 8.60 0.74
CA GLY D 60 33.68 9.90 0.55
C GLY D 60 35.20 9.75 0.59
N TRP D 61 35.64 8.53 0.91
CA TRP D 61 37.06 8.26 0.99
C TRP D 61 37.73 8.19 -0.38
N THR D 62 37.24 7.34 -1.25
CA THR D 62 37.84 7.24 -2.59
C THR D 62 37.09 8.20 -3.52
N GLN D 63 37.85 9.12 -4.12
CA GLN D 63 37.31 10.14 -5.01
C GLN D 63 36.48 9.63 -6.19
N ARG D 64 36.89 8.55 -6.80
CA ARG D 64 36.20 8.10 -7.97
C ARG D 64 35.37 6.86 -7.68
N LYS D 65 34.85 6.77 -6.47
CA LYS D 65 33.98 5.67 -6.05
C LYS D 65 32.71 6.37 -5.61
N THR D 66 31.55 5.81 -5.91
CA THR D 66 30.32 6.50 -5.57
C THR D 66 29.43 5.75 -4.62
N ARG D 67 28.40 6.45 -4.16
CA ARG D 67 27.43 5.86 -3.28
C ARG D 67 26.11 5.87 -4.04
N ASN D 68 25.63 4.68 -4.38
CA ASN D 68 24.37 4.57 -5.09
C ASN D 68 24.41 5.26 -6.45
N GLY D 69 25.58 5.58 -6.97
CA GLY D 69 25.61 6.21 -8.29
C GLY D 69 26.21 7.59 -8.43
N PHE D 70 26.24 8.36 -7.33
CA PHE D 70 26.82 9.72 -7.37
C PHE D 70 27.69 9.90 -6.13
N ARG D 71 28.81 10.61 -6.28
CA ARG D 71 29.71 10.82 -5.16
C ARG D 71 29.05 11.62 -4.06
N VAL D 72 29.62 11.51 -2.86
CA VAL D 72 29.13 12.21 -1.69
C VAL D 72 29.62 13.64 -1.69
N PRO D 73 28.72 14.59 -1.44
CA PRO D 73 29.19 15.97 -1.41
C PRO D 73 30.08 16.04 -0.17
N LEU D 74 31.06 16.92 -0.20
CA LEU D 74 31.96 17.14 0.93
C LEU D 74 31.09 17.57 2.14
N ALA D 75 31.52 17.26 3.35
CA ALA D 75 30.76 17.65 4.54
C ALA D 75 30.79 19.17 4.68
N ARG D 76 31.95 19.75 4.43
CA ARG D 76 32.07 21.19 4.52
C ARG D 76 31.08 21.88 3.54
N GLU D 77 30.85 21.31 2.35
CA GLU D 77 29.92 21.92 1.39
C GLU D 77 28.51 21.99 1.94
N VAL D 78 27.96 20.84 2.29
CA VAL D 78 26.61 20.81 2.81
C VAL D 78 26.53 21.71 4.03
N SER D 79 27.63 21.85 4.74
CA SER D 79 27.66 22.70 5.93
C SER D 79 27.36 24.13 5.49
N ASN D 80 28.23 24.68 4.65
CA ASN D 80 28.08 26.03 4.16
C ASN D 80 26.76 26.20 3.40
N LYS D 81 26.58 25.40 2.36
CA LYS D 81 25.39 25.47 1.53
C LYS D 81 24.06 25.29 2.23
N ILE D 82 24.08 24.67 3.40
CA ILE D 82 22.84 24.38 4.06
C ILE D 82 22.74 24.71 5.56
N VAL D 83 23.78 24.36 6.31
CA VAL D 83 23.79 24.55 7.75
C VAL D 83 23.99 25.95 8.29
N GLY D 84 24.89 26.71 7.66
CA GLY D 84 25.14 28.05 8.12
C GLY D 84 24.06 29.10 7.87
N TYR D 85 24.09 30.14 8.70
CA TYR D 85 23.19 31.28 8.59
C TYR D 85 24.00 32.41 9.24
N LEU D 86 23.78 33.63 8.77
CA LEU D 86 24.51 34.80 9.24
C LEU D 86 23.87 35.55 10.40
N ASP D 87 22.59 35.87 10.25
CA ASP D 87 21.81 36.63 11.23
C ASP D 87 21.29 35.82 12.40
N GLU D 88 21.52 36.31 13.61
CA GLU D 88 21.11 35.61 14.83
C GLU D 88 19.73 35.94 15.38
N GLU D 89 19.21 37.11 15.05
CA GLU D 89 17.91 37.52 15.55
C GLU D 89 16.89 36.41 15.32
N GLY D 90 16.16 36.06 16.37
CA GLY D 90 15.13 35.06 16.23
C GLY D 90 15.47 33.58 16.17
N VAL D 91 16.69 33.18 16.49
CA VAL D 91 17.00 31.76 16.45
C VAL D 91 16.74 31.22 17.85
N LEU D 92 16.43 32.12 18.76
CA LEU D 92 16.13 31.76 20.14
C LEU D 92 14.82 30.98 20.25
N ASP D 93 14.84 29.98 21.11
CA ASP D 93 13.65 29.23 21.48
C ASP D 93 12.91 30.01 22.59
N GLN D 94 11.75 30.55 22.25
CA GLN D 94 10.94 31.34 23.19
C GLN D 94 10.51 30.59 24.42
N ASN D 95 10.39 29.29 24.29
CA ASN D 95 9.92 28.41 25.33
C ASN D 95 10.94 27.40 25.83
N ARG D 96 12.23 27.60 25.60
CA ARG D 96 13.21 26.65 26.09
C ARG D 96 14.41 27.38 26.60
N SER D 97 14.72 27.17 27.86
CA SER D 97 15.85 27.82 28.48
C SER D 97 17.17 27.17 28.03
N LEU D 98 18.26 27.85 28.33
CA LEU D 98 19.57 27.34 27.94
C LEU D 98 19.86 26.00 28.65
N LEU D 99 19.34 25.84 29.86
CA LEU D 99 19.55 24.61 30.58
C LEU D 99 19.14 23.51 29.61
N PHE D 100 17.92 23.59 29.10
CA PHE D 100 17.39 22.62 28.14
C PHE D 100 18.51 22.09 27.23
N MET D 101 19.14 23.00 26.48
CA MET D 101 20.27 22.68 25.61
C MET D 101 21.38 22.04 26.46
N GLN D 102 21.77 22.75 27.51
CA GLN D 102 22.84 22.28 28.36
C GLN D 102 22.64 20.88 28.88
N TRP D 103 21.48 20.58 29.46
CA TRP D 103 21.28 19.25 29.97
C TRP D 103 21.49 18.26 28.85
N GLY D 104 20.85 18.49 27.71
CA GLY D 104 21.00 17.61 26.56
C GLY D 104 22.40 17.03 26.46
N GLN D 105 23.41 17.91 26.42
CA GLN D 105 24.82 17.53 26.37
C GLN D 105 25.29 16.72 27.62
N ILE D 106 24.53 16.80 28.72
CA ILE D 106 24.86 16.06 29.95
C ILE D 106 24.34 14.59 29.88
N VAL D 107 23.16 14.39 29.31
CA VAL D 107 22.70 13.01 29.18
C VAL D 107 23.68 12.36 28.20
N ASP D 108 23.77 12.92 27.00
CA ASP D 108 24.68 12.44 25.95
C ASP D 108 26.02 11.96 26.51
N HIS D 109 26.65 12.75 27.37
CA HIS D 109 27.92 12.33 27.93
C HIS D 109 27.81 11.12 28.84
N ASP D 110 26.79 11.08 29.69
CA ASP D 110 26.63 9.93 30.53
C ASP D 110 26.55 8.76 29.52
N LEU D 111 25.60 8.87 28.58
CA LEU D 111 25.35 7.85 27.57
C LEU D 111 26.42 7.38 26.59
N ASP D 112 27.17 8.27 25.95
CA ASP D 112 28.14 7.78 24.97
C ASP D 112 29.32 8.67 24.61
N PHE D 113 30.28 8.02 23.95
CA PHE D 113 31.54 8.65 23.53
C PHE D 113 32.35 7.65 22.69
N ALA D 114 32.79 8.12 21.54
CA ALA D 114 33.56 7.31 20.64
C ALA D 114 34.88 8.01 20.63
N PRO D 115 35.82 7.55 21.44
CA PRO D 115 37.13 8.17 21.50
C PRO D 115 37.78 8.29 20.13
N GLU D 116 38.08 9.51 19.72
CA GLU D 116 38.79 9.69 18.48
C GLU D 116 40.21 9.16 18.64
N THR D 117 40.76 8.64 17.57
CA THR D 117 42.10 8.08 17.63
C THR D 117 43.24 9.11 17.38
N GLU D 118 44.41 8.87 17.98
CA GLU D 118 45.58 9.71 17.77
C GLU D 118 46.83 8.92 17.39
N LEU D 119 46.86 7.67 17.83
CA LEU D 119 48.02 6.78 17.75
C LEU D 119 49.25 7.33 18.45
N GLY D 120 49.08 7.75 19.69
CA GLY D 120 50.19 8.27 20.48
C GLY D 120 50.09 9.68 21.04
N SER D 121 51.21 10.16 21.55
CA SER D 121 51.33 11.51 22.08
C SER D 121 52.09 12.24 20.97
N SER D 122 52.53 11.47 19.98
CA SER D 122 53.25 12.00 18.84
C SER D 122 53.57 10.94 17.76
N GLU D 123 53.43 11.35 16.50
CA GLU D 123 53.70 10.51 15.31
C GLU D 123 53.43 11.40 14.10
N HIS D 124 54.00 11.11 12.95
CA HIS D 124 53.81 12.03 11.83
C HIS D 124 52.49 12.06 11.08
N SER D 125 51.66 11.05 11.27
CA SER D 125 50.39 10.99 10.57
C SER D 125 49.41 12.01 11.12
N LYS D 126 49.71 12.55 12.30
CA LYS D 126 48.85 13.54 12.95
C LYS D 126 48.92 14.86 12.20
N VAL D 127 50.12 15.17 11.72
CA VAL D 127 50.39 16.42 11.01
C VAL D 127 50.47 16.28 9.49
N GLN D 128 50.33 15.05 9.00
CA GLN D 128 50.30 14.81 7.56
C GLN D 128 48.85 15.10 7.23
N CYS D 129 48.04 15.07 8.30
CA CYS D 129 46.62 15.31 8.21
C CYS D 129 46.36 16.81 8.28
N GLU D 130 47.13 17.49 9.13
CA GLU D 130 46.98 18.91 9.31
C GLU D 130 47.73 19.74 8.27
N GLU D 131 49.03 19.51 8.13
CA GLU D 131 49.87 20.27 7.20
C GLU D 131 49.94 19.81 5.74
N TYR D 132 49.14 18.82 5.36
CA TYR D 132 49.15 18.32 3.98
C TYR D 132 47.77 17.94 3.43
N CYS D 133 46.80 17.73 4.34
CA CYS D 133 45.45 17.33 3.94
C CYS D 133 45.55 16.08 3.09
N VAL D 134 46.43 15.19 3.52
CA VAL D 134 46.72 13.91 2.88
C VAL D 134 46.01 12.78 3.60
N GLN D 135 44.94 12.30 2.99
CA GLN D 135 44.15 11.22 3.56
C GLN D 135 44.87 9.89 3.67
N GLY D 136 44.61 9.19 4.77
CA GLY D 136 45.24 7.90 4.95
C GLY D 136 45.12 7.33 6.35
N ASP D 137 45.09 6.00 6.43
CA ASP D 137 44.98 5.35 7.69
C ASP D 137 43.79 5.98 8.40
N GLU D 138 43.97 6.43 9.64
CA GLU D 138 42.88 7.05 10.42
C GLU D 138 42.76 8.56 10.21
N CYS D 139 43.61 9.11 9.35
CA CYS D 139 43.54 10.52 9.04
C CYS D 139 42.51 10.60 7.90
N PHE D 140 41.47 11.40 8.10
CA PHE D 140 40.40 11.51 7.11
C PHE D 140 39.97 12.97 6.97
N PRO D 141 40.87 13.79 6.42
CA PRO D 141 40.72 15.22 6.19
C PRO D 141 39.40 15.65 5.60
N ILE D 142 38.86 16.75 6.12
CA ILE D 142 37.62 17.29 5.62
C ILE D 142 38.07 18.42 4.71
N MET D 143 37.97 18.18 3.42
CA MET D 143 38.39 19.12 2.41
C MET D 143 37.42 20.27 2.26
N PHE D 144 37.97 21.45 2.01
CA PHE D 144 37.19 22.66 1.79
C PHE D 144 36.78 22.68 0.32
N PRO D 145 35.55 23.10 0.01
CA PRO D 145 35.10 23.17 -1.39
C PRO D 145 35.56 24.47 -1.98
N LYS D 146 35.41 24.63 -3.30
CA LYS D 146 35.81 25.86 -3.96
C LYS D 146 34.91 26.97 -3.42
N ASN D 147 35.46 28.17 -3.31
CA ASN D 147 34.72 29.33 -2.82
C ASN D 147 34.64 29.40 -1.31
N ASP D 148 35.32 28.48 -0.64
CA ASP D 148 35.26 28.46 0.81
C ASP D 148 36.26 29.44 1.42
N PRO D 149 35.75 30.48 2.07
CA PRO D 149 36.59 31.50 2.70
C PRO D 149 37.72 30.91 3.55
N LYS D 150 37.44 29.84 4.29
CA LYS D 150 38.47 29.23 5.13
C LYS D 150 39.64 28.79 4.26
N LEU D 151 39.34 28.51 3.00
CA LEU D 151 40.34 28.06 2.05
C LEU D 151 41.49 29.08 1.96
N LYS D 152 41.15 30.35 2.19
CA LYS D 152 42.10 31.46 2.12
C LYS D 152 42.90 31.66 3.39
N THR D 153 42.28 31.30 4.51
CA THR D 153 42.87 31.50 5.81
C THR D 153 43.35 30.27 6.59
N GLN D 154 42.81 29.09 6.30
CA GLN D 154 43.17 27.89 7.06
C GLN D 154 43.89 26.78 6.29
N GLY D 155 43.73 26.75 4.96
CA GLY D 155 44.39 25.71 4.20
C GLY D 155 43.47 25.05 3.19
N LYS D 156 43.70 23.76 2.94
CA LYS D 156 42.88 23.01 1.97
C LYS D 156 41.91 22.04 2.67
N CYS D 157 41.92 22.06 4.01
CA CYS D 157 41.08 21.15 4.78
C CYS D 157 41.10 21.37 6.28
N MET D 158 40.40 20.47 6.96
CA MET D 158 40.33 20.43 8.39
C MET D 158 40.71 19.02 8.80
N PRO D 159 41.77 18.88 9.60
CA PRO D 159 42.17 17.54 10.05
C PRO D 159 40.99 16.87 10.78
N PHE D 160 40.82 15.57 10.56
CA PHE D 160 39.77 14.78 11.17
C PHE D 160 40.34 13.39 11.32
N PHE D 161 40.14 12.79 12.48
CA PHE D 161 40.63 11.45 12.71
C PHE D 161 39.45 10.58 13.06
N ARG D 162 39.48 9.36 12.53
CA ARG D 162 38.39 8.43 12.72
C ARG D 162 38.23 7.90 14.12
N ALA D 163 36.96 7.68 14.48
CA ALA D 163 36.58 7.14 15.76
C ALA D 163 37.23 5.78 16.00
N GLY D 164 37.62 5.52 17.25
CA GLY D 164 38.24 4.26 17.59
C GLY D 164 37.24 3.15 17.35
N PHE D 165 37.72 1.97 16.96
CA PHE D 165 36.83 0.87 16.60
C PHE D 165 37.23 -0.41 17.25
N VAL D 166 36.37 -1.39 17.40
CA VAL D 166 36.73 -2.55 18.19
C VAL D 166 37.79 -3.48 17.64
N CYS D 167 38.43 -4.22 18.50
CA CYS D 167 39.66 -4.76 18.04
C CYS D 167 40.67 -3.63 18.22
N PRO D 168 41.71 -3.59 17.29
CA PRO D 168 42.71 -2.54 17.54
C PRO D 168 42.52 -1.13 17.04
N THR D 169 43.59 -0.38 17.22
CA THR D 169 43.90 0.94 16.66
C THR D 169 44.03 1.00 15.13
N PRO D 170 44.54 -0.07 14.51
CA PRO D 170 44.84 -0.19 13.07
C PRO D 170 43.81 -1.10 12.33
N PRO D 171 43.90 -1.19 10.99
CA PRO D 171 42.97 -1.99 10.17
C PRO D 171 43.04 -3.53 10.04
N TYR D 172 41.85 -4.16 10.09
CA TYR D 172 41.68 -5.61 9.98
C TYR D 172 40.70 -5.97 8.84
N GLN D 173 40.46 -7.27 8.65
CA GLN D 173 39.60 -7.73 7.54
C GLN D 173 38.78 -9.01 7.76
N SER D 174 37.46 -8.85 7.96
CA SER D 174 36.53 -9.98 8.15
C SER D 174 35.13 -9.59 8.63
N LEU D 175 35.07 -8.58 9.50
CA LEU D 175 33.80 -8.12 10.07
C LEU D 175 33.60 -6.63 9.82
N ALA D 176 32.34 -6.20 9.73
CA ALA D 176 32.05 -4.78 9.51
C ALA D 176 32.41 -3.98 10.77
N ARG D 177 33.33 -3.03 10.62
CA ARG D 177 33.81 -2.17 11.69
C ARG D 177 32.75 -1.64 12.65
N ASP D 178 33.07 -1.65 13.93
CA ASP D 178 32.14 -1.16 14.94
C ASP D 178 32.91 -0.16 15.81
N GLN D 179 32.38 1.04 15.98
CA GLN D 179 33.06 2.02 16.81
C GLN D 179 32.82 1.68 18.30
N ILE D 180 33.84 1.93 19.11
CA ILE D 180 33.74 1.66 20.54
C ILE D 180 32.94 2.73 21.28
N ASN D 181 32.29 2.31 22.35
CA ASN D 181 31.60 3.25 23.21
C ASN D 181 32.43 3.20 24.48
N ALA D 182 33.00 4.34 24.86
CA ALA D 182 33.91 4.44 26.01
C ALA D 182 33.31 4.74 27.37
N VAL D 183 32.00 4.91 27.45
CA VAL D 183 31.38 5.18 28.72
C VAL D 183 30.15 4.32 28.80
N THR D 184 29.61 4.17 30.00
CA THR D 184 28.43 3.33 30.19
C THR D 184 27.15 3.78 29.45
N SER D 185 26.33 2.83 29.00
CA SER D 185 25.12 3.17 28.25
C SER D 185 23.96 3.42 29.20
N PHE D 186 24.15 3.09 30.47
CA PHE D 186 23.11 3.30 31.47
C PHE D 186 23.24 4.73 31.95
N LEU D 187 22.15 5.47 32.04
CA LEU D 187 22.29 6.87 32.38
C LEU D 187 22.56 6.87 33.86
N ASP D 188 23.80 6.48 34.17
CA ASP D 188 24.24 6.20 35.54
C ASP D 188 25.20 7.18 36.24
N ALA D 189 25.22 8.44 35.82
CA ALA D 189 26.14 9.42 36.39
C ALA D 189 27.61 9.09 36.11
N SER D 190 27.88 8.41 34.98
CA SER D 190 29.25 8.07 34.62
C SER D 190 30.05 9.32 34.23
N LEU D 191 29.35 10.41 33.93
CA LEU D 191 30.02 11.65 33.56
C LEU D 191 30.68 12.28 34.78
N VAL D 192 30.33 11.80 35.97
CA VAL D 192 30.96 12.33 37.16
C VAL D 192 31.90 11.29 37.81
N TYR D 193 31.42 10.07 37.98
CA TYR D 193 32.12 8.93 38.57
C TYR D 193 33.29 8.30 37.78
N GLY D 194 33.22 8.40 36.47
CA GLY D 194 34.19 7.78 35.59
C GLY D 194 33.61 6.49 35.05
N SER D 195 34.25 5.91 34.04
CA SER D 195 33.76 4.66 33.48
C SER D 195 34.86 3.61 33.52
N GLU D 196 36.09 4.09 33.73
CA GLU D 196 37.25 3.21 33.92
C GLU D 196 37.35 3.22 35.46
N PRO D 197 37.71 2.09 36.06
CA PRO D 197 37.79 2.03 37.51
C PRO D 197 38.94 2.79 38.17
N SER D 198 40.13 2.66 37.59
CA SER D 198 41.28 3.33 38.15
C SER D 198 41.24 4.84 37.97
N LEU D 199 40.09 5.35 37.54
CA LEU D 199 39.89 6.77 37.31
C LEU D 199 38.80 7.25 38.25
N ALA D 200 37.88 6.34 38.54
CA ALA D 200 36.81 6.63 39.47
C ALA D 200 37.49 6.75 40.83
N SER D 201 38.51 5.92 41.03
CA SER D 201 39.30 5.89 42.27
C SER D 201 40.14 7.17 42.42
N ARG D 202 40.84 7.54 41.35
CA ARG D 202 41.69 8.74 41.30
C ARG D 202 40.81 9.99 41.36
N LEU D 203 39.50 9.79 41.47
CA LEU D 203 38.53 10.87 41.56
C LEU D 203 37.91 10.88 42.94
N ARG D 204 37.99 9.74 43.60
CA ARG D 204 37.45 9.67 44.92
C ARG D 204 38.40 10.30 45.89
N ASN D 205 37.82 10.69 47.02
CA ASN D 205 38.60 11.23 48.10
C ASN D 205 38.88 10.06 48.99
N LEU D 206 40.09 9.55 48.91
CA LEU D 206 40.48 8.38 49.69
C LEU D 206 41.33 8.65 50.93
N SER D 207 41.69 9.92 51.13
CA SER D 207 42.50 10.34 52.27
C SER D 207 41.78 10.08 53.59
N SER D 208 40.57 10.63 53.72
CA SER D 208 39.74 10.44 54.90
C SER D 208 38.60 9.53 54.46
N PRO D 209 38.17 8.60 55.32
CA PRO D 209 37.07 7.69 54.93
C PRO D 209 35.66 8.28 55.07
N LEU D 210 35.34 9.30 54.27
CA LEU D 210 34.02 9.95 54.36
C LEU D 210 33.14 9.97 53.09
N GLY D 211 33.45 9.09 52.14
CA GLY D 211 32.65 8.96 50.92
C GLY D 211 32.85 9.97 49.79
N LEU D 212 33.26 11.17 50.15
CA LEU D 212 33.48 12.26 49.22
C LEU D 212 34.29 12.01 47.96
N MET D 213 34.01 12.85 46.98
CA MET D 213 34.69 12.86 45.69
C MET D 213 35.70 13.97 45.89
N ALA D 214 36.82 13.90 45.20
CA ALA D 214 37.88 14.91 45.33
C ALA D 214 37.51 16.27 44.79
N VAL D 215 37.98 17.31 45.48
CA VAL D 215 37.76 18.70 45.11
C VAL D 215 39.10 19.40 44.85
N ASN D 216 39.04 20.55 44.17
CA ASN D 216 40.23 21.34 43.87
C ASN D 216 40.69 22.00 45.17
N GLN D 217 41.97 22.32 45.27
CA GLN D 217 42.53 22.97 46.46
C GLN D 217 43.23 24.29 46.10
N GLU D 218 43.31 24.53 44.80
CA GLU D 218 43.93 25.73 44.26
C GLU D 218 42.89 26.74 43.77
N ALA D 219 41.64 26.55 44.17
CA ALA D 219 40.57 27.46 43.79
C ALA D 219 39.26 27.11 44.46
N TRP D 220 38.50 28.13 44.84
CA TRP D 220 37.20 27.90 45.46
C TRP D 220 36.24 28.96 44.96
N ASP D 221 34.95 28.63 44.95
CA ASP D 221 33.92 29.56 44.53
C ASP D 221 33.23 30.02 45.80
N HIS D 222 33.68 31.12 46.38
CA HIS D 222 33.09 31.64 47.61
C HIS D 222 32.90 30.48 48.59
N GLY D 223 33.92 29.64 48.73
CA GLY D 223 33.84 28.50 49.64
C GLY D 223 33.40 27.19 49.00
N LEU D 224 32.48 27.25 48.04
CA LEU D 224 31.97 26.07 47.34
C LEU D 224 33.07 25.45 46.46
N ALA D 225 32.96 24.15 46.19
CA ALA D 225 33.99 23.43 45.44
C ALA D 225 34.01 23.44 43.91
N TYR D 226 35.22 23.21 43.38
CA TYR D 226 35.50 23.11 41.94
C TYR D 226 36.16 21.74 41.73
N PRO D 227 35.89 21.10 40.58
CA PRO D 227 36.53 19.79 40.33
C PRO D 227 38.04 19.96 40.39
N PRO D 228 38.79 18.93 40.80
CA PRO D 228 40.24 19.15 40.83
C PRO D 228 40.74 19.33 39.41
N PHE D 229 41.77 20.13 39.25
CA PHE D 229 42.37 20.36 37.95
C PHE D 229 42.99 19.08 37.36
N ASN D 230 42.72 18.84 36.09
CA ASN D 230 43.31 17.73 35.36
C ASN D 230 44.71 18.31 35.11
N ASN D 231 45.77 17.52 35.25
CA ASN D 231 47.11 18.05 35.03
C ASN D 231 47.88 17.44 33.87
N VAL D 232 47.19 16.71 33.02
CA VAL D 232 47.82 16.12 31.82
C VAL D 232 48.26 17.22 30.85
N LYS D 233 49.42 17.01 30.23
CA LYS D 233 49.97 17.95 29.26
C LYS D 233 50.17 17.28 27.91
N PRO D 234 49.78 17.96 26.83
CA PRO D 234 49.27 19.33 26.89
C PRO D 234 47.79 19.46 27.27
N SER D 235 47.48 20.54 27.95
CA SER D 235 46.11 20.85 28.36
C SER D 235 45.63 21.98 27.45
N PRO D 236 44.44 21.83 26.85
CA PRO D 236 43.99 22.92 25.99
C PRO D 236 43.40 24.11 26.73
N CYS D 237 42.95 23.90 27.97
CA CYS D 237 42.37 25.04 28.71
C CYS D 237 43.41 26.06 29.10
N GLU D 238 44.67 25.74 28.85
CA GLU D 238 45.77 26.65 29.14
C GLU D 238 46.05 27.37 27.82
N PHE D 239 45.94 26.60 26.75
CA PHE D 239 46.15 27.09 25.39
C PHE D 239 45.23 28.27 25.11
N ILE D 240 44.01 28.23 25.63
CA ILE D 240 43.07 29.32 25.38
C ILE D 240 43.42 30.59 26.12
N ASN D 241 44.25 30.48 27.16
CA ASN D 241 44.78 31.62 27.94
C ASN D 241 46.10 31.37 28.72
N THR D 242 47.20 31.31 28.01
CA THR D 242 48.53 31.08 28.57
C THR D 242 48.98 32.05 29.66
N THR D 243 48.29 33.18 29.82
CA THR D 243 48.67 34.13 30.87
C THR D 243 48.07 33.71 32.21
N ALA D 244 46.87 33.15 32.15
CA ALA D 244 46.19 32.69 33.35
C ALA D 244 46.81 31.35 33.76
N HIS D 245 46.86 30.42 32.80
CA HIS D 245 47.42 29.08 33.02
C HIS D 245 46.41 28.16 33.69
N VAL D 246 45.12 28.50 33.61
CA VAL D 246 44.09 27.66 34.24
C VAL D 246 43.79 26.43 33.37
N PRO D 247 44.24 25.24 33.79
CA PRO D 247 44.00 24.03 33.02
C PRO D 247 42.53 23.58 33.02
N CYS D 248 42.29 22.40 32.47
CA CYS D 248 40.95 21.83 32.39
C CYS D 248 40.62 21.07 33.67
N PHE D 249 39.36 20.72 33.85
CA PHE D 249 38.95 19.98 35.04
C PHE D 249 39.16 18.48 34.88
N GLN D 250 39.03 17.75 35.98
CA GLN D 250 39.14 16.30 35.94
C GLN D 250 37.81 15.77 36.50
N ALA D 251 37.00 15.25 35.59
CA ALA D 251 35.69 14.74 35.95
C ALA D 251 35.47 13.35 35.34
N GLY D 252 34.40 12.69 35.76
CA GLY D 252 34.10 11.37 35.26
C GLY D 252 34.36 11.30 33.78
N ASP D 253 33.60 12.08 33.01
CA ASP D 253 33.74 12.14 31.57
C ASP D 253 34.81 13.16 31.19
N SER D 254 35.76 12.76 30.35
CA SER D 254 36.84 13.65 29.93
C SER D 254 36.42 14.87 29.11
N ARG D 255 35.24 14.84 28.51
CA ARG D 255 34.76 15.95 27.70
C ARG D 255 34.18 17.08 28.56
N ALA D 256 34.42 17.01 29.87
CA ALA D 256 33.89 17.97 30.85
C ALA D 256 34.11 19.46 30.64
N SER D 257 35.32 19.86 30.27
CA SER D 257 35.63 21.28 30.07
C SER D 257 35.49 21.78 28.63
N GLU D 258 34.82 21.03 27.78
CA GLU D 258 34.76 21.40 26.38
C GLU D 258 34.17 22.80 26.28
N GLN D 259 33.20 23.10 27.13
CA GLN D 259 32.60 24.44 27.18
C GLN D 259 32.14 24.82 28.57
N ILE D 260 32.34 26.09 28.92
CA ILE D 260 32.03 26.65 30.24
C ILE D 260 30.73 26.22 30.91
N LEU D 261 29.61 26.21 30.19
CA LEU D 261 28.34 25.81 30.81
C LEU D 261 28.25 24.28 30.97
N LEU D 262 29.22 23.59 30.38
CA LEU D 262 29.27 22.13 30.46
C LEU D 262 29.98 21.84 31.78
N ALA D 263 31.11 22.49 31.96
CA ALA D 263 31.87 22.34 33.19
C ALA D 263 31.05 22.96 34.32
N THR D 264 30.04 23.77 33.98
CA THR D 264 29.21 24.38 35.02
C THR D 264 28.23 23.38 35.62
N VAL D 265 27.63 22.55 34.79
CA VAL D 265 26.68 21.56 35.32
C VAL D 265 27.45 20.36 35.86
N HIS D 266 28.71 20.23 35.48
CA HIS D 266 29.53 19.14 35.98
C HIS D 266 29.86 19.51 37.42
N THR D 267 30.13 20.79 37.64
CA THR D 267 30.46 21.27 38.97
C THR D 267 29.29 21.11 39.93
N LEU D 268 28.08 21.35 39.45
CA LEU D 268 26.89 21.19 40.30
C LEU D 268 26.71 19.70 40.64
N LEU D 269 26.82 18.87 39.63
CA LEU D 269 26.66 17.44 39.84
C LEU D 269 27.68 16.95 40.87
N LEU D 270 28.93 17.42 40.75
CA LEU D 270 29.95 17.01 41.70
C LEU D 270 29.48 17.36 43.09
N ARG D 271 29.21 18.64 43.32
CA ARG D 271 28.76 19.10 44.64
C ARG D 271 27.56 18.33 45.17
N GLU D 272 26.61 18.00 44.30
CA GLU D 272 25.44 17.28 44.78
C GLU D 272 25.88 16.00 45.50
N HIS D 273 26.93 15.36 44.95
CA HIS D 273 27.48 14.15 45.56
C HIS D 273 28.11 14.47 46.92
N ASN D 274 29.17 15.28 46.90
CA ASN D 274 29.82 15.66 48.14
C ASN D 274 28.77 16.11 49.15
N ARG D 275 27.89 17.03 48.76
CA ARG D 275 26.83 17.48 49.69
C ARG D 275 25.97 16.31 50.14
N LEU D 276 25.86 15.30 49.29
CA LEU D 276 25.10 14.10 49.60
C LEU D 276 25.87 13.17 50.53
N ALA D 277 27.16 12.99 50.26
CA ALA D 277 28.00 12.10 51.08
C ALA D 277 28.24 12.65 52.50
N ARG D 278 27.88 13.92 52.69
CA ARG D 278 28.03 14.60 53.97
C ARG D 278 26.74 14.62 54.79
N GLU D 279 25.63 14.22 54.17
CA GLU D 279 24.33 14.19 54.86
C GLU D 279 24.04 12.76 55.31
N LEU D 280 24.47 11.80 54.49
CA LEU D 280 24.30 10.37 54.78
C LEU D 280 25.27 9.98 55.89
N LYS D 281 26.18 10.87 56.22
CA LYS D 281 27.13 10.57 57.27
C LYS D 281 26.48 10.84 58.63
N ARG D 282 25.85 12.00 58.77
CA ARG D 282 25.20 12.34 60.02
C ARG D 282 24.05 11.37 60.30
N LEU D 283 23.29 11.01 59.27
CA LEU D 283 22.18 10.08 59.45
C LEU D 283 22.62 8.63 59.56
N ASN D 284 23.92 8.39 59.38
CA ASN D 284 24.46 7.05 59.46
C ASN D 284 25.95 7.11 59.72
N PRO D 285 26.36 7.23 60.99
CA PRO D 285 27.79 7.29 61.30
C PRO D 285 28.48 5.94 61.06
N HIS D 286 27.73 4.87 61.31
CA HIS D 286 28.23 3.51 61.14
C HIS D 286 28.74 3.21 59.73
N TRP D 287 28.02 3.68 58.71
CA TRP D 287 28.40 3.47 57.30
C TRP D 287 29.81 3.95 57.07
N ASP D 288 30.72 3.05 56.70
CA ASP D 288 32.10 3.45 56.44
C ASP D 288 32.20 4.27 55.13
N GLY D 289 33.43 4.52 54.68
CA GLY D 289 33.63 5.33 53.48
C GLY D 289 33.17 4.76 52.15
N GLU D 290 33.68 3.59 51.80
CA GLU D 290 33.31 2.96 50.54
C GLU D 290 31.80 2.94 50.36
N MET D 291 31.06 2.90 51.45
CA MET D 291 29.60 2.88 51.36
C MET D 291 28.99 4.25 51.14
N LEU D 292 29.47 5.26 51.89
CA LEU D 292 28.94 6.60 51.75
C LEU D 292 28.98 7.04 50.30
N TYR D 293 30.14 6.86 49.68
CA TYR D 293 30.38 7.19 48.29
C TYR D 293 29.34 6.59 47.35
N GLN D 294 29.02 5.32 47.62
CA GLN D 294 28.09 4.54 46.82
C GLN D 294 26.62 4.95 46.85
N GLU D 295 26.04 5.09 48.04
CA GLU D 295 24.64 5.47 48.11
C GLU D 295 24.49 6.86 47.48
N ALA D 296 25.46 7.74 47.70
CA ALA D 296 25.40 9.09 47.12
C ALA D 296 25.40 8.96 45.61
N ARG D 297 26.33 8.16 45.09
CA ARG D 297 26.48 7.88 43.67
C ARG D 297 25.14 7.33 43.17
N LYS D 298 24.60 6.35 43.91
CA LYS D 298 23.32 5.74 43.59
C LYS D 298 22.18 6.76 43.67
N ILE D 299 22.21 7.59 44.72
CA ILE D 299 21.20 8.63 44.89
C ILE D 299 21.22 9.52 43.64
N LEU D 300 22.42 9.97 43.28
CA LEU D 300 22.64 10.87 42.14
C LEU D 300 22.18 10.27 40.82
N GLY D 301 22.63 9.05 40.52
CA GLY D 301 22.22 8.41 39.29
C GLY D 301 20.73 8.60 39.09
N ALA D 302 19.95 8.18 40.10
CA ALA D 302 18.49 8.26 40.07
C ALA D 302 17.97 9.68 39.81
N PHE D 303 18.60 10.66 40.42
CA PHE D 303 18.21 12.04 40.20
C PHE D 303 18.37 12.35 38.71
N ILE D 304 19.53 12.03 38.13
CA ILE D 304 19.77 12.27 36.71
C ILE D 304 18.70 11.60 35.84
N GLN D 305 18.37 10.36 36.18
CA GLN D 305 17.36 9.58 35.47
C GLN D 305 15.99 10.19 35.60
N ILE D 306 15.71 10.76 36.76
CA ILE D 306 14.42 11.37 36.99
C ILE D 306 14.27 12.61 36.13
N ILE D 307 15.22 13.53 36.27
CA ILE D 307 15.17 14.75 35.49
C ILE D 307 15.01 14.39 34.02
N THR D 308 15.90 13.52 33.54
CA THR D 308 15.90 13.08 32.15
C THR D 308 14.53 12.67 31.63
N PHE D 309 13.99 11.59 32.21
CA PHE D 309 12.70 11.08 31.79
C PHE D 309 11.48 11.91 32.15
N ARG D 310 11.46 12.48 33.34
CA ARG D 310 10.32 13.29 33.71
C ARG D 310 10.39 14.64 33.04
N ASP D 311 11.52 15.30 33.20
CA ASP D 311 11.66 16.65 32.70
C ASP D 311 12.17 16.89 31.28
N TYR D 312 13.34 16.37 30.95
CA TYR D 312 13.93 16.60 29.63
C TYR D 312 13.16 16.03 28.46
N LEU D 313 13.05 14.71 28.41
CA LEU D 313 12.39 14.03 27.32
C LEU D 313 10.99 14.55 26.96
N PRO D 314 10.04 14.51 27.91
CA PRO D 314 8.69 15.00 27.59
C PRO D 314 8.69 16.18 26.64
N ILE D 315 9.55 17.16 26.90
CA ILE D 315 9.57 18.32 26.05
C ILE D 315 10.23 18.03 24.71
N VAL D 316 11.34 17.29 24.71
CA VAL D 316 12.03 16.96 23.45
C VAL D 316 11.10 16.10 22.58
N LEU D 317 10.55 15.04 23.16
CA LEU D 317 9.68 14.10 22.46
C LEU D 317 8.28 14.57 22.11
N GLY D 318 7.61 15.23 23.05
CA GLY D 318 6.26 15.71 22.79
C GLY D 318 5.27 14.63 22.39
N SER D 319 4.65 14.78 21.23
CA SER D 319 3.65 13.83 20.74
C SER D 319 4.03 12.34 20.87
N GLU D 320 5.32 12.06 20.88
CA GLU D 320 5.77 10.67 20.92
C GLU D 320 6.29 10.16 22.25
N MET D 321 6.38 11.03 23.26
CA MET D 321 6.91 10.61 24.56
C MET D 321 6.31 9.30 25.08
N GLN D 322 4.98 9.27 25.18
CA GLN D 322 4.27 8.12 25.67
C GLN D 322 4.30 6.94 24.69
N LYS D 323 4.52 7.26 23.41
CA LYS D 323 4.57 6.27 22.33
C LYS D 323 5.79 5.34 22.41
N TRP D 324 6.95 5.90 22.74
CA TRP D 324 8.18 5.12 22.84
C TRP D 324 8.58 4.93 24.31
N ILE D 325 8.04 5.78 25.17
CA ILE D 325 8.35 5.71 26.60
C ILE D 325 7.11 5.67 27.49
N PRO D 326 6.33 4.58 27.40
CA PRO D 326 5.13 4.47 28.23
C PRO D 326 5.61 4.36 29.67
N PRO D 327 4.68 4.45 30.65
CA PRO D 327 5.08 4.35 32.05
C PRO D 327 5.96 3.12 32.28
N TYR D 328 6.62 3.07 33.43
CA TYR D 328 7.53 1.96 33.75
C TYR D 328 6.89 0.64 34.16
N GLN D 329 6.93 -0.33 33.26
CA GLN D 329 6.37 -1.66 33.55
C GLN D 329 7.46 -2.63 34.01
N GLY D 330 8.38 -2.15 34.85
CA GLY D 330 9.44 -2.98 35.37
C GLY D 330 10.64 -3.37 34.51
N TYR D 331 11.78 -3.52 35.19
CA TYR D 331 13.04 -3.89 34.55
C TYR D 331 12.89 -5.20 33.88
N ASN D 332 13.44 -5.29 32.68
CA ASN D 332 13.46 -6.54 31.94
C ASN D 332 14.88 -6.85 31.54
N ASN D 333 15.37 -8.04 31.85
CA ASN D 333 16.71 -8.42 31.41
C ASN D 333 16.79 -8.94 29.97
N SER D 334 15.70 -8.79 29.21
CA SER D 334 15.67 -9.24 27.81
C SER D 334 15.87 -8.10 26.79
N VAL D 335 16.09 -6.88 27.29
CA VAL D 335 16.28 -5.71 26.42
C VAL D 335 17.74 -5.28 26.23
N ASP D 336 18.10 -4.93 24.99
CA ASP D 336 19.45 -4.46 24.70
C ASP D 336 19.56 -3.09 25.38
N PRO D 337 20.51 -2.93 26.32
CA PRO D 337 20.72 -1.68 27.04
C PRO D 337 21.85 -0.90 26.39
N ARG D 338 22.25 -1.34 25.20
CA ARG D 338 23.33 -0.67 24.50
C ARG D 338 22.90 0.55 23.71
N ILE D 339 23.81 1.50 23.64
CA ILE D 339 23.59 2.72 22.89
C ILE D 339 24.01 2.31 21.51
N SER D 340 23.10 2.56 20.56
CA SER D 340 23.32 2.25 19.15
C SER D 340 24.22 3.30 18.53
N ASN D 341 24.94 2.89 17.48
CA ASN D 341 25.87 3.76 16.79
C ASN D 341 25.17 4.98 16.16
N VAL D 342 23.90 4.83 15.79
CA VAL D 342 23.13 5.93 15.20
C VAL D 342 22.61 6.88 16.29
N PHE D 343 22.26 6.33 17.46
CA PHE D 343 21.78 7.19 18.55
C PHE D 343 22.78 8.32 18.83
N THR D 344 24.06 8.08 18.60
CA THR D 344 25.05 9.13 18.87
C THR D 344 25.08 10.18 17.78
N PHE D 345 24.45 9.89 16.64
CA PHE D 345 24.39 10.86 15.57
C PHE D 345 23.04 11.55 15.74
N ALA D 346 22.12 10.90 16.44
CA ALA D 346 20.81 11.48 16.68
C ALA D 346 20.87 12.55 17.76
N PHE D 347 21.26 12.15 18.97
CA PHE D 347 21.34 13.07 20.09
C PHE D 347 22.13 14.32 19.74
N ARG D 348 22.69 14.36 18.54
CA ARG D 348 23.42 15.54 18.11
C ARG D 348 22.46 16.58 17.52
N PHE D 349 21.15 16.38 17.74
CA PHE D 349 20.16 17.37 17.30
C PHE D 349 20.45 18.52 18.29
N GLY D 350 21.03 18.14 19.43
CA GLY D 350 21.24 19.01 20.56
C GLY D 350 22.13 20.14 20.14
N HIS D 351 23.01 19.85 19.19
CA HIS D 351 23.94 20.83 18.69
C HIS D 351 23.17 22.02 18.10
N MET D 352 22.06 21.77 17.42
CA MET D 352 21.38 22.90 16.81
C MET D 352 20.74 23.80 17.85
N GLU D 353 20.62 23.30 19.08
CA GLU D 353 20.00 24.09 20.13
C GLU D 353 20.97 25.10 20.76
N VAL D 354 22.25 24.98 20.46
CA VAL D 354 23.28 25.88 20.99
C VAL D 354 23.23 27.30 20.42
N PRO D 355 23.28 28.32 21.28
CA PRO D 355 23.26 29.73 20.87
C PRO D 355 24.65 30.33 20.65
N SER D 356 24.67 31.58 20.18
CA SER D 356 25.89 32.34 19.87
C SER D 356 26.72 32.93 21.03
N THR D 357 26.12 33.13 22.21
CA THR D 357 26.87 33.64 23.35
C THR D 357 26.38 33.06 24.67
N VAL D 358 27.18 33.23 25.73
CA VAL D 358 26.85 32.76 27.07
C VAL D 358 26.81 33.98 27.97
N SER D 359 25.80 34.05 28.84
CA SER D 359 25.65 35.24 29.70
C SER D 359 25.86 34.99 31.18
N ARG D 360 26.59 35.89 31.85
CA ARG D 360 26.80 35.79 33.30
C ARG D 360 25.92 36.83 33.99
N LEU D 361 25.02 36.39 34.86
CA LEU D 361 24.13 37.31 35.56
C LEU D 361 24.36 37.51 37.06
N ASP D 362 23.95 38.71 37.52
CA ASP D 362 24.05 39.12 38.91
C ASP D 362 22.82 38.66 39.66
N GLU D 363 22.68 39.11 40.90
CA GLU D 363 21.57 38.68 41.72
C GLU D 363 20.18 39.14 41.27
N ASN D 364 20.11 40.29 40.62
CA ASN D 364 18.84 40.82 40.11
C ASN D 364 18.62 40.26 38.70
N TYR D 365 19.55 39.39 38.31
CA TYR D 365 19.57 38.74 37.00
C TYR D 365 19.85 39.67 35.81
N GLN D 366 20.66 40.70 36.06
CA GLN D 366 21.01 41.64 35.01
C GLN D 366 22.48 41.43 34.63
N PRO D 367 22.96 42.09 33.57
CA PRO D 367 24.35 41.96 33.11
C PRO D 367 25.47 42.08 34.12
N TRP D 368 25.90 40.94 34.65
CA TRP D 368 26.97 40.88 35.64
C TRP D 368 28.31 41.39 35.09
N GLY D 369 28.62 42.65 35.39
CA GLY D 369 29.87 43.25 34.96
C GLY D 369 29.77 43.97 33.63
N PRO D 370 30.90 44.44 33.08
CA PRO D 370 30.94 45.15 31.80
C PRO D 370 30.70 44.21 30.61
N GLU D 371 31.53 43.16 30.53
CA GLU D 371 31.42 42.17 29.45
C GLU D 371 30.86 40.84 29.99
N ALA D 372 29.70 40.93 30.64
CA ALA D 372 29.04 39.78 31.20
C ALA D 372 28.65 38.77 30.13
N GLU D 373 28.50 39.25 28.90
CA GLU D 373 28.11 38.42 27.76
C GLU D 373 29.29 38.13 26.87
N LEU D 374 29.55 36.85 26.63
CA LEU D 374 30.68 36.44 25.80
C LEU D 374 30.29 35.56 24.63
N PRO D 375 31.02 35.67 23.51
CA PRO D 375 30.65 34.83 22.39
C PRO D 375 31.19 33.46 22.71
N LEU D 376 30.38 32.42 22.55
CA LEU D 376 30.71 31.14 23.14
C LEU D 376 32.10 30.67 22.70
N HIS D 377 32.49 30.95 21.46
CA HIS D 377 33.76 30.42 20.99
C HIS D 377 34.95 30.83 21.82
N THR D 378 34.76 31.84 22.67
CA THR D 378 35.82 32.28 23.56
C THR D 378 35.86 31.24 24.65
N LEU D 379 34.70 30.62 24.84
CA LEU D 379 34.47 29.64 25.89
C LEU D 379 34.71 28.16 25.65
N PHE D 380 35.47 27.79 24.63
CA PHE D 380 35.72 26.37 24.46
C PHE D 380 36.91 26.09 25.33
N PHE D 381 36.79 25.12 26.21
CA PHE D 381 37.86 24.74 27.11
C PHE D 381 38.26 25.92 27.96
N ASN D 382 37.29 26.80 28.20
CA ASN D 382 37.51 28.00 28.99
C ASN D 382 37.22 27.75 30.47
N THR D 383 38.29 27.50 31.20
CA THR D 383 38.19 27.24 32.62
C THR D 383 38.50 28.51 33.42
N TRP D 384 39.42 29.31 32.90
CA TRP D 384 39.81 30.52 33.58
C TRP D 384 38.70 31.54 33.78
N ARG D 385 37.66 31.52 32.95
CA ARG D 385 36.56 32.45 33.12
C ARG D 385 35.72 32.14 34.38
N ILE D 386 35.60 30.87 34.76
CA ILE D 386 34.83 30.52 35.94
C ILE D 386 35.67 30.79 37.19
N ILE D 387 36.87 30.21 37.17
CA ILE D 387 37.81 30.29 38.26
C ILE D 387 38.32 31.68 38.60
N LYS D 388 38.69 32.44 37.57
CA LYS D 388 39.22 33.77 37.77
C LYS D 388 38.19 34.87 37.50
N ASP D 389 36.96 34.48 37.19
CA ASP D 389 35.93 35.46 36.89
C ASP D 389 34.48 35.14 37.36
N GLY D 390 34.26 35.16 38.68
CA GLY D 390 32.93 34.95 39.23
C GLY D 390 32.44 33.60 39.71
N GLY D 391 33.03 32.50 39.22
CA GLY D 391 32.56 31.20 39.65
C GLY D 391 31.27 30.73 38.98
N ILE D 392 30.66 29.69 39.54
CA ILE D 392 29.43 29.07 39.00
C ILE D 392 28.15 29.90 38.99
N ASP D 393 27.91 30.65 40.06
CA ASP D 393 26.69 31.43 40.19
C ASP D 393 26.23 32.34 39.04
N PRO D 394 27.13 33.16 38.46
CA PRO D 394 26.79 34.08 37.37
C PRO D 394 26.32 33.32 36.14
N LEU D 395 27.16 32.40 35.69
CA LEU D 395 26.87 31.58 34.52
C LEU D 395 25.55 30.88 34.67
N VAL D 396 25.36 30.25 35.82
CA VAL D 396 24.14 29.51 36.10
C VAL D 396 22.89 30.36 36.07
N ARG D 397 22.97 31.55 36.61
CA ARG D 397 21.77 32.35 36.55
C ARG D 397 21.48 32.47 35.05
N GLY D 398 22.53 32.67 34.27
CA GLY D 398 22.36 32.78 32.82
C GLY D 398 21.68 31.57 32.21
N LEU D 399 22.10 30.38 32.66
CA LEU D 399 21.52 29.13 32.18
C LEU D 399 20.02 29.10 32.45
N LEU D 400 19.60 29.73 33.55
CA LEU D 400 18.18 29.75 33.92
C LEU D 400 17.34 30.80 33.20
N ALA D 401 17.84 32.02 33.18
CA ALA D 401 17.12 33.12 32.57
C ALA D 401 17.15 33.16 31.04
N LYS D 402 18.23 32.68 30.43
CA LYS D 402 18.35 32.70 28.98
C LYS D 402 17.76 31.52 28.24
N ASN D 403 17.48 31.74 26.95
CA ASN D 403 16.91 30.74 26.08
C ASN D 403 17.97 29.94 25.31
N SER D 404 17.56 28.78 24.80
CA SER D 404 18.46 27.96 23.98
C SER D 404 18.15 28.47 22.57
N LYS D 405 19.00 28.13 21.62
CA LYS D 405 18.75 28.50 20.25
C LYS D 405 17.75 27.49 19.75
N LEU D 406 16.75 27.94 19.01
CA LEU D 406 15.77 27.02 18.45
C LEU D 406 16.28 26.62 17.08
N MET D 407 15.96 25.39 16.66
CA MET D 407 16.42 24.91 15.35
C MET D 407 15.55 25.51 14.28
N ASN D 408 16.21 25.98 13.21
CA ASN D 408 15.53 26.62 12.09
C ASN D 408 16.15 26.11 10.80
N GLN D 409 15.38 25.51 9.94
CA GLN D 409 15.90 24.82 8.77
C GLN D 409 16.70 25.79 7.95
N ASN D 410 16.50 27.05 8.20
CA ASN D 410 17.23 28.11 7.52
C ASN D 410 18.37 28.63 8.36
N LYS D 411 18.35 28.30 9.65
CA LYS D 411 19.40 28.73 10.58
C LYS D 411 19.65 27.51 11.47
N MET D 412 20.47 26.59 10.98
CA MET D 412 20.75 25.35 11.67
C MET D 412 21.81 25.29 12.75
N VAL D 413 22.98 25.86 12.49
CA VAL D 413 24.03 25.83 13.50
C VAL D 413 24.80 27.14 13.47
N THR D 414 25.02 27.74 14.65
CA THR D 414 25.71 29.01 14.73
C THR D 414 27.13 28.88 14.30
N SER D 415 27.67 29.98 13.78
CA SER D 415 29.02 30.02 13.30
C SER D 415 30.01 29.82 14.42
N GLU D 416 29.62 30.18 15.63
CA GLU D 416 30.51 29.99 16.76
C GLU D 416 30.93 28.53 16.71
N LEU D 417 29.99 27.69 16.30
CA LEU D 417 30.22 26.25 16.19
C LEU D 417 30.65 25.79 14.80
N ARG D 418 29.90 26.20 13.78
CA ARG D 418 30.16 25.81 12.40
C ARG D 418 31.44 26.36 11.77
N ASN D 419 31.97 27.46 12.32
CA ASN D 419 33.18 28.10 11.79
C ASN D 419 34.34 28.19 12.78
N LYS D 420 34.03 28.41 14.06
CA LYS D 420 35.09 28.56 15.04
C LYS D 420 35.03 27.56 16.18
N LEU D 421 35.19 26.29 15.86
CA LEU D 421 35.21 25.29 16.88
C LEU D 421 36.69 25.12 17.11
N PHE D 422 37.08 25.00 18.36
CA PHE D 422 38.47 24.81 18.75
C PHE D 422 38.54 23.33 19.10
N GLN D 423 39.62 22.68 18.73
CA GLN D 423 39.77 21.28 19.05
C GLN D 423 41.16 21.04 19.53
N PRO D 424 41.34 20.35 20.61
CA PRO D 424 42.70 20.17 21.10
C PRO D 424 43.55 19.44 20.10
N THR D 425 44.86 19.73 20.10
CA THR D 425 45.77 19.15 19.14
C THR D 425 45.69 20.00 17.89
N HIS D 426 44.94 21.09 17.99
CA HIS D 426 44.78 22.02 16.90
C HIS D 426 44.78 23.32 17.63
N LYS D 427 45.15 24.38 16.92
CA LYS D 427 45.27 25.65 17.58
C LYS D 427 44.29 26.77 17.28
N VAL D 428 43.45 26.62 16.27
CA VAL D 428 42.55 27.73 15.95
C VAL D 428 41.06 27.53 16.19
N HIS D 429 40.41 28.64 16.50
CA HIS D 429 38.99 28.67 16.69
C HIS D 429 38.48 28.85 15.25
N GLY D 430 38.57 27.76 14.49
CA GLY D 430 38.16 27.78 13.11
C GLY D 430 37.81 26.43 12.53
N PHE D 431 37.14 25.59 13.31
CA PHE D 431 36.71 24.27 12.87
C PHE D 431 35.20 24.23 12.64
N ASP D 432 34.71 23.15 12.04
CA ASP D 432 33.29 23.07 11.77
C ASP D 432 32.62 21.86 12.41
N LEU D 433 31.85 22.09 13.47
CA LEU D 433 31.17 20.99 14.15
C LEU D 433 30.08 20.28 13.34
N ALA D 434 29.42 20.97 12.41
CA ALA D 434 28.37 20.30 11.61
C ALA D 434 29.05 19.45 10.54
N ALA D 435 30.05 20.02 9.89
CA ALA D 435 30.85 19.39 8.86
C ALA D 435 31.53 18.13 9.44
N ILE D 436 32.03 18.26 10.67
CA ILE D 436 32.66 17.15 11.35
C ILE D 436 31.62 16.06 11.53
N ASN D 437 30.45 16.42 12.06
CA ASN D 437 29.39 15.44 12.29
C ASN D 437 29.04 14.67 11.03
N LEU D 438 28.96 15.35 9.88
CA LEU D 438 28.60 14.62 8.69
C LEU D 438 29.71 13.67 8.37
N GLN D 439 30.95 14.15 8.54
CA GLN D 439 32.12 13.32 8.25
C GLN D 439 32.08 12.13 9.17
N ARG D 440 31.70 12.39 10.41
CA ARG D 440 31.62 11.36 11.43
C ARG D 440 30.63 10.27 10.98
N CYS D 441 29.43 10.65 10.59
CA CYS D 441 28.42 9.72 10.09
C CYS D 441 28.96 8.71 9.09
N ARG D 442 29.94 9.12 8.30
CA ARG D 442 30.48 8.22 7.30
C ARG D 442 31.60 7.40 7.90
N ASP D 443 32.34 8.04 8.80
CA ASP D 443 33.40 7.38 9.52
C ASP D 443 32.86 6.12 10.17
N HIS D 444 31.61 6.18 10.66
CA HIS D 444 30.97 5.05 11.34
C HIS D 444 30.07 4.16 10.52
N GLY D 445 30.22 4.17 9.20
CA GLY D 445 29.40 3.34 8.34
C GLY D 445 27.92 3.49 8.58
N MET D 446 27.42 4.71 8.57
CA MET D 446 26.00 4.95 8.86
C MET D 446 25.16 4.98 7.58
N PRO D 447 24.10 4.18 7.54
CA PRO D 447 23.25 4.13 6.38
C PRO D 447 22.61 5.52 6.22
N GLY D 448 21.89 5.73 5.13
CA GLY D 448 21.31 7.04 4.92
C GLY D 448 19.95 7.37 5.50
N TYR D 449 19.53 8.59 5.20
CA TYR D 449 18.25 9.09 5.64
C TYR D 449 17.12 8.08 5.45
N ASN D 450 16.90 7.65 4.21
CA ASN D 450 15.81 6.71 3.92
C ASN D 450 15.92 5.32 4.56
N SER D 451 17.13 4.84 4.76
CA SER D 451 17.32 3.56 5.40
C SER D 451 16.66 3.71 6.75
N TRP D 452 16.92 4.85 7.38
CA TRP D 452 16.40 5.12 8.71
C TRP D 452 14.92 5.43 8.77
N ARG D 453 14.44 6.25 7.83
CA ARG D 453 13.02 6.55 7.80
C ARG D 453 12.34 5.20 7.66
N GLY D 454 12.95 4.37 6.80
CA GLY D 454 12.41 3.05 6.56
C GLY D 454 12.43 2.31 7.87
N PHE D 455 13.61 2.21 8.46
CA PHE D 455 13.76 1.54 9.76
C PHE D 455 12.72 2.03 10.74
N CYS D 456 12.59 3.34 10.87
CA CYS D 456 11.62 3.89 11.80
C CYS D 456 10.18 3.54 11.49
N GLY D 457 9.89 3.32 10.20
CA GLY D 457 8.55 3.00 9.79
C GLY D 457 7.83 4.21 9.22
N LEU D 458 8.61 5.18 8.77
CA LEU D 458 8.06 6.40 8.20
C LEU D 458 8.38 6.46 6.70
N SER D 459 7.50 7.08 5.93
CA SER D 459 7.66 7.19 4.48
C SER D 459 9.10 7.44 4.01
N GLN D 460 9.48 6.78 2.92
CA GLN D 460 10.83 6.94 2.35
C GLN D 460 10.81 7.69 1.03
N PRO D 461 10.80 9.03 1.10
CA PRO D 461 10.78 9.89 -0.09
C PRO D 461 11.88 9.55 -1.09
N LYS D 462 11.52 9.48 -2.37
CA LYS D 462 12.48 9.15 -3.43
C LYS D 462 12.75 10.32 -4.38
N THR D 463 11.95 11.37 -4.32
CA THR D 463 12.16 12.49 -5.22
C THR D 463 11.99 13.87 -4.59
N LEU D 464 12.53 14.87 -5.27
CA LEU D 464 12.44 16.25 -4.81
C LEU D 464 11.07 16.50 -4.22
N LYS D 465 10.05 16.22 -5.02
CA LYS D 465 8.66 16.43 -4.61
C LYS D 465 8.27 15.72 -3.31
N GLY D 466 8.68 14.46 -3.16
CA GLY D 466 8.36 13.72 -1.94
C GLY D 466 9.15 14.25 -0.75
N LEU D 467 10.37 14.73 -1.03
CA LEU D 467 11.21 15.27 0.03
C LEU D 467 10.61 16.60 0.48
N GLN D 468 10.18 17.44 -0.47
CA GLN D 468 9.58 18.71 -0.10
C GLN D 468 8.51 18.35 0.92
N ALA D 469 7.58 17.50 0.52
CA ALA D 469 6.50 17.08 1.43
C ALA D 469 6.93 16.62 2.83
N VAL D 470 8.06 15.90 2.93
CA VAL D 470 8.53 15.40 4.22
C VAL D 470 9.05 16.49 5.13
N LEU D 471 9.77 17.44 4.55
CA LEU D 471 10.34 18.54 5.29
C LEU D 471 9.47 19.81 5.28
N LYS D 472 8.40 19.80 4.49
CA LYS D 472 7.52 20.96 4.35
C LYS D 472 8.40 22.14 4.01
N ASN D 473 9.34 21.97 3.08
CA ASN D 473 10.27 23.06 2.75
C ASN D 473 10.98 22.93 1.39
N LYS D 474 10.35 23.42 0.33
CA LYS D 474 10.92 23.33 -1.00
C LYS D 474 12.39 23.68 -1.11
N VAL D 475 12.76 24.90 -0.74
CA VAL D 475 14.14 25.32 -0.87
C VAL D 475 15.13 24.29 -0.31
N LEU D 476 15.11 24.10 1.01
CA LEU D 476 16.00 23.15 1.69
C LEU D 476 16.10 21.84 0.94
N ALA D 477 15.03 21.46 0.25
CA ALA D 477 15.00 20.23 -0.51
C ALA D 477 15.97 20.30 -1.67
N LYS D 478 15.77 21.27 -2.57
CA LYS D 478 16.65 21.37 -3.73
C LYS D 478 18.10 21.49 -3.25
N LYS D 479 18.33 22.24 -2.18
CA LYS D 479 19.70 22.40 -1.65
C LYS D 479 20.30 21.02 -1.35
N LEU D 480 19.50 20.14 -0.77
CA LEU D 480 19.95 18.81 -0.42
C LEU D 480 20.12 17.86 -1.59
N LEU D 481 19.12 17.82 -2.48
CA LEU D 481 19.21 16.94 -3.64
C LEU D 481 20.40 17.36 -4.49
N ASP D 482 20.56 18.66 -4.71
CA ASP D 482 21.64 19.16 -5.55
C ASP D 482 23.03 18.82 -5.04
N LEU D 483 23.10 18.16 -3.89
CA LEU D 483 24.39 17.77 -3.31
C LEU D 483 24.46 16.26 -3.16
N TYR D 484 23.32 15.66 -2.84
CA TYR D 484 23.26 14.22 -2.63
C TYR D 484 22.74 13.40 -3.80
N LYS D 485 21.95 14.05 -4.64
CA LYS D 485 21.49 13.49 -5.91
C LYS D 485 20.35 12.52 -5.67
N THR D 486 20.10 12.26 -4.39
CA THR D 486 19.03 11.40 -3.94
C THR D 486 18.81 11.67 -2.46
N PRO D 487 17.65 11.26 -1.98
CA PRO D 487 17.34 11.22 -0.55
C PRO D 487 18.06 10.04 0.13
N ASP D 488 18.39 9.02 -0.65
CA ASP D 488 19.07 7.84 -0.13
C ASP D 488 20.44 8.15 0.46
N ASN D 489 21.18 9.07 -0.16
CA ASN D 489 22.52 9.39 0.33
C ASN D 489 22.64 10.47 1.41
N ILE D 490 21.54 11.18 1.67
CA ILE D 490 21.52 12.24 2.66
C ILE D 490 22.03 11.68 3.97
N ASP D 491 23.15 12.20 4.43
CA ASP D 491 23.73 11.73 5.67
C ASP D 491 22.67 11.79 6.78
N ILE D 492 22.67 10.77 7.64
CA ILE D 492 21.69 10.72 8.71
C ILE D 492 21.53 12.01 9.54
N TRP D 493 22.60 12.48 10.17
CA TRP D 493 22.48 13.67 11.03
C TRP D 493 21.75 14.90 10.44
N ILE D 494 22.00 15.24 9.18
CA ILE D 494 21.33 16.38 8.58
C ILE D 494 19.95 15.98 8.07
N GLY D 495 19.83 14.75 7.60
CA GLY D 495 18.54 14.28 7.14
C GLY D 495 17.62 14.30 8.34
N GLY D 496 18.14 13.82 9.45
CA GLY D 496 17.35 13.79 10.66
C GLY D 496 17.02 15.17 11.17
N ASN D 497 18.02 16.04 11.25
CA ASN D 497 17.75 17.37 11.78
C ASN D 497 16.96 18.34 10.95
N ALA D 498 16.81 18.04 9.66
CA ALA D 498 16.06 18.86 8.71
C ALA D 498 14.53 18.77 8.79
N GLU D 499 14.02 17.70 9.40
CA GLU D 499 12.57 17.58 9.50
C GLU D 499 11.95 18.59 10.46
N PRO D 500 10.74 19.00 10.22
CA PRO D 500 10.06 19.85 11.19
C PRO D 500 9.82 19.07 12.46
N MET D 501 9.69 19.73 13.60
CA MET D 501 9.48 19.02 14.85
C MET D 501 8.08 18.51 15.03
N VAL D 502 7.94 17.58 15.96
CA VAL D 502 6.66 16.97 16.34
C VAL D 502 6.01 17.96 17.32
N GLU D 503 4.76 18.33 17.10
CA GLU D 503 4.24 19.40 17.90
C GLU D 503 4.41 19.01 19.31
N ARG D 504 4.86 19.96 20.10
CA ARG D 504 5.18 19.75 21.50
C ARG D 504 6.58 19.16 21.76
N GLY D 505 7.42 19.22 20.75
CA GLY D 505 8.76 18.67 20.89
C GLY D 505 9.79 19.46 20.12
N ARG D 506 11.07 19.17 20.37
CA ARG D 506 12.16 19.90 19.72
C ARG D 506 12.89 19.12 18.64
N VAL D 507 12.37 17.95 18.28
CA VAL D 507 12.98 17.15 17.23
C VAL D 507 11.92 16.73 16.25
N GLY D 508 12.27 15.89 15.29
CA GLY D 508 11.30 15.44 14.31
C GLY D 508 10.98 13.94 14.37
N PRO D 509 9.94 13.48 13.64
CA PRO D 509 9.52 12.08 13.59
C PRO D 509 10.63 11.05 13.44
N LEU D 510 11.67 11.35 12.68
CA LEU D 510 12.76 10.39 12.52
C LEU D 510 13.50 10.38 13.87
N LEU D 511 13.94 11.55 14.29
CA LEU D 511 14.62 11.66 15.57
C LEU D 511 13.72 11.12 16.69
N ALA D 512 12.46 11.53 16.73
CA ALA D 512 11.53 11.04 17.76
C ALA D 512 11.58 9.51 17.87
N CYS D 513 11.43 8.84 16.73
CA CYS D 513 11.45 7.38 16.74
C CYS D 513 12.82 6.84 17.13
N LEU D 514 13.87 7.42 16.55
CA LEU D 514 15.22 6.99 16.86
C LEU D 514 15.52 7.24 18.32
N LEU D 515 15.60 8.51 18.72
CA LEU D 515 15.90 8.83 20.10
C LEU D 515 14.97 8.04 20.99
N GLY D 516 13.67 8.14 20.70
CA GLY D 516 12.66 7.45 21.48
C GLY D 516 13.02 6.05 21.94
N ARG D 517 12.97 5.10 21.01
CA ARG D 517 13.28 3.72 21.36
C ARG D 517 14.56 3.56 22.16
N GLN D 518 15.59 4.33 21.84
CA GLN D 518 16.85 4.23 22.57
C GLN D 518 16.71 4.49 24.07
N PHE D 519 15.88 5.45 24.43
CA PHE D 519 15.65 5.78 25.84
C PHE D 519 14.69 4.76 26.45
N GLN D 520 13.90 4.11 25.61
CA GLN D 520 13.01 3.07 26.09
C GLN D 520 13.95 1.94 26.47
N GLN D 521 14.98 1.74 25.66
CA GLN D 521 15.94 0.68 25.90
C GLN D 521 16.87 0.90 27.08
N ILE D 522 17.26 2.13 27.36
CA ILE D 522 18.18 2.34 28.48
C ILE D 522 17.49 2.31 29.84
N ARG D 523 16.17 2.35 29.83
CA ARG D 523 15.37 2.32 31.08
C ARG D 523 14.91 0.90 31.43
N ASP D 524 14.33 0.21 30.46
CA ASP D 524 13.83 -1.14 30.63
C ASP D 524 14.95 -2.18 30.65
N GLY D 525 16.11 -1.78 30.15
CA GLY D 525 17.23 -2.71 30.13
C GLY D 525 18.14 -2.47 31.33
N ASP D 526 17.76 -1.54 32.19
CA ASP D 526 18.55 -1.19 33.38
C ASP D 526 18.00 -1.83 34.65
N ARG D 527 18.83 -2.67 35.26
CA ARG D 527 18.46 -3.38 36.48
C ARG D 527 18.40 -2.43 37.67
N PHE D 528 19.35 -1.50 37.72
CA PHE D 528 19.41 -0.55 38.81
C PHE D 528 18.52 0.68 38.62
N TRP D 529 17.60 0.63 37.65
CA TRP D 529 16.70 1.77 37.43
C TRP D 529 16.00 2.10 38.76
N TRP D 530 15.82 3.36 39.04
CA TRP D 530 15.36 3.79 40.34
C TRP D 530 13.97 3.34 40.67
N GLU D 531 13.24 2.89 39.66
CA GLU D 531 11.88 2.41 39.81
C GLU D 531 11.80 0.88 39.90
N ASN D 532 12.95 0.23 39.76
CA ASN D 532 13.02 -1.23 39.85
C ASN D 532 13.08 -1.59 41.33
N PRO D 533 12.07 -2.34 41.84
CA PRO D 533 11.99 -2.74 43.24
C PRO D 533 13.25 -3.44 43.75
N GLY D 534 13.89 -2.85 44.75
CA GLY D 534 15.10 -3.44 45.28
C GLY D 534 16.21 -2.40 45.21
N VAL D 535 16.05 -1.46 44.27
CA VAL D 535 17.01 -0.38 44.08
C VAL D 535 16.75 0.71 45.11
N PHE D 536 15.47 0.98 45.36
CA PHE D 536 15.05 2.00 46.31
C PHE D 536 13.72 1.60 46.93
N THR D 537 13.47 2.08 48.14
CA THR D 537 12.25 1.77 48.87
C THR D 537 11.08 2.70 48.57
N GLU D 538 9.88 2.21 48.85
CA GLU D 538 8.64 2.95 48.67
C GLU D 538 8.89 4.38 49.12
N LYS D 539 9.40 4.48 50.34
CA LYS D 539 9.69 5.75 50.97
C LYS D 539 10.85 6.46 50.25
N GLN D 540 11.91 5.74 49.96
CA GLN D 540 13.05 6.34 49.26
C GLN D 540 12.59 6.85 47.91
N ARG D 541 11.68 6.09 47.28
CA ARG D 541 11.15 6.48 45.98
C ARG D 541 10.20 7.64 46.13
N ASP D 542 9.57 7.73 47.29
CA ASP D 542 8.63 8.82 47.55
C ASP D 542 9.40 10.12 47.78
N SER D 543 10.63 10.00 48.25
CA SER D 543 11.47 11.16 48.54
C SER D 543 12.09 11.77 47.28
N LEU D 544 12.36 10.92 46.30
CA LEU D 544 12.99 11.31 45.03
C LEU D 544 12.08 11.95 44.01
N GLN D 545 10.81 11.57 44.02
CA GLN D 545 9.90 12.12 43.04
C GLN D 545 9.74 13.62 43.17
N LYS D 546 10.20 14.17 44.29
CA LYS D 546 10.09 15.61 44.55
C LYS D 546 11.28 16.43 44.07
N VAL D 547 12.32 15.76 43.58
CA VAL D 547 13.51 16.48 43.12
C VAL D 547 13.23 17.37 41.93
N SER D 548 14.15 18.30 41.68
CA SER D 548 14.08 19.23 40.56
C SER D 548 15.48 19.76 40.29
N PHE D 549 15.70 20.29 39.09
CA PHE D 549 17.02 20.84 38.77
C PHE D 549 17.20 22.10 39.60
N SER D 550 16.12 22.87 39.71
CA SER D 550 16.10 24.11 40.48
C SER D 550 16.71 23.82 41.86
N ARG D 551 16.18 22.77 42.50
CA ARG D 551 16.67 22.38 43.82
C ARG D 551 18.16 22.04 43.74
N LEU D 552 18.64 21.61 42.57
CA LEU D 552 20.05 21.29 42.46
C LEU D 552 20.84 22.57 42.63
N ILE D 553 20.33 23.64 42.04
CA ILE D 553 21.04 24.91 42.15
C ILE D 553 20.95 25.36 43.61
N CYS D 554 19.76 25.32 44.16
CA CYS D 554 19.56 25.74 45.53
C CYS D 554 20.55 25.10 46.51
N ASP D 555 20.75 23.79 46.43
CA ASP D 555 21.64 23.10 47.34
C ASP D 555 23.14 23.24 47.08
N ASN D 556 23.52 23.40 45.83
CA ASN D 556 24.94 23.47 45.44
C ASN D 556 25.45 24.82 44.95
N THR D 557 24.71 25.89 45.21
CA THR D 557 25.12 27.21 44.76
C THR D 557 24.57 28.23 45.75
N HIS D 558 24.99 29.49 45.62
CA HIS D 558 24.47 30.54 46.50
C HIS D 558 23.39 31.34 45.78
N ILE D 559 22.86 30.76 44.71
CA ILE D 559 21.79 31.36 43.92
C ILE D 559 20.59 31.15 44.81
N THR D 560 19.75 32.17 44.98
CA THR D 560 18.62 32.01 45.87
C THR D 560 17.24 32.23 45.28
N LYS D 561 17.18 32.64 44.01
CA LYS D 561 15.90 32.85 43.36
C LYS D 561 15.90 31.99 42.10
N VAL D 562 14.96 31.06 42.04
CA VAL D 562 14.84 30.13 40.92
C VAL D 562 13.40 29.96 40.47
N PRO D 563 13.18 29.39 39.27
CA PRO D 563 11.84 29.17 38.74
C PRO D 563 11.50 27.68 38.90
N LEU D 564 10.23 27.34 39.08
CA LEU D 564 9.86 25.95 39.36
C LEU D 564 10.22 24.95 38.26
N HIS D 565 10.01 25.34 37.00
CA HIS D 565 10.36 24.53 35.84
C HIS D 565 11.57 25.00 35.03
N ALA D 566 12.75 24.53 35.38
CA ALA D 566 13.98 25.12 34.84
C ALA D 566 14.00 25.06 33.31
N PHE D 567 13.47 23.99 32.75
CA PHE D 567 13.47 23.83 31.29
C PHE D 567 12.68 24.89 30.52
N GLN D 568 11.52 25.30 31.03
CA GLN D 568 10.68 26.23 30.30
C GLN D 568 10.93 27.71 30.45
N ALA D 569 12.07 28.17 30.00
CA ALA D 569 12.26 29.58 29.74
C ALA D 569 11.64 30.56 30.73
N ASN D 570 11.84 30.42 32.03
CA ASN D 570 11.10 31.36 32.85
C ASN D 570 11.87 32.68 32.80
N ASN D 571 11.18 33.81 32.84
CA ASN D 571 11.87 35.10 32.84
C ASN D 571 11.73 35.82 34.18
N TYR D 572 12.63 36.75 34.44
CA TYR D 572 12.75 37.34 35.75
C TYR D 572 12.23 38.78 35.84
N PRO D 573 11.47 39.11 36.89
CA PRO D 573 11.29 38.21 38.02
C PRO D 573 9.89 37.56 38.11
N HIS D 574 9.08 37.78 37.08
CA HIS D 574 7.72 37.21 37.03
C HIS D 574 7.62 35.69 37.25
N ASP D 575 8.57 34.93 36.71
CA ASP D 575 8.53 33.47 36.84
C ASP D 575 9.41 32.84 37.91
N PHE D 576 9.87 33.62 38.88
CA PHE D 576 10.71 33.08 39.93
C PHE D 576 10.15 33.17 41.32
N VAL D 577 10.71 32.35 42.21
CA VAL D 577 10.33 32.28 43.61
C VAL D 577 11.60 32.13 44.43
N ASP D 578 11.46 31.95 45.73
CA ASP D 578 12.62 31.74 46.58
C ASP D 578 12.79 30.24 46.67
N CYS D 579 14.03 29.78 46.83
CA CYS D 579 14.29 28.35 46.92
C CYS D 579 13.40 27.59 47.93
N SER D 580 12.91 28.28 48.96
CA SER D 580 12.07 27.63 49.94
C SER D 580 10.68 27.30 49.37
N ALA D 581 10.40 27.75 48.15
CA ALA D 581 9.13 27.46 47.48
C ALA D 581 9.34 26.23 46.59
N VAL D 582 10.55 25.68 46.65
CA VAL D 582 10.95 24.50 45.89
C VAL D 582 11.16 23.29 46.79
N ASP D 583 10.40 22.23 46.54
CA ASP D 583 10.46 20.99 47.33
C ASP D 583 11.89 20.48 47.44
N LYS D 584 12.14 19.68 48.48
CA LYS D 584 13.47 19.12 48.73
C LYS D 584 13.46 17.60 48.77
N LEU D 585 14.58 16.99 48.43
CA LEU D 585 14.69 15.55 48.48
C LEU D 585 14.69 15.18 49.95
N ASP D 586 13.78 14.32 50.37
CA ASP D 586 13.65 14.06 51.81
C ASP D 586 14.79 13.13 52.20
N LEU D 587 15.94 13.75 52.40
CA LEU D 587 17.21 13.06 52.63
C LEU D 587 17.17 11.99 53.74
N SER D 588 16.03 11.87 54.42
CA SER D 588 15.87 10.96 55.56
C SER D 588 15.90 9.43 55.39
N PRO D 589 14.94 8.85 54.62
CA PRO D 589 14.82 7.39 54.40
C PRO D 589 16.13 6.63 54.56
N TRP D 590 17.23 7.17 54.02
CA TRP D 590 18.50 6.50 54.10
C TRP D 590 19.05 6.33 55.51
N ALA D 591 18.47 7.02 56.49
CA ALA D 591 18.91 6.87 57.86
C ALA D 591 18.44 5.48 58.34
N SER D 592 19.33 4.50 58.28
CA SER D 592 19.05 3.16 58.80
C SER D 592 19.11 3.12 60.34
N ARG D 593 18.34 2.21 60.95
CA ARG D 593 18.43 2.01 62.39
C ARG D 593 18.98 0.68 62.91
N GLU D 594 19.91 0.81 63.87
CA GLU D 594 20.57 -0.32 64.56
C GLU D 594 19.94 -0.45 65.96
N ASN D 595 19.91 0.70 66.60
CA ASN D 595 19.38 0.92 67.94
C ASN D 595 18.03 0.29 68.23
C1 NAG E . 17.88 10.39 -13.13
C2 NAG E . 19.21 10.60 -12.42
C3 NAG E . 19.83 11.92 -12.71
C4 NAG E . 19.69 12.36 -14.15
C5 NAG E . 18.31 12.03 -14.71
C6 NAG E . 18.24 12.27 -16.21
C7 NAG E . 18.55 9.46 -10.52
C8 NAG E . 17.38 9.58 -9.62
N2 NAG E . 19.02 10.57 -11.02
O3 NAG E . 21.22 11.80 -12.48
O4 NAG E . 19.94 13.75 -14.18
O5 NAG E . 18.06 10.66 -14.48
O6 NAG E . 19.49 12.20 -16.84
O7 NAG E . 19.01 8.40 -10.78
C1 NAG E . 21.30 14.01 -14.57
C2 NAG E . 21.69 15.48 -14.61
C3 NAG E . 23.13 15.70 -15.08
C4 NAG E . 24.03 14.49 -15.14
C5 NAG E . 23.74 13.65 -13.93
C6 NAG E . 24.13 14.41 -12.68
C7 NAG E . 19.57 16.42 -15.06
C8 NAG E . 18.56 16.58 -16.14
N2 NAG E . 20.79 16.15 -15.47
O3 NAG E . 23.80 16.61 -14.22
O4 NAG E . 23.52 13.81 -16.25
O5 NAG E . 22.32 13.33 -13.82
O6 NAG E . 25.38 13.97 -12.16
O7 NAG E . 19.31 16.55 -13.90
C1 NAG F . -15.32 49.63 -10.65
C2 NAG F . -14.10 50.26 -9.93
C3 NAG F . -13.68 51.68 -10.40
C4 NAG F . -13.97 51.82 -11.87
C5 NAG F . -15.27 51.27 -12.33
C6 NAG F . -15.40 51.62 -13.81
C7 NAG F . -14.77 49.28 -7.88
C8 NAG F . -14.96 49.46 -6.43
N2 NAG F . -14.39 50.32 -8.53
O3 NAG F . -12.36 52.19 -10.03
O4 NAG F . -14.14 53.21 -12.02
O5 NAG F . -15.35 49.86 -12.03
O6 NAG F . -14.18 51.44 -14.52
O7 NAG F . -14.96 48.22 -8.39
C1 NAG F . -11.40 52.73 -11.02
C2 NAG F . -11.61 54.09 -11.72
C3 NAG F . -10.29 54.55 -12.32
C4 NAG F . -9.42 54.85 -11.13
C5 NAG F . -9.22 53.61 -10.24
C6 NAG F . -9.48 53.91 -8.77
C7 NAG F . -12.88 54.96 -13.62
C8 NAG F . -12.29 54.75 -14.97
N2 NAG F . -12.61 54.03 -12.73
O3 NAG F . -10.31 55.68 -13.18
O4 NAG F . -8.16 55.47 -11.43
O5 NAG F . -10.01 52.45 -10.66
O6 NAG F . -9.91 55.23 -8.50
O7 NAG F . -13.60 55.89 -13.34
C1 NAG G . -16.73 -0.03 17.36
C2 NAG G . -17.25 1.13 16.52
C3 NAG G . -16.88 2.46 17.15
C4 NAG G . -17.31 2.49 18.60
C5 NAG G . -16.72 1.29 19.34
C6 NAG G . -17.15 1.29 20.80
C7 NAG G . -17.28 0.26 14.26
C8 NAG G . -16.51 0.12 12.97
N2 NAG G . -16.72 1.05 15.17
O3 NAG G . -17.53 3.53 16.43
O4 NAG G . -16.85 3.70 19.22
O5 NAG G . -17.14 0.08 18.72
O6 NAG G . -16.46 0.25 21.50
O7 NAG G . -18.33 -0.32 14.44
C1 NAG G . -17.22 4.94 19.63
C2 NAG G . -16.51 5.76 20.69
C3 NAG G . -17.45 6.82 21.27
C4 NAG G . -18.13 7.60 20.15
C5 NAG G . -18.74 6.67 19.11
C6 NAG G . -19.36 7.44 17.96
C7 NAG G . -14.86 4.27 21.67
C8 NAG G . -14.32 3.74 22.96
N2 NAG G . -16.03 4.91 21.76
O3 NAG G . -16.70 7.73 22.09
O4 NAG G . -19.16 8.43 20.70
O5 NAG G . -17.73 5.80 18.61
O6 NAG G . -18.32 8.08 17.20
O7 NAG G . -14.27 4.16 20.60
C1 NAG H . 43.49 35.65 29.98
C2 NAG H . 42.58 36.80 29.61
C3 NAG H . 42.82 37.99 30.52
C4 NAG H . 42.75 37.58 31.97
C5 NAG H . 43.58 36.36 32.24
C6 NAG H . 43.27 35.92 33.65
C7 NAG H . 42.63 36.28 27.33
C8 NAG H . 43.62 36.25 26.23
N2 NAG H . 42.79 37.19 28.25
O3 NAG H . 41.77 38.92 30.30
O4 NAG H . 43.21 38.64 32.80
O5 NAG H . 43.19 35.33 31.32
O6 NAG H . 44.48 35.91 34.38
O7 NAG H . 41.74 35.49 27.38
C1 NAG H . 42.11 39.27 33.46
C2 NAG H . 42.60 40.52 34.13
C3 NAG H . 41.38 41.18 34.74
C4 NAG H . 40.48 41.59 33.64
C5 NAG H . 39.94 40.28 33.12
C6 NAG H . 38.80 40.50 32.15
C7 NAG H . 44.82 39.95 34.87
C8 NAG H . 45.42 38.85 35.67
N2 NAG H . 43.57 40.25 35.16
O3 NAG H . 41.71 42.35 35.46
O4 NAG H . 39.46 42.39 34.20
O5 NAG H . 41.08 39.63 32.55
O6 NAG H . 39.02 39.70 31.00
O7 NAG H . 45.42 40.55 34.01
C1 NAG I . 44.24 -16.94 -20.58
C2 NAG I . 45.76 -16.89 -20.79
C3 NAG I . 46.04 -17.12 -22.23
C4 NAG I . 45.68 -18.55 -22.47
C5 NAG I . 44.15 -18.57 -22.44
C6 NAG I . 43.59 -19.92 -22.86
C7 NAG I . 46.37 -15.32 -19.17
C8 NAG I . 46.55 -13.86 -18.95
N2 NAG I . 46.41 -15.68 -20.42
O3 NAG I . 47.41 -17.04 -22.42
O4 NAG I . 46.32 -18.91 -23.69
O5 NAG I . 43.70 -18.16 -21.12
O6 NAG I . 43.38 -19.91 -24.28
O7 NAG I . 46.19 -16.10 -18.25
C1 NAG J . 12.89 1.16 -41.56
C2 NAG J . 13.26 2.18 -40.50
C3 NAG J . 13.23 3.60 -41.07
C4 NAG J . 14.00 3.68 -42.38
C5 NAG J . 13.59 2.57 -43.33
C6 NAG J . 14.41 2.61 -44.61
C7 NAG J . 12.70 1.41 -38.27
C8 NAG J . 11.71 1.48 -37.15
N2 NAG J . 12.36 2.07 -39.38
O3 NAG J . 13.80 4.50 -40.11
O4 NAG J . 13.76 4.95 -42.99
O5 NAG J . 13.76 1.31 -42.69
O6 NAG J . 15.77 2.95 -44.29
O7 NAG J . 13.74 0.79 -38.18
CA CA K . 16.44 -20.00 -28.92
N NO3 L . 14.89 -32.16 -15.10
O1 NO3 L . 15.55 -31.93 -16.05
O2 NO3 L . 14.94 -31.16 -14.19
O3 NO3 L . 14.13 -33.35 -14.99
N NO3 M . 38.04 -4.61 -12.45
O1 NO3 M . 38.96 -5.31 -13.23
O2 NO3 M . 38.24 -4.51 -11.07
O3 NO3 M . 37.06 -4.11 -12.96
N NO3 N . 31.58 -24.48 -33.72
O1 NO3 N . 32.56 -23.88 -34.10
O2 NO3 N . 30.46 -23.77 -33.27
O3 NO3 N . 31.56 -25.88 -33.72
C7 3CJ O . 13.86 -17.44 -14.51
C6 3CJ O . 13.88 -16.25 -15.47
C5 3CJ O . 15.21 -16.06 -16.17
C2 3CJ O . 15.95 -14.74 -16.19
C3 3CJ O . 15.38 -13.49 -16.01
N1 3CJ O . 17.28 -14.80 -16.44
C1 3CJ O . 18.05 -13.69 -16.48
S1 3CJ O . 19.73 -13.85 -16.81
N2 3CJ O . 17.53 -12.46 -16.33
C4 3CJ O . 16.19 -12.35 -16.08
O1 3CJ O . 15.66 -11.12 -15.91
CHA HEM P . 17.73 -16.30 -13.97
CHB HEM P . 19.36 -11.99 -12.98
CHC HEM P . 23.56 -13.12 -15.05
CHD HEM P . 21.79 -17.35 -16.17
C1A HEM P . 17.83 -15.07 -13.48
C2A HEM P . 16.76 -14.40 -12.81
C3A HEM P . 17.23 -13.16 -12.54
C4A HEM P . 18.55 -13.09 -13.05
CMA HEM P . 16.45 -12.09 -11.80
CAA HEM P . 15.38 -14.91 -12.46
CBA HEM P . 15.41 -16.14 -11.55
CGA HEM P . 14.03 -16.55 -11.05
O1A HEM P . 13.18 -15.67 -10.87
O2A HEM P . 13.69 -17.75 -10.79
C1B HEM P . 20.65 -11.90 -13.47
C2B HEM P . 21.45 -10.72 -13.39
C3B HEM P . 22.64 -11.03 -14.00
C4B HEM P . 22.52 -12.45 -14.41
CMB HEM P . 21.02 -9.39 -12.79
CAB HEM P . 23.88 -10.29 -14.19
CBB HEM P . 24.14 -9.13 -13.63
C1C HEM P . 23.47 -14.41 -15.55
C2C HEM P . 24.47 -15.13 -16.25
C3C HEM P . 23.92 -16.37 -16.57
C4C HEM P . 22.63 -16.35 -16.04
CMC HEM P . 25.84 -14.63 -16.60
CAC HEM P . 24.48 -17.53 -17.26
CBC HEM P . 25.78 -17.60 -17.57
C1D HEM P . 20.54 -17.34 -15.66
C2D HEM P . 19.70 -18.49 -15.96
C3D HEM P . 18.56 -18.21 -15.31
C4D HEM P . 18.73 -16.88 -14.69
CMD HEM P . 20.12 -19.70 -16.78
CAD HEM P . 17.30 -19.03 -15.31
CBD HEM P . 16.73 -18.74 -16.71
CGD HEM P . 15.37 -19.33 -16.96
O1D HEM P . 14.29 -18.72 -16.84
O2D HEM P . 15.35 -20.51 -17.34
NA HEM P . 18.90 -14.27 -13.61
NB HEM P . 21.33 -12.88 -14.03
NC HEM P . 22.36 -15.17 -15.42
ND HEM P . 19.95 -16.42 -14.90
FE HEM P . 20.62 -14.75 -14.43
C1 NAG Q . -19.29 40.01 -39.04
C2 NAG Q . -19.25 40.92 -37.85
C3 NAG Q . -19.26 42.35 -38.34
C4 NAG Q . -18.09 42.59 -39.25
C5 NAG Q . -18.23 41.66 -40.39
C6 NAG Q . -17.02 41.81 -41.24
C7 NAG Q . -20.20 40.56 -35.71
C8 NAG Q . -21.40 40.80 -34.87
N2 NAG Q . -20.37 40.62 -37.02
O3 NAG Q . -19.10 43.28 -37.28
O4 NAG Q . -18.13 43.91 -39.78
O5 NAG Q . -18.19 40.37 -39.85
O6 NAG Q . -17.10 40.68 -42.08
O7 NAG Q . -19.15 40.32 -35.22
CA CA R . -16.94 19.24 -25.46
N NO3 S . -20.21 7.12 -10.98
O1 NO3 S . -19.98 8.30 -10.80
O2 NO3 S . -20.94 6.39 -10.03
O3 NO3 S . -19.74 6.47 -12.13
N NO3 T . 4.80 33.88 -8.60
O1 NO3 T . 4.43 34.63 -7.47
O2 NO3 T . 5.96 34.22 -9.32
O3 NO3 T . 4.11 32.95 -8.96
N NO3 U . -1.47 14.00 -28.69
O1 NO3 U . -0.30 14.19 -28.50
O2 NO3 U . -2.30 15.09 -28.83
O3 NO3 U . -2.00 12.70 -28.79
CHA HEM V . -16.82 23.02 -10.86
CHB HEM V . -15.14 27.35 -9.75
CHC HEM V . -10.86 26.01 -11.49
CHD HEM V . -12.53 21.71 -12.56
C1A HEM V . -16.73 24.30 -10.38
C2A HEM V . -17.77 25.07 -9.81
C3A HEM V . -17.27 26.27 -9.51
C4A HEM V . -15.93 26.26 -9.89
CMA HEM V . -18.03 27.44 -8.86
CAA HEM V . -19.19 24.74 -9.51
CBA HEM V . -19.32 23.42 -8.75
CGA HEM V . -20.76 23.15 -8.37
O1A HEM V . -21.67 24.02 -8.59
O2A HEM V . -21.04 22.04 -7.83
C1B HEM V . -13.83 27.37 -10.16
C2B HEM V . -13.02 28.55 -10.07
C3B HEM V . -11.80 28.19 -10.57
C4B HEM V . -11.92 26.75 -10.95
CMB HEM V . -13.48 29.91 -9.55
CAB HEM V . -10.57 28.97 -10.72
CBB HEM V . -10.43 30.22 -10.27
C1C HEM V . -10.91 24.70 -11.94
C2C HEM V . -9.89 23.97 -12.57
C3C HEM V . -10.40 22.70 -12.87
C4C HEM V . -11.69 22.71 -12.39
CMC HEM V . -8.50 24.51 -12.85
CAC HEM V . -9.80 21.52 -13.53
CBC HEM V . -8.54 21.45 -13.96
C1D HEM V . -13.85 21.81 -12.22
C2D HEM V . -14.71 20.68 -12.54
C3D HEM V . -15.89 21.01 -12.06
C4D HEM V . -15.76 22.36 -11.47
CMD HEM V . -14.29 19.43 -13.27
CAD HEM V . -17.12 20.16 -12.19
CBD HEM V . -17.54 20.32 -13.68
CGD HEM V . -18.96 19.89 -13.91
O1D HEM V . -19.86 20.69 -13.76
O2D HEM V . -19.27 18.74 -14.35
NA HEM V . -15.62 25.03 -10.41
NB HEM V . -13.14 26.34 -10.63
NC HEM V . -11.99 23.91 -11.85
ND HEM V . -14.49 22.76 -11.54
FE HEM V . -13.82 24.43 -11.06
C7 3CJ W . -20.94 21.83 -11.57
C6 3CJ W . -20.51 23.04 -12.34
C5 3CJ W . -19.08 23.12 -12.89
C2 3CJ W . -18.44 24.50 -12.96
C3 3CJ W . -19.19 25.68 -12.96
N1 3CJ W . -17.07 24.66 -13.01
C1 3CJ W . -16.43 25.86 -13.09
S1 3CJ W . -14.70 25.95 -13.23
N2 3CJ W . -17.16 26.99 -13.13
C4 3CJ W . -18.53 26.91 -13.05
O1 3CJ W . -19.27 28.06 -13.06
C1 NAG X . -53.07 -9.17 9.10
C2 NAG X . -54.52 -9.62 9.16
C3 NAG X . -54.84 -10.23 10.52
C4 NAG X . -53.81 -11.28 10.90
C5 NAG X . -52.39 -10.73 10.74
C6 NAG X . -51.36 -11.80 11.05
C7 NAG X . -55.64 -8.05 7.67
C8 NAG X . -56.80 -8.68 6.97
N2 NAG X . -55.39 -8.48 8.91
O3 NAG X . -56.14 -10.84 10.46
O4 NAG X . -54.01 -11.68 12.26
O5 NAG X . -52.22 -10.27 9.40
O6 NAG X . -51.01 -12.50 9.85
O7 NAG X . -54.95 -7.19 7.14
C1 NAG Y . -24.03 -20.04 38.56
C2 NAG Y . -23.58 -18.77 37.86
C3 NAG Y . -23.25 -17.66 38.86
C4 NAG Y . -24.38 -17.51 39.87
C5 NAG Y . -24.78 -18.86 40.47
C6 NAG Y . -25.96 -18.71 41.42
C7 NAG Y . -22.47 -18.96 35.70
C8 NAG Y . -21.22 -19.37 34.98
N2 NAG Y . -22.41 -19.04 37.03
O3 NAG Y . -23.05 -16.44 38.18
O4 NAG Y . -23.95 -16.65 40.93
O5 NAG Y . -25.14 -19.75 39.41
O6 NAG Y . -26.79 -19.87 41.34
O7 NAG Y . -23.46 -18.57 35.12
CA CA Z . -34.59 -28.90 16.96
N NO3 AA . -50.09 -26.21 18.67
O1 NO3 AA . -50.43 -27.13 17.94
O2 NO3 AA . -49.27 -26.45 19.77
O3 NO3 AA . -50.55 -24.91 18.41
N NO3 BA . -41.69 0.78 9.86
O1 NO3 BA . -42.43 0.82 11.05
O2 NO3 BA . -40.80 -0.28 9.60
O3 NO3 BA . -41.84 1.68 9.06
N NO3 CA . -35.06 -33.76 -0.59
O1 NO3 CA . -33.88 -33.62 -0.86
O2 NO3 CA . -35.44 -34.09 0.71
O3 NO3 CA . -36.04 -33.57 -1.58
C7 3CJ DA . -26.72 -24.01 6.32
C6 3CJ DA . -26.91 -22.54 6.57
C5 3CJ DA . -27.05 -22.18 8.05
C2 3CJ DA . -27.71 -20.86 8.36
C3 3CJ DA . -26.93 -19.70 8.46
N1 3CJ DA . -29.04 -20.78 8.64
C1 3CJ DA . -29.61 -19.58 8.97
S1 3CJ DA . -31.29 -19.47 9.30
N2 3CJ DA . -28.87 -18.44 9.04
C4 3CJ DA . -27.54 -18.47 8.79
O1 3CJ DA . -26.80 -17.32 8.86
CHA HEM EA . -29.64 -20.23 5.70
CHB HEM EA . -28.47 -15.71 6.67
CHC HEM EA . -33.08 -14.86 7.96
CHD HEM EA . -34.12 -19.48 7.25
C1A HEM EA . -28.97 -19.05 5.82
C2A HEM EA . -27.58 -18.90 5.62
C3A HEM EA . -27.25 -17.64 5.90
C4A HEM EA . -28.44 -17.00 6.24
CMA HEM EA . -25.85 -17.10 5.79
CAA HEM EA . -26.58 -19.90 5.17
CBA HEM EA . -26.30 -19.72 3.70
CGA HEM EA . -25.75 -21.01 3.14
O1A HEM EA . -24.51 -21.14 3.07
O2A HEM EA . -26.51 -21.93 2.76
C1B HEM EA . -29.64 -15.11 7.14
C2B HEM EA . -29.64 -13.77 7.57
C3B HEM EA . -30.94 -13.48 7.95
C4B HEM EA . -31.72 -14.72 7.71
CMB HEM EA . -28.39 -12.93 7.59
CAB HEM EA . -31.55 -12.24 8.47
CBB HEM EA . -30.84 -11.16 8.71
C1C HEM EA . -33.80 -16.06 7.87
C2C HEM EA . -35.18 -16.22 8.12
C3C HEM EA . -35.47 -17.58 7.95
C4C HEM EA . -34.25 -18.19 7.55
CMC HEM EA . -36.09 -15.10 8.54
CAC HEM EA . -36.73 -18.32 8.02
CBC HEM EA . -37.93 -17.78 8.16
C1D HEM EA . -32.94 -20.01 6.77
C2D HEM EA . -32.87 -21.45 6.51
C3D HEM EA . -31.62 -21.66 6.06
C4D HEM EA . -30.95 -20.36 6.08
CMD HEM EA . -33.97 -22.47 6.69
CAD HEM EA . -31.04 -23.02 5.71
CBD HEM EA . -30.39 -23.55 7.02
CGD HEM EA . -30.03 -25.03 7.11
O1D HEM EA . -28.83 -25.37 6.99
O2D HEM EA . -30.88 -25.93 7.39
NA HEM EA . -29.48 -17.86 6.23
NB HEM EA . -30.87 -15.60 7.20
NC HEM EA . -33.27 -17.27 7.51
ND HEM EA . -31.77 -19.39 6.49
FE HEM EA . -31.35 -17.56 6.78
C1 NAG FA . 5.97 25.90 26.72
C2 NAG FA . 4.49 26.00 26.45
C3 NAG FA . 3.66 25.38 27.57
C4 NAG FA . 4.18 24.05 28.05
C5 NAG FA . 5.70 23.89 27.91
C6 NAG FA . 6.11 22.44 27.88
C7 NAG FA . 3.78 27.69 24.99
C8 NAG FA . 4.25 29.04 24.63
N2 NAG FA . 4.11 27.36 26.19
O3 NAG FA . 2.35 25.11 27.09
O4 NAG FA . 3.74 23.87 29.40
O5 NAG FA . 6.22 24.52 26.73
O6 NAG FA . 6.83 22.22 29.07
O7 NAG FA . 3.17 26.95 24.24
C1 NAG GA . 38.97 15.14 51.09
C2 NAG GA . 39.48 16.44 50.50
C3 NAG GA . 40.13 17.31 51.57
C4 NAG GA . 39.24 17.44 52.79
C5 NAG GA . 38.74 16.06 53.25
C6 NAG GA . 37.78 16.20 54.42
C7 NAG GA . 40.05 16.16 48.16
C8 NAG GA . 41.16 16.21 47.15
N2 NAG GA . 40.42 16.17 49.44
O3 NAG GA . 40.39 18.62 51.04
O4 NAG GA . 39.96 18.06 53.85
O5 NAG GA . 38.08 15.42 52.16
O6 NAG GA . 36.87 17.28 54.19
O7 NAG GA . 38.88 16.10 47.83
CA CA HA . 26.53 5.92 31.41
N NO3 IA . 23.49 1.71 13.74
O1 NO3 IA . 24.07 2.74 13.48
O2 NO3 IA . 22.95 1.52 15.02
O3 NO3 IA . 23.37 0.71 12.77
N NO3 JA . 18.91 33.87 25.03
O1 NO3 JA . 17.64 33.37 24.71
O2 NO3 JA . 20.01 33.02 25.06
O3 NO3 JA . 19.05 35.06 25.27
N NO3 KA . 11.24 8.24 35.74
O1 NO3 KA . 11.18 7.39 34.86
O2 NO3 KA . 11.68 7.88 37.02
O3 NO3 KA . 10.84 9.56 35.49
C7 3CJ LA . 33.41 11.63 19.89
C6 3CJ LA . 32.55 12.84 20.23
C5 3CJ LA . 32.37 13.22 21.72
C2 3CJ LA . 32.14 14.68 22.14
C3 3CJ LA . 33.24 15.51 22.10
N1 3CJ LA . 30.93 15.20 22.63
C1 3CJ LA . 30.80 16.52 23.02
S1 3CJ LA . 29.31 17.28 23.61
N2 3CJ LA . 31.88 17.30 22.96
C4 3CJ LA . 33.09 16.84 22.52
O1 3CJ LA . 34.17 17.69 22.47
CHA HEM MA . 29.78 15.07 19.93
CHB HEM MA . 31.00 19.68 20.80
CHC HEM MA . 26.59 20.50 22.43
CHD HEM MA . 25.54 15.94 21.92
C1A HEM MA . 30.45 16.26 19.98
C2A HEM MA . 31.71 16.49 19.43
C3A HEM MA . 32.05 17.77 19.67
C4A HEM MA . 30.98 18.36 20.35
CMA HEM MA . 33.32 18.46 19.26
CAA HEM MA . 32.56 15.52 18.70
CBA HEM MA . 31.92 15.29 17.35
CGA HEM MA . 32.78 14.36 16.52
O1A HEM MA . 34.00 14.21 16.66
O2A HEM MA . 32.18 13.73 15.61
C1B HEM MA . 29.89 20.29 21.37
C2B HEM MA . 29.87 21.66 21.76
C3B HEM MA . 28.63 21.92 22.24
C4B HEM MA . 27.90 20.64 22.06
CMB HEM MA . 31.06 22.57 21.67
CAB HEM MA . 27.94 23.15 22.74
CBB HEM MA . 28.47 24.36 22.61
C1C HEM MA . 25.92 19.33 22.41
C2C HEM MA . 24.60 19.22 22.85
C3C HEM MA . 24.26 17.90 22.74
C4C HEM MA . 25.43 17.25 22.18
CMC HEM MA . 23.85 20.44 23.30
CAC HEM MA . 23.00 17.20 23.03
CBC HEM MA . 21.90 17.85 23.43
C1D HEM MA . 26.65 15.38 21.35
C2D HEM MA . 26.66 13.93 21.06
C3D HEM MA . 27.83 13.69 20.48
C4D HEM MA . 28.53 15.00 20.46
CMD HEM MA . 25.61 12.92 21.31
CAD HEM MA . 28.36 12.32 20.04
CBD HEM MA . 29.18 11.86 21.27
CGD HEM MA . 29.86 10.58 21.02
O1D HEM MA . 31.05 10.53 20.52
O2D HEM MA . 29.20 9.54 21.40
NA HEM MA . 29.99 17.42 20.51
NB HEM MA . 28.70 19.74 21.52
NC HEM MA . 26.39 18.15 22.00
ND HEM MA . 27.77 15.98 20.96
FE HEM MA . 28.21 17.77 21.19
#